data_2EOD
#
_entry.id   2EOD
#
loop_
_entity.id
_entity.type
_entity.pdbx_description
1 polymer 'TNF receptor-associated factor 4'
2 non-polymer 'ZINC ION'
#
_entity_poly.entity_id   1
_entity_poly.type   'polypeptide(L)'
_entity_poly.pdbx_seq_one_letter_code
;GSSGSSGKRTQPCTYCTKEFVFDTIQSHQYQCPRLPVACPNQCGVGTVAREDLPGHLKDSCNTALV
;
_entity_poly.pdbx_strand_id   A
#
loop_
_chem_comp.id
_chem_comp.type
_chem_comp.name
_chem_comp.formula
ZN non-polymer 'ZINC ION' 'Zn 2'
#
# COMPACT_ATOMS: atom_id res chain seq x y z
N GLY A 1 1.32 -12.14 25.56
CA GLY A 1 0.65 -13.41 25.35
C GLY A 1 1.05 -14.45 26.38
N SER A 2 0.55 -15.67 26.20
CA SER A 2 0.85 -16.76 27.12
C SER A 2 0.49 -16.38 28.55
N SER A 3 -0.71 -15.85 28.73
CA SER A 3 -1.18 -15.44 30.04
C SER A 3 -0.24 -14.41 30.66
N GLY A 4 0.16 -13.42 29.86
CA GLY A 4 1.06 -12.39 30.35
C GLY A 4 0.76 -11.03 29.74
N SER A 5 1.32 -9.98 30.33
CA SER A 5 1.11 -8.63 29.85
C SER A 5 2.39 -8.04 29.28
N SER A 6 2.60 -8.25 27.99
CA SER A 6 3.80 -7.74 27.31
C SER A 6 3.58 -6.31 26.82
N GLY A 7 2.58 -6.12 25.97
CA GLY A 7 2.29 -4.81 25.45
C GLY A 7 2.77 -4.64 24.02
N LYS A 8 1.86 -4.81 23.06
CA LYS A 8 2.20 -4.67 21.65
C LYS A 8 1.86 -3.27 21.14
N ARG A 9 2.89 -2.46 20.93
CA ARG A 9 2.69 -1.09 20.45
C ARG A 9 2.12 -1.09 19.03
N THR A 10 1.47 0.01 18.67
CA THR A 10 0.87 0.13 17.34
C THR A 10 1.55 1.23 16.53
N GLN A 11 1.72 0.98 15.23
CA GLN A 11 2.35 1.95 14.35
C GLN A 11 1.36 2.48 13.32
N PRO A 12 1.11 3.79 13.36
CA PRO A 12 0.18 4.45 12.44
C PRO A 12 0.72 4.51 11.01
N CYS A 13 0.18 3.65 10.15
CA CYS A 13 0.60 3.60 8.76
C CYS A 13 0.43 4.96 8.09
N THR A 14 1.44 5.37 7.33
CA THR A 14 1.41 6.65 6.63
C THR A 14 0.64 6.54 5.32
N TYR A 15 0.33 5.31 4.92
CA TYR A 15 -0.40 5.07 3.69
C TYR A 15 -1.90 5.07 3.93
N CYS A 16 -2.38 4.04 4.63
CA CYS A 16 -3.80 3.91 4.94
C CYS A 16 -4.18 4.80 6.11
N THR A 17 -3.22 5.58 6.60
CA THR A 17 -3.45 6.47 7.72
C THR A 17 -4.27 5.78 8.81
N LYS A 18 -4.01 4.50 9.01
CA LYS A 18 -4.71 3.73 10.02
C LYS A 18 -3.75 3.19 11.08
N GLU A 19 -4.28 2.82 12.23
CA GLU A 19 -3.47 2.31 13.33
C GLU A 19 -3.39 0.78 13.26
N PHE A 20 -2.18 0.25 13.35
CA PHE A 20 -1.96 -1.19 13.31
C PHE A 20 -0.94 -1.63 14.34
N VAL A 21 -0.81 -2.93 14.53
CA VAL A 21 0.14 -3.49 15.49
C VAL A 21 1.55 -3.53 14.91
N PHE A 22 2.51 -2.97 15.64
CA PHE A 22 3.90 -2.94 15.19
C PHE A 22 4.33 -4.31 14.68
N ASP A 23 3.70 -5.35 15.20
CA ASP A 23 4.01 -6.72 14.79
C ASP A 23 3.47 -7.01 13.40
N THR A 24 2.32 -6.43 13.09
CA THR A 24 1.69 -6.63 11.78
C THR A 24 2.21 -5.62 10.77
N ILE A 25 2.18 -4.34 11.14
CA ILE A 25 2.64 -3.28 10.25
C ILE A 25 3.80 -3.75 9.39
N GLN A 26 4.73 -4.48 10.00
CA GLN A 26 5.88 -5.00 9.29
C GLN A 26 5.47 -5.70 8.00
N SER A 27 4.50 -6.59 8.10
CA SER A 27 4.01 -7.33 6.94
C SER A 27 2.92 -6.54 6.22
N HIS A 28 1.99 -5.99 6.99
CA HIS A 28 0.90 -5.21 6.41
C HIS A 28 1.42 -4.24 5.36
N GLN A 29 2.49 -3.52 5.69
CA GLN A 29 3.08 -2.56 4.77
C GLN A 29 2.97 -3.04 3.32
N TYR A 30 3.05 -4.37 3.14
CA TYR A 30 2.96 -4.95 1.82
C TYR A 30 1.51 -5.03 1.35
N GLN A 31 0.65 -5.51 2.22
CA GLN A 31 -0.78 -5.64 1.90
C GLN A 31 -1.39 -4.27 1.62
N CYS A 32 -1.09 -3.30 2.49
CA CYS A 32 -1.62 -1.96 2.34
C CYS A 32 -1.74 -1.57 0.88
N PRO A 33 -2.96 -1.26 0.44
CA PRO A 33 -3.24 -0.86 -0.94
C PRO A 33 -2.65 0.50 -1.29
N ARG A 34 -2.95 1.49 -0.44
CA ARG A 34 -2.45 2.85 -0.66
C ARG A 34 -0.99 2.84 -1.08
N LEU A 35 -0.20 1.97 -0.45
CA LEU A 35 1.22 1.85 -0.75
C LEU A 35 1.47 1.97 -2.25
N PRO A 36 2.37 2.88 -2.64
CA PRO A 36 2.72 3.10 -4.05
C PRO A 36 3.49 1.94 -4.65
N VAL A 37 3.20 1.62 -5.91
CA VAL A 37 3.88 0.53 -6.59
C VAL A 37 4.23 0.92 -8.02
N ALA A 38 5.43 0.54 -8.46
CA ALA A 38 5.89 0.84 -9.81
C ALA A 38 5.14 0.01 -10.85
N CYS A 39 4.79 0.65 -11.95
CA CYS A 39 4.06 -0.02 -13.02
C CYS A 39 4.94 -1.08 -13.69
N PRO A 40 4.36 -2.26 -13.92
CA PRO A 40 5.06 -3.39 -14.56
C PRO A 40 5.36 -3.12 -16.03
N ASN A 41 4.61 -2.20 -16.63
CA ASN A 41 4.80 -1.87 -18.03
C ASN A 41 5.78 -0.71 -18.19
N GLN A 42 6.29 -0.21 -17.06
CA GLN A 42 7.25 0.89 -17.08
C GLN A 42 6.85 1.93 -18.12
N CYS A 43 5.61 2.38 -18.06
CA CYS A 43 5.11 3.38 -19.01
C CYS A 43 5.78 4.73 -18.76
N GLY A 44 5.75 5.18 -17.52
CA GLY A 44 6.35 6.46 -17.18
C GLY A 44 5.81 7.04 -15.90
N VAL A 45 4.51 6.86 -15.67
CA VAL A 45 3.86 7.37 -14.47
C VAL A 45 4.77 7.25 -13.26
N GLY A 46 5.59 6.20 -13.24
CA GLY A 46 6.51 5.99 -12.14
C GLY A 46 5.91 5.12 -11.05
N THR A 47 5.33 5.77 -10.04
CA THR A 47 4.72 5.06 -8.92
C THR A 47 3.22 5.35 -8.84
N VAL A 48 2.47 4.35 -8.39
CA VAL A 48 1.02 4.51 -8.26
C VAL A 48 0.45 3.52 -7.25
N ALA A 49 -0.38 4.01 -6.34
CA ALA A 49 -0.99 3.18 -5.32
C ALA A 49 -1.33 1.80 -5.87
N ARG A 50 -1.23 0.78 -5.02
CA ARG A 50 -1.52 -0.59 -5.44
C ARG A 50 -2.96 -0.71 -5.93
N GLU A 51 -3.86 0.01 -5.27
CA GLU A 51 -5.27 -0.02 -5.63
C GLU A 51 -5.55 0.93 -6.81
N ASP A 52 -4.49 1.56 -7.32
CA ASP A 52 -4.62 2.48 -8.43
C ASP A 52 -4.03 1.89 -9.70
N LEU A 53 -3.24 0.83 -9.55
CA LEU A 53 -2.60 0.17 -10.68
C LEU A 53 -3.65 -0.46 -11.60
N PRO A 54 -4.63 -1.14 -10.99
CA PRO A 54 -5.72 -1.80 -11.73
C PRO A 54 -6.34 -0.89 -12.78
N GLY A 55 -6.94 0.21 -12.33
CA GLY A 55 -7.56 1.14 -13.24
C GLY A 55 -6.57 1.74 -14.22
N HIS A 56 -5.42 2.16 -13.72
CA HIS A 56 -4.39 2.75 -14.57
C HIS A 56 -4.04 1.83 -15.73
N LEU A 57 -3.82 0.56 -15.42
CA LEU A 57 -3.47 -0.42 -16.45
C LEU A 57 -4.58 -0.52 -17.50
N LYS A 58 -5.76 -0.03 -17.15
CA LYS A 58 -6.90 -0.06 -18.06
C LYS A 58 -6.61 0.75 -19.32
N ASP A 59 -6.48 2.06 -19.15
CA ASP A 59 -6.20 2.95 -20.27
C ASP A 59 -4.99 3.83 -19.98
N SER A 60 -4.96 4.42 -18.79
CA SER A 60 -3.86 5.29 -18.38
C SER A 60 -2.54 4.80 -18.98
N CYS A 61 -2.10 3.62 -18.56
CA CYS A 61 -0.85 3.05 -19.05
C CYS A 61 -0.75 3.19 -20.57
N ASN A 62 0.47 3.19 -21.07
CA ASN A 62 0.71 3.31 -22.51
C ASN A 62 0.22 2.07 -23.25
N THR A 63 0.64 0.90 -22.78
CA THR A 63 0.25 -0.35 -23.40
C THR A 63 -1.25 -0.37 -23.71
N ALA A 64 -1.67 -1.36 -24.48
CA ALA A 64 -3.09 -1.49 -24.86
C ALA A 64 -3.71 -2.73 -24.23
N LEU A 65 -4.93 -2.58 -23.72
CA LEU A 65 -5.63 -3.69 -23.10
C LEU A 65 -7.14 -3.56 -23.28
N VAL A 66 -7.79 -4.65 -23.64
CA VAL A 66 -9.24 -4.66 -23.85
C VAL A 66 -9.92 -5.67 -22.94
ZN ZN B . -1.27 0.74 5.71
ZN ZN C . 1.61 1.93 -16.65
N GLY A 1 10.32 7.22 37.89
CA GLY A 1 10.64 5.82 38.13
C GLY A 1 9.41 4.96 38.21
N SER A 2 8.54 5.07 37.22
CA SER A 2 7.31 4.28 37.18
C SER A 2 7.06 3.73 35.78
N SER A 3 6.18 2.74 35.69
CA SER A 3 5.84 2.13 34.41
C SER A 3 5.55 3.19 33.36
N GLY A 4 6.18 3.06 32.19
CA GLY A 4 5.97 4.00 31.12
C GLY A 4 4.88 3.57 30.16
N SER A 5 5.26 3.25 28.92
CA SER A 5 4.31 2.83 27.91
C SER A 5 4.41 1.32 27.68
N SER A 6 3.61 0.56 28.41
CA SER A 6 3.61 -0.90 28.28
C SER A 6 2.38 -1.37 27.52
N GLY A 7 2.44 -2.60 27.02
CA GLY A 7 1.33 -3.16 26.28
C GLY A 7 1.56 -3.13 24.78
N LYS A 8 0.55 -3.53 24.02
CA LYS A 8 0.65 -3.56 22.56
C LYS A 8 0.07 -2.28 21.95
N ARG A 9 0.93 -1.28 21.77
CA ARG A 9 0.52 -0.01 21.19
C ARG A 9 0.05 -0.19 19.74
N THR A 10 -0.53 0.86 19.18
CA THR A 10 -1.01 0.83 17.80
C THR A 10 -0.30 1.86 16.94
N GLN A 11 0.14 1.43 15.75
CA GLN A 11 0.83 2.32 14.84
C GLN A 11 -0.04 2.66 13.64
N PRO A 12 -0.60 3.89 13.65
CA PRO A 12 -1.47 4.37 12.57
C PRO A 12 -0.71 4.61 11.27
N CYS A 13 -0.79 3.65 10.36
CA CYS A 13 -0.11 3.75 9.07
C CYS A 13 -0.42 5.09 8.40
N THR A 14 0.59 5.67 7.76
CA THR A 14 0.42 6.95 7.08
C THR A 14 -0.06 6.75 5.65
N TYR A 15 0.20 5.56 5.10
CA TYR A 15 -0.20 5.25 3.74
C TYR A 15 -1.70 5.02 3.65
N CYS A 16 -2.17 3.91 4.23
CA CYS A 16 -3.58 3.59 4.22
C CYS A 16 -4.34 4.41 5.25
N THR A 17 -3.61 5.20 6.03
CA THR A 17 -4.21 6.04 7.06
C THR A 17 -5.13 5.22 7.96
N LYS A 18 -4.71 4.01 8.27
CA LYS A 18 -5.50 3.13 9.13
C LYS A 18 -4.80 2.90 10.47
N GLU A 19 -5.42 2.12 11.34
CA GLU A 19 -4.86 1.82 12.65
C GLU A 19 -4.54 0.34 12.78
N PHE A 20 -3.27 0.04 13.05
CA PHE A 20 -2.83 -1.35 13.21
C PHE A 20 -1.89 -1.49 14.39
N VAL A 21 -1.49 -2.73 14.69
CA VAL A 21 -0.59 -3.00 15.80
C VAL A 21 0.85 -3.10 15.32
N PHE A 22 1.79 -2.82 16.22
CA PHE A 22 3.21 -2.88 15.89
C PHE A 22 3.62 -4.29 15.50
N ASP A 23 2.87 -5.27 15.99
CA ASP A 23 3.16 -6.67 15.69
C ASP A 23 2.89 -6.98 14.23
N THR A 24 2.12 -6.12 13.57
CA THR A 24 1.79 -6.30 12.17
C THR A 24 2.44 -5.24 11.30
N ILE A 25 2.41 -3.99 11.77
CA ILE A 25 3.01 -2.88 11.04
C ILE A 25 4.24 -3.34 10.27
N GLN A 26 4.98 -4.29 10.85
CA GLN A 26 6.18 -4.81 10.21
C GLN A 26 5.85 -5.47 8.88
N SER A 27 4.87 -6.35 8.89
CA SER A 27 4.46 -7.06 7.68
C SER A 27 3.48 -6.21 6.86
N HIS A 28 2.51 -5.63 7.55
CA HIS A 28 1.50 -4.79 6.89
C HIS A 28 2.15 -3.84 5.89
N GLN A 29 3.17 -3.12 6.34
CA GLN A 29 3.88 -2.18 5.48
C GLN A 29 3.91 -2.67 4.04
N TYR A 30 4.05 -3.99 3.87
CA TYR A 30 4.10 -4.59 2.54
C TYR A 30 2.70 -4.74 1.97
N GLN A 31 1.79 -5.29 2.76
CA GLN A 31 0.41 -5.49 2.33
C GLN A 31 -0.22 -4.17 1.90
N CYS A 32 0.00 -3.12 2.70
CA CYS A 32 -0.55 -1.81 2.40
C CYS A 32 -0.61 -1.58 0.89
N PRO A 33 -1.84 -1.42 0.36
CA PRO A 33 -2.06 -1.19 -1.07
C PRO A 33 -1.60 0.19 -1.51
N ARG A 34 -1.98 1.21 -0.74
CA ARG A 34 -1.59 2.58 -1.05
C ARG A 34 -0.13 2.66 -1.49
N LEU A 35 0.66 1.69 -1.04
CA LEU A 35 2.08 1.65 -1.39
C LEU A 35 2.28 1.77 -2.90
N PRO A 36 3.21 2.66 -3.30
CA PRO A 36 3.51 2.88 -4.71
C PRO A 36 4.23 1.70 -5.35
N VAL A 37 3.82 1.35 -6.56
CA VAL A 37 4.42 0.24 -7.29
C VAL A 37 4.69 0.60 -8.74
N ALA A 38 5.82 0.15 -9.27
CA ALA A 38 6.18 0.42 -10.65
C ALA A 38 5.22 -0.25 -11.62
N CYS A 39 4.76 0.51 -12.61
CA CYS A 39 3.82 0.00 -13.60
C CYS A 39 4.45 -1.13 -14.40
N PRO A 40 3.67 -2.20 -14.63
CA PRO A 40 4.14 -3.36 -15.39
C PRO A 40 4.32 -3.06 -16.87
N ASN A 41 3.49 -2.17 -17.39
CA ASN A 41 3.56 -1.79 -18.80
C ASN A 41 4.66 -0.76 -19.03
N GLN A 42 5.30 -0.33 -17.95
CA GLN A 42 6.38 0.65 -18.03
C GLN A 42 6.00 1.79 -18.97
N CYS A 43 4.80 2.33 -18.78
CA CYS A 43 4.31 3.43 -19.60
C CYS A 43 5.16 4.68 -19.39
N GLY A 44 5.36 5.04 -18.13
CA GLY A 44 6.16 6.22 -17.81
C GLY A 44 5.82 6.79 -16.45
N VAL A 45 4.54 6.76 -16.09
CA VAL A 45 4.09 7.28 -14.81
C VAL A 45 5.14 7.05 -13.72
N GLY A 46 5.80 5.90 -13.79
CA GLY A 46 6.83 5.58 -12.81
C GLY A 46 6.29 4.70 -11.70
N THR A 47 5.54 5.28 -10.79
CA THR A 47 4.97 4.55 -9.66
C THR A 47 3.51 4.94 -9.43
N VAL A 48 2.73 3.99 -8.91
CA VAL A 48 1.31 4.23 -8.64
C VAL A 48 0.78 3.26 -7.59
N ALA A 49 0.05 3.80 -6.62
CA ALA A 49 -0.52 2.97 -5.56
C ALA A 49 -1.02 1.64 -6.10
N ARG A 50 -0.83 0.58 -5.33
CA ARG A 50 -1.27 -0.75 -5.73
C ARG A 50 -2.75 -0.75 -6.08
N GLU A 51 -3.56 -0.09 -5.25
CA GLU A 51 -5.00 -0.02 -5.47
C GLU A 51 -5.32 0.98 -6.57
N ASP A 52 -4.28 1.52 -7.21
CA ASP A 52 -4.46 2.49 -8.28
C ASP A 52 -4.01 1.92 -9.62
N LEU A 53 -3.34 0.78 -9.58
CA LEU A 53 -2.84 0.12 -10.79
C LEU A 53 -4.00 -0.36 -11.65
N PRO A 54 -5.01 -0.98 -11.01
CA PRO A 54 -6.19 -1.50 -11.71
C PRO A 54 -6.79 -0.48 -12.67
N GLY A 55 -7.29 0.62 -12.11
CA GLY A 55 -7.89 1.65 -12.93
C GLY A 55 -6.92 2.24 -13.95
N HIS A 56 -5.72 2.58 -13.47
CA HIS A 56 -4.69 3.14 -14.34
C HIS A 56 -4.49 2.28 -15.58
N LEU A 57 -4.30 0.98 -15.36
CA LEU A 57 -4.09 0.05 -16.47
C LEU A 57 -5.29 0.05 -17.41
N LYS A 58 -6.40 0.61 -16.95
CA LYS A 58 -7.61 0.68 -17.75
C LYS A 58 -7.44 1.66 -18.92
N ASP A 59 -7.28 2.94 -18.59
CA ASP A 59 -7.11 3.96 -19.60
C ASP A 59 -5.80 4.73 -19.37
N SER A 60 -5.59 5.17 -18.14
CA SER A 60 -4.39 5.93 -17.80
C SER A 60 -3.18 5.41 -18.59
N CYS A 61 -2.74 4.21 -18.27
CA CYS A 61 -1.60 3.61 -18.94
C CYS A 61 -1.75 3.71 -20.46
N ASN A 62 -0.63 3.88 -21.15
CA ASN A 62 -0.64 3.99 -22.60
C ASN A 62 -1.06 2.67 -23.25
N THR A 63 -2.26 2.66 -23.83
CA THR A 63 -2.78 1.46 -24.48
C THR A 63 -1.67 0.73 -25.24
N ALA A 64 -1.22 -0.39 -24.68
CA ALA A 64 -0.17 -1.18 -25.31
C ALA A 64 -0.30 -1.15 -26.84
N LEU A 65 0.82 -0.91 -27.51
CA LEU A 65 0.84 -0.85 -28.97
C LEU A 65 1.68 -1.98 -29.55
N VAL A 66 1.02 -3.00 -30.08
CA VAL A 66 1.71 -4.13 -30.67
C VAL A 66 0.78 -4.93 -31.58
ZN ZN B . -0.98 0.89 5.61
ZN ZN C . 1.13 2.27 -16.80
N GLY A 1 6.59 0.25 33.44
CA GLY A 1 6.90 0.42 32.04
C GLY A 1 6.00 1.43 31.36
N SER A 2 5.70 1.19 30.09
CA SER A 2 4.84 2.10 29.33
C SER A 2 3.67 1.35 28.72
N SER A 3 2.51 2.00 28.66
CA SER A 3 1.31 1.39 28.12
C SER A 3 0.40 2.44 27.48
N GLY A 4 -0.63 1.99 26.78
CA GLY A 4 -1.56 2.91 26.14
C GLY A 4 -2.85 2.23 25.73
N SER A 5 -2.95 1.88 24.45
CA SER A 5 -4.14 1.23 23.93
C SER A 5 -4.10 -0.27 24.19
N SER A 6 -4.88 -0.72 25.18
CA SER A 6 -4.93 -2.13 25.53
C SER A 6 -3.52 -2.73 25.60
N GLY A 7 -2.58 -1.95 26.13
CA GLY A 7 -1.21 -2.41 26.24
C GLY A 7 -0.51 -2.48 24.90
N LYS A 8 -0.75 -3.55 24.16
CA LYS A 8 -0.14 -3.73 22.85
C LYS A 8 -0.04 -2.40 22.10
N ARG A 9 1.18 -2.03 21.73
CA ARG A 9 1.41 -0.77 21.02
C ARG A 9 0.69 -0.79 19.67
N THR A 10 0.42 0.40 19.13
CA THR A 10 -0.26 0.53 17.85
C THR A 10 0.32 1.68 17.03
N GLN A 11 0.77 1.37 15.82
CA GLN A 11 1.34 2.38 14.94
C GLN A 11 0.40 2.71 13.79
N PRO A 12 -0.25 3.88 13.87
CA PRO A 12 -1.19 4.33 12.84
C PRO A 12 -0.50 4.69 11.54
N CYS A 13 -0.59 3.80 10.55
CA CYS A 13 0.03 4.02 9.25
C CYS A 13 -0.39 5.37 8.68
N THR A 14 0.53 6.01 7.96
CA THR A 14 0.25 7.30 7.35
C THR A 14 -0.32 7.14 5.95
N TYR A 15 0.02 6.04 5.30
CA TYR A 15 -0.46 5.76 3.95
C TYR A 15 -1.96 5.48 3.95
N CYS A 16 -2.33 4.30 4.44
CA CYS A 16 -3.74 3.91 4.50
C CYS A 16 -4.46 4.61 5.65
N THR A 17 -3.69 5.37 6.44
CA THR A 17 -4.26 6.09 7.57
C THR A 17 -5.03 5.16 8.50
N LYS A 18 -4.57 3.91 8.56
CA LYS A 18 -5.21 2.92 9.42
C LYS A 18 -4.43 2.72 10.71
N GLU A 19 -4.88 1.79 11.54
CA GLU A 19 -4.22 1.51 12.81
C GLU A 19 -3.84 0.04 12.91
N PHE A 20 -2.54 -0.23 13.10
CA PHE A 20 -2.04 -1.58 13.21
C PHE A 20 -1.04 -1.71 14.35
N VAL A 21 -0.95 -2.91 14.92
CA VAL A 21 -0.03 -3.15 16.02
C VAL A 21 1.41 -3.27 15.53
N PHE A 22 2.35 -2.69 16.27
CA PHE A 22 3.75 -2.73 15.90
C PHE A 22 4.15 -4.13 15.44
N ASP A 23 3.41 -5.13 15.88
CA ASP A 23 3.68 -6.52 15.51
C ASP A 23 3.30 -6.77 14.05
N THR A 24 2.14 -6.28 13.65
CA THR A 24 1.65 -6.45 12.29
C THR A 24 2.23 -5.39 11.36
N ILE A 25 2.21 -4.14 11.81
CA ILE A 25 2.72 -3.03 11.02
C ILE A 25 3.93 -3.47 10.18
N GLN A 26 4.71 -4.39 10.74
CA GLN A 26 5.89 -4.89 10.04
C GLN A 26 5.52 -5.51 8.70
N SER A 27 4.62 -6.50 8.74
CA SER A 27 4.18 -7.17 7.53
C SER A 27 3.21 -6.30 6.74
N HIS A 28 2.36 -5.57 7.45
CA HIS A 28 1.39 -4.70 6.81
C HIS A 28 2.04 -3.88 5.70
N GLN A 29 3.18 -3.27 6.01
CA GLN A 29 3.90 -2.46 5.03
C GLN A 29 3.76 -3.04 3.63
N TYR A 30 3.69 -4.37 3.55
CA TYR A 30 3.55 -5.05 2.27
C TYR A 30 2.10 -5.01 1.78
N GLN A 31 1.18 -5.32 2.67
CA GLN A 31 -0.24 -5.32 2.33
C GLN A 31 -0.71 -3.92 1.94
N CYS A 32 -0.33 -2.93 2.75
CA CYS A 32 -0.70 -1.55 2.48
C CYS A 32 -0.75 -1.27 0.98
N PRO A 33 -1.97 -1.07 0.45
CA PRO A 33 -2.18 -0.80 -0.97
C PRO A 33 -1.68 0.58 -1.37
N ARG A 34 -2.09 1.60 -0.63
CA ARG A 34 -1.68 2.97 -0.90
C ARG A 34 -0.24 3.01 -1.39
N LEU A 35 0.57 2.08 -0.90
CA LEU A 35 1.98 2.02 -1.30
C LEU A 35 2.13 2.02 -2.81
N PRO A 36 3.09 2.81 -3.31
CA PRO A 36 3.35 2.92 -4.75
C PRO A 36 3.97 1.65 -5.32
N VAL A 37 3.51 1.24 -6.51
CA VAL A 37 4.03 0.05 -7.16
C VAL A 37 4.37 0.31 -8.61
N ALA A 38 5.59 -0.02 -9.01
CA ALA A 38 6.04 0.18 -10.38
C ALA A 38 5.12 -0.52 -11.37
N CYS A 39 4.68 0.21 -12.40
CA CYS A 39 3.80 -0.35 -13.41
C CYS A 39 4.47 -1.51 -14.13
N PRO A 40 3.70 -2.60 -14.35
CA PRO A 40 4.20 -3.80 -15.04
C PRO A 40 4.45 -3.55 -16.52
N ASN A 41 3.69 -2.64 -17.10
CA ASN A 41 3.82 -2.31 -18.52
C ASN A 41 4.94 -1.30 -18.74
N GLN A 42 5.48 -0.78 -17.63
CA GLN A 42 6.56 0.21 -17.70
C GLN A 42 6.23 1.30 -18.72
N CYS A 43 5.05 1.89 -18.58
CA CYS A 43 4.61 2.95 -19.49
C CYS A 43 5.45 4.21 -19.30
N GLY A 44 5.57 4.65 -18.04
CA GLY A 44 6.35 5.85 -17.75
C GLY A 44 5.99 6.45 -16.41
N VAL A 45 4.72 6.37 -16.04
CA VAL A 45 4.25 6.91 -14.77
C VAL A 45 5.25 6.64 -13.66
N GLY A 46 6.03 5.58 -13.81
CA GLY A 46 7.02 5.22 -12.81
C GLY A 46 6.45 4.39 -11.70
N THR A 47 5.60 5.01 -10.87
CA THR A 47 4.99 4.31 -9.75
C THR A 47 3.60 4.87 -9.46
N VAL A 48 2.70 4.00 -8.99
CA VAL A 48 1.34 4.40 -8.67
C VAL A 48 0.72 3.47 -7.63
N ALA A 49 -0.03 4.06 -6.71
CA ALA A 49 -0.68 3.30 -5.65
C ALA A 49 -1.15 1.94 -6.16
N ARG A 50 -1.06 0.93 -5.31
CA ARG A 50 -1.47 -0.42 -5.67
C ARG A 50 -2.97 -0.47 -5.96
N GLU A 51 -3.75 0.25 -5.16
CA GLU A 51 -5.19 0.29 -5.32
C GLU A 51 -5.59 1.28 -6.42
N ASP A 52 -4.59 1.87 -7.07
CA ASP A 52 -4.84 2.84 -8.13
C ASP A 52 -4.32 2.31 -9.47
N LEU A 53 -3.63 1.17 -9.42
CA LEU A 53 -3.08 0.57 -10.63
C LEU A 53 -4.20 0.16 -11.60
N PRO A 54 -5.25 -0.46 -11.05
CA PRO A 54 -6.40 -0.91 -11.85
C PRO A 54 -6.91 0.18 -12.80
N GLY A 55 -7.39 1.28 -12.22
CA GLY A 55 -7.90 2.37 -13.03
C GLY A 55 -6.86 2.92 -13.98
N HIS A 56 -5.59 2.81 -13.61
CA HIS A 56 -4.50 3.29 -14.45
C HIS A 56 -4.34 2.42 -15.69
N LEU A 57 -4.17 1.12 -15.48
CA LEU A 57 -4.01 0.18 -16.58
C LEU A 57 -5.18 0.27 -17.55
N LYS A 58 -6.24 0.93 -17.12
CA LYS A 58 -7.43 1.09 -17.96
C LYS A 58 -7.20 2.15 -19.03
N ASP A 59 -7.03 3.40 -18.60
CA ASP A 59 -6.81 4.50 -19.53
C ASP A 59 -5.35 4.96 -19.46
N SER A 60 -4.94 5.45 -18.31
CA SER A 60 -3.57 5.93 -18.11
C SER A 60 -2.59 5.10 -18.94
N CYS A 61 -2.45 3.83 -18.57
CA CYS A 61 -1.54 2.93 -19.27
C CYS A 61 -2.04 2.63 -20.68
N ASN A 62 -1.15 2.71 -21.65
CA ASN A 62 -1.50 2.45 -23.04
C ASN A 62 -0.94 1.10 -23.50
N THR A 63 -1.76 0.06 -23.40
CA THR A 63 -1.35 -1.28 -23.80
C THR A 63 -0.84 -1.28 -25.24
N ALA A 64 0.39 -1.77 -25.42
CA ALA A 64 0.99 -1.84 -26.75
C ALA A 64 1.36 -3.28 -27.11
N LEU A 65 0.50 -4.22 -26.72
CA LEU A 65 0.73 -5.62 -27.01
C LEU A 65 -0.58 -6.36 -27.27
N VAL A 66 -0.48 -7.59 -27.78
CA VAL A 66 -1.66 -8.38 -28.06
C VAL A 66 -2.47 -8.66 -26.80
ZN ZN B . -0.81 1.28 5.68
ZN ZN C . 1.26 1.81 -16.83
N GLY A 1 -8.57 -7.00 23.37
CA GLY A 1 -8.34 -5.73 24.05
C GLY A 1 -6.98 -5.65 24.69
N SER A 2 -6.74 -4.59 25.46
CA SER A 2 -5.46 -4.40 26.13
C SER A 2 -5.63 -3.53 27.37
N SER A 3 -4.60 -3.53 28.23
CA SER A 3 -4.63 -2.75 29.45
C SER A 3 -3.63 -1.61 29.40
N GLY A 4 -2.38 -1.94 29.07
CA GLY A 4 -1.34 -0.93 28.98
C GLY A 4 0.01 -1.45 29.43
N SER A 5 0.02 -2.18 30.55
CA SER A 5 1.25 -2.74 31.09
C SER A 5 1.75 -3.91 30.25
N SER A 6 2.93 -3.75 29.67
CA SER A 6 3.52 -4.79 28.82
C SER A 6 2.55 -5.19 27.71
N GLY A 7 1.89 -4.20 27.13
CA GLY A 7 0.95 -4.46 26.06
C GLY A 7 1.58 -4.32 24.68
N LYS A 8 0.90 -4.84 23.67
CA LYS A 8 1.40 -4.76 22.30
C LYS A 8 1.32 -3.34 21.77
N ARG A 9 2.39 -2.90 21.11
CA ARG A 9 2.43 -1.55 20.56
C ARG A 9 1.66 -1.47 19.24
N THR A 10 1.19 -0.27 18.91
CA THR A 10 0.44 -0.06 17.67
C THR A 10 1.00 1.12 16.88
N GLN A 11 1.24 0.89 15.60
CA GLN A 11 1.77 1.94 14.72
C GLN A 11 0.79 2.27 13.62
N PRO A 12 0.29 3.51 13.62
CA PRO A 12 -0.68 3.98 12.62
C PRO A 12 -0.04 4.15 11.25
N CYS A 13 -0.42 3.28 10.32
CA CYS A 13 0.12 3.32 8.96
C CYS A 13 -0.06 4.71 8.35
N THR A 14 1.04 5.32 7.92
CA THR A 14 1.00 6.64 7.34
C THR A 14 0.46 6.59 5.91
N TYR A 15 0.03 5.41 5.49
CA TYR A 15 -0.51 5.21 4.15
C TYR A 15 -2.03 5.10 4.19
N CYS A 16 -2.52 4.09 4.91
CA CYS A 16 -3.96 3.86 5.03
C CYS A 16 -4.51 4.53 6.29
N THR A 17 -3.67 5.32 6.95
CA THR A 17 -4.07 6.02 8.17
C THR A 17 -4.91 5.11 9.06
N LYS A 18 -4.45 3.88 9.26
CA LYS A 18 -5.16 2.92 10.09
C LYS A 18 -4.28 2.46 11.26
N GLU A 19 -4.92 2.03 12.33
CA GLU A 19 -4.20 1.55 13.51
C GLU A 19 -3.91 0.06 13.40
N PHE A 20 -2.62 -0.27 13.32
CA PHE A 20 -2.20 -1.67 13.22
C PHE A 20 -1.02 -1.95 14.15
N VAL A 21 -0.99 -3.16 14.70
CA VAL A 21 0.09 -3.56 15.60
C VAL A 21 1.45 -3.21 15.03
N PHE A 22 2.41 -2.92 15.91
CA PHE A 22 3.75 -2.57 15.48
C PHE A 22 4.47 -3.78 14.89
N ASP A 23 4.10 -4.96 15.35
CA ASP A 23 4.70 -6.19 14.86
C ASP A 23 4.19 -6.53 13.45
N THR A 24 2.92 -6.25 13.22
CA THR A 24 2.31 -6.53 11.92
C THR A 24 2.60 -5.42 10.93
N ILE A 25 2.45 -4.18 11.38
CA ILE A 25 2.71 -3.02 10.53
C ILE A 25 3.82 -3.30 9.53
N GLN A 26 4.80 -4.10 9.96
CA GLN A 26 5.92 -4.45 9.09
C GLN A 26 5.47 -5.29 7.91
N SER A 27 4.71 -6.34 8.20
CA SER A 27 4.21 -7.23 7.16
C SER A 27 3.07 -6.58 6.38
N HIS A 28 2.20 -5.87 7.09
CA HIS A 28 1.08 -5.18 6.46
C HIS A 28 1.56 -4.18 5.43
N GLN A 29 2.51 -3.34 5.81
CA GLN A 29 3.06 -2.33 4.91
C GLN A 29 3.10 -2.85 3.48
N TYR A 30 3.40 -4.14 3.33
CA TYR A 30 3.48 -4.75 2.01
C TYR A 30 2.10 -4.89 1.39
N GLN A 31 1.15 -5.43 2.16
CA GLN A 31 -0.21 -5.62 1.69
C GLN A 31 -0.88 -4.27 1.42
N CYS A 32 -0.68 -3.34 2.34
CA CYS A 32 -1.27 -2.01 2.21
C CYS A 32 -1.35 -1.59 0.74
N PRO A 33 -2.57 -1.25 0.30
CA PRO A 33 -2.81 -0.83 -1.09
C PRO A 33 -2.22 0.54 -1.38
N ARG A 34 -2.50 1.50 -0.52
CA ARG A 34 -2.00 2.87 -0.69
C ARG A 34 -0.54 2.85 -1.16
N LEU A 35 0.23 1.91 -0.62
CA LEU A 35 1.64 1.78 -0.97
C LEU A 35 1.84 1.87 -2.48
N PRO A 36 2.82 2.68 -2.90
CA PRO A 36 3.14 2.87 -4.32
C PRO A 36 3.74 1.61 -4.96
N VAL A 37 3.32 1.32 -6.19
CA VAL A 37 3.82 0.16 -6.91
C VAL A 37 4.17 0.50 -8.34
N ALA A 38 5.34 0.06 -8.79
CA ALA A 38 5.80 0.33 -10.15
C ALA A 38 4.98 -0.47 -11.16
N CYS A 39 4.73 0.14 -12.32
CA CYS A 39 3.96 -0.51 -13.37
C CYS A 39 4.75 -1.66 -13.98
N PRO A 40 4.08 -2.81 -14.17
CA PRO A 40 4.69 -4.00 -14.75
C PRO A 40 5.01 -3.83 -16.24
N ASN A 41 4.30 -2.91 -16.89
CA ASN A 41 4.50 -2.65 -18.31
C ASN A 41 5.57 -1.58 -18.51
N GLN A 42 6.16 -1.12 -17.41
CA GLN A 42 7.19 -0.10 -17.47
C GLN A 42 6.87 0.94 -18.55
N CYS A 43 5.66 1.46 -18.51
CA CYS A 43 5.23 2.47 -19.48
C CYS A 43 6.00 3.76 -19.30
N GLY A 44 6.07 4.24 -18.06
CA GLY A 44 6.78 5.47 -17.78
C GLY A 44 6.32 6.13 -16.49
N VAL A 45 5.02 6.13 -16.26
CA VAL A 45 4.45 6.72 -15.07
C VAL A 45 5.37 6.54 -13.87
N GLY A 46 6.01 5.38 -13.79
CA GLY A 46 6.93 5.10 -12.69
C GLY A 46 6.25 4.36 -11.55
N THR A 47 5.83 5.10 -10.53
CA THR A 47 5.17 4.51 -9.37
C THR A 47 3.71 4.92 -9.30
N VAL A 48 2.86 4.02 -8.81
CA VAL A 48 1.44 4.30 -8.69
C VAL A 48 0.79 3.40 -7.64
N ALA A 49 0.03 4.00 -6.74
CA ALA A 49 -0.65 3.25 -5.69
C ALA A 49 -1.12 1.89 -6.20
N ARG A 50 -1.07 0.89 -5.33
CA ARG A 50 -1.49 -0.47 -5.69
C ARG A 50 -2.96 -0.50 -6.09
N GLU A 51 -3.75 0.35 -5.45
CA GLU A 51 -5.19 0.42 -5.73
C GLU A 51 -5.46 1.35 -6.90
N ASP A 52 -4.41 2.00 -7.40
CA ASP A 52 -4.54 2.92 -8.53
C ASP A 52 -3.98 2.30 -9.80
N LEU A 53 -3.33 1.15 -9.66
CA LEU A 53 -2.75 0.46 -10.80
C LEU A 53 -3.83 -0.10 -11.72
N PRO A 54 -4.87 -0.68 -11.12
CA PRO A 54 -5.99 -1.26 -11.86
C PRO A 54 -6.54 -0.31 -12.92
N GLY A 55 -7.09 0.81 -12.48
CA GLY A 55 -7.63 1.79 -13.41
C GLY A 55 -6.60 2.28 -14.39
N HIS A 56 -5.36 2.39 -13.94
CA HIS A 56 -4.27 2.86 -14.79
C HIS A 56 -4.03 1.91 -15.95
N LEU A 57 -3.88 0.63 -15.64
CA LEU A 57 -3.64 -0.39 -16.66
C LEU A 57 -4.77 -0.40 -17.68
N LYS A 58 -5.91 0.17 -17.31
CA LYS A 58 -7.06 0.23 -18.18
C LYS A 58 -6.76 1.04 -19.43
N ASP A 59 -6.55 2.35 -19.25
CA ASP A 59 -6.24 3.25 -20.36
C ASP A 59 -4.96 4.02 -20.09
N SER A 60 -4.83 4.56 -18.88
CA SER A 60 -3.65 5.32 -18.50
C SER A 60 -2.39 4.74 -19.16
N CYS A 61 -2.05 3.52 -18.77
CA CYS A 61 -0.87 2.85 -19.30
C CYS A 61 -0.79 3.03 -20.81
N ASN A 62 0.23 3.76 -21.26
CA ASN A 62 0.42 4.01 -22.68
C ASN A 62 1.16 2.84 -23.34
N THR A 63 0.40 1.84 -23.78
CA THR A 63 0.98 0.67 -24.41
C THR A 63 1.78 1.05 -25.66
N ALA A 64 2.93 0.43 -25.84
CA ALA A 64 3.78 0.71 -26.99
C ALA A 64 3.25 0.03 -28.25
N LEU A 65 3.17 0.80 -29.33
CA LEU A 65 2.67 0.28 -30.60
C LEU A 65 3.46 -0.95 -31.03
N VAL A 66 4.79 -0.87 -30.89
CA VAL A 66 5.66 -1.98 -31.26
C VAL A 66 6.98 -1.91 -30.50
ZN ZN B . -1.40 0.60 5.59
ZN ZN C . 1.60 1.59 -16.98
N GLY A 1 -1.45 3.12 27.36
CA GLY A 1 -0.95 2.30 28.45
C GLY A 1 -2.01 1.99 29.47
N SER A 2 -2.06 2.80 30.53
CA SER A 2 -3.04 2.60 31.60
C SER A 2 -4.46 2.59 31.04
N SER A 3 -4.75 3.55 30.17
CA SER A 3 -6.07 3.66 29.56
C SER A 3 -6.14 2.86 28.26
N GLY A 4 -5.13 3.02 27.42
CA GLY A 4 -5.09 2.31 26.16
C GLY A 4 -4.77 0.83 26.33
N SER A 5 -3.49 0.52 26.43
CA SER A 5 -3.05 -0.86 26.59
C SER A 5 -1.63 -0.92 27.16
N SER A 6 -1.50 -1.51 28.35
CA SER A 6 -0.21 -1.63 29.00
C SER A 6 0.50 -2.90 28.56
N GLY A 7 1.33 -2.79 27.53
CA GLY A 7 2.06 -3.95 27.04
C GLY A 7 2.40 -3.83 25.56
N LYS A 8 1.40 -3.48 24.76
CA LYS A 8 1.59 -3.34 23.31
C LYS A 8 1.01 -2.01 22.82
N ARG A 9 1.74 -1.37 21.91
CA ARG A 9 1.29 -0.08 21.36
C ARG A 9 0.85 -0.26 19.91
N THR A 10 0.08 0.71 19.41
CA THR A 10 -0.41 0.68 18.05
C THR A 10 0.25 1.75 17.19
N GLN A 11 0.59 1.39 15.97
CA GLN A 11 1.24 2.32 15.04
C GLN A 11 0.32 2.66 13.87
N PRO A 12 -0.28 3.86 13.92
CA PRO A 12 -1.20 4.33 12.88
C PRO A 12 -0.48 4.64 11.58
N CYS A 13 -0.64 3.76 10.59
CA CYS A 13 0.00 3.93 9.29
C CYS A 13 -0.39 5.28 8.68
N THR A 14 0.61 5.96 8.11
CA THR A 14 0.38 7.26 7.49
C THR A 14 -0.12 7.11 6.06
N TYR A 15 0.08 5.92 5.50
CA TYR A 15 -0.34 5.65 4.13
C TYR A 15 -1.84 5.37 4.07
N CYS A 16 -2.24 4.23 4.62
CA CYS A 16 -3.66 3.84 4.62
C CYS A 16 -4.41 4.57 5.72
N THR A 17 -3.69 5.37 6.50
CA THR A 17 -4.29 6.13 7.59
C THR A 17 -5.15 5.24 8.48
N LYS A 18 -4.64 4.05 8.78
CA LYS A 18 -5.35 3.10 9.62
C LYS A 18 -4.59 2.83 10.90
N GLU A 19 -5.17 2.00 11.77
CA GLU A 19 -4.53 1.66 13.04
C GLU A 19 -4.11 0.19 13.05
N PHE A 20 -2.80 -0.04 13.12
CA PHE A 20 -2.27 -1.40 13.14
C PHE A 20 -1.13 -1.52 14.17
N VAL A 21 -1.06 -2.68 14.81
CA VAL A 21 -0.03 -2.92 15.82
C VAL A 21 1.35 -3.04 15.17
N PHE A 22 2.39 -2.77 15.95
CA PHE A 22 3.75 -2.84 15.45
C PHE A 22 4.11 -4.27 15.04
N ASP A 23 3.42 -5.24 15.62
CA ASP A 23 3.66 -6.65 15.32
C ASP A 23 3.25 -6.97 13.88
N THR A 24 2.29 -6.21 13.35
CA THR A 24 1.81 -6.41 11.99
C THR A 24 2.46 -5.41 11.03
N ILE A 25 2.64 -4.18 11.51
CA ILE A 25 3.25 -3.13 10.69
C ILE A 25 4.38 -3.69 9.83
N GLN A 26 5.01 -4.76 10.32
CA GLN A 26 6.10 -5.39 9.59
C GLN A 26 5.63 -5.95 8.25
N SER A 27 4.62 -6.82 8.31
CA SER A 27 4.07 -7.44 7.10
C SER A 27 3.11 -6.48 6.40
N HIS A 28 2.27 -5.81 7.18
CA HIS A 28 1.31 -4.87 6.63
C HIS A 28 1.93 -4.03 5.51
N GLN A 29 3.11 -3.48 5.79
CA GLN A 29 3.80 -2.66 4.80
C GLN A 29 3.57 -3.19 3.39
N TYR A 30 3.57 -4.51 3.25
CA TYR A 30 3.37 -5.14 1.96
C TYR A 30 1.91 -5.05 1.53
N GLN A 31 1.01 -5.32 2.46
CA GLN A 31 -0.42 -5.26 2.17
C GLN A 31 -0.86 -3.84 1.80
N CYS A 32 -0.43 -2.87 2.61
CA CYS A 32 -0.76 -1.47 2.36
C CYS A 32 -0.83 -1.19 0.87
N PRO A 33 -2.06 -1.00 0.35
CA PRO A 33 -2.29 -0.71 -1.06
C PRO A 33 -1.81 0.68 -1.46
N ARG A 34 -2.19 1.68 -0.67
CA ARG A 34 -1.81 3.05 -0.94
C ARG A 34 -0.34 3.13 -1.37
N LEU A 35 0.47 2.21 -0.86
CA LEU A 35 1.89 2.17 -1.19
C LEU A 35 2.10 2.17 -2.71
N PRO A 36 3.05 3.00 -3.17
CA PRO A 36 3.36 3.10 -4.60
C PRO A 36 4.04 1.85 -5.14
N VAL A 37 3.70 1.48 -6.36
CA VAL A 37 4.28 0.30 -7.00
C VAL A 37 4.61 0.57 -8.47
N ALA A 38 5.78 0.11 -8.89
CA ALA A 38 6.20 0.30 -10.28
C ALA A 38 5.32 -0.48 -11.24
N CYS A 39 4.93 0.16 -12.33
CA CYS A 39 4.08 -0.48 -13.33
C CYS A 39 4.82 -1.62 -14.03
N PRO A 40 4.15 -2.75 -14.20
CA PRO A 40 4.72 -3.93 -14.85
C PRO A 40 4.92 -3.72 -16.36
N ASN A 41 4.13 -2.82 -16.93
CA ASN A 41 4.23 -2.53 -18.36
C ASN A 41 5.30 -1.47 -18.63
N GLN A 42 5.91 -0.98 -17.56
CA GLN A 42 6.96 0.04 -17.68
C GLN A 42 6.58 1.08 -18.72
N CYS A 43 5.40 1.66 -18.56
CA CYS A 43 4.91 2.68 -19.49
C CYS A 43 5.69 3.98 -19.33
N GLY A 44 5.77 4.47 -18.10
CA GLY A 44 6.49 5.70 -17.82
C GLY A 44 5.98 6.41 -16.58
N VAL A 45 4.71 6.20 -16.27
CA VAL A 45 4.09 6.82 -15.10
C VAL A 45 5.01 6.73 -13.89
N GLY A 46 5.90 5.73 -13.89
CA GLY A 46 6.82 5.55 -12.79
C GLY A 46 6.20 4.77 -11.64
N THR A 47 5.70 5.49 -10.65
CA THR A 47 5.08 4.87 -9.49
C THR A 47 3.61 5.23 -9.39
N VAL A 48 2.80 4.28 -8.92
CA VAL A 48 1.37 4.49 -8.77
C VAL A 48 0.77 3.58 -7.71
N ALA A 49 0.04 4.17 -6.77
CA ALA A 49 -0.58 3.41 -5.70
C ALA A 49 -1.05 2.04 -6.19
N ARG A 50 -0.96 1.03 -5.32
CA ARG A 50 -1.37 -0.31 -5.68
C ARG A 50 -2.85 -0.35 -6.07
N GLU A 51 -3.66 0.40 -5.32
CA GLU A 51 -5.10 0.45 -5.59
C GLU A 51 -5.40 1.41 -6.73
N ASP A 52 -4.35 1.92 -7.37
CA ASP A 52 -4.51 2.85 -8.48
C ASP A 52 -3.98 2.24 -9.77
N LEU A 53 -3.33 1.09 -9.66
CA LEU A 53 -2.78 0.41 -10.82
C LEU A 53 -3.89 -0.15 -11.71
N PRO A 54 -4.91 -0.74 -11.07
CA PRO A 54 -6.06 -1.33 -11.78
C PRO A 54 -6.62 -0.38 -12.84
N GLY A 55 -7.15 0.75 -12.39
CA GLY A 55 -7.72 1.72 -13.30
C GLY A 55 -6.71 2.23 -14.31
N HIS A 56 -5.45 2.33 -13.90
CA HIS A 56 -4.39 2.80 -14.77
C HIS A 56 -4.18 1.83 -15.94
N LEU A 57 -4.08 0.55 -15.62
CA LEU A 57 -3.87 -0.47 -16.64
C LEU A 57 -5.01 -0.47 -17.65
N LYS A 58 -6.15 0.10 -17.25
CA LYS A 58 -7.32 0.17 -18.11
C LYS A 58 -7.02 0.98 -19.37
N ASP A 59 -6.78 2.27 -19.19
CA ASP A 59 -6.48 3.16 -20.31
C ASP A 59 -5.16 3.90 -20.08
N SER A 60 -4.99 4.42 -18.87
CA SER A 60 -3.78 5.16 -18.52
C SER A 60 -2.56 4.56 -19.21
N CYS A 61 -2.23 3.32 -18.83
CA CYS A 61 -1.09 2.62 -19.40
C CYS A 61 -1.18 2.59 -20.93
N ASN A 62 -0.40 3.44 -21.59
CA ASN A 62 -0.40 3.50 -23.05
C ASN A 62 0.75 2.69 -23.62
N THR A 63 0.90 1.46 -23.14
CA THR A 63 1.97 0.59 -23.60
C THR A 63 1.53 -0.22 -24.83
N ALA A 64 2.36 -0.21 -25.86
CA ALA A 64 2.06 -0.94 -27.09
C ALA A 64 2.57 -2.37 -27.03
N LEU A 65 3.79 -2.54 -26.54
CA LEU A 65 4.40 -3.85 -26.42
C LEU A 65 4.00 -4.74 -27.60
N VAL A 66 4.22 -4.25 -28.81
CA VAL A 66 3.88 -5.00 -30.02
C VAL A 66 5.03 -5.93 -30.43
ZN ZN B . -0.77 1.13 5.74
ZN ZN C . 1.53 1.46 -16.90
N GLY A 1 -12.40 -6.91 32.66
CA GLY A 1 -11.14 -6.73 31.96
C GLY A 1 -11.08 -7.49 30.65
N SER A 2 -10.99 -6.76 29.54
CA SER A 2 -10.95 -7.37 28.23
C SER A 2 -9.71 -6.91 27.45
N SER A 3 -8.84 -7.86 27.13
CA SER A 3 -7.61 -7.55 26.41
C SER A 3 -6.76 -6.55 27.17
N GLY A 4 -6.65 -6.75 28.48
CA GLY A 4 -5.85 -5.86 29.31
C GLY A 4 -4.41 -6.33 29.45
N SER A 5 -3.65 -6.22 28.37
CA SER A 5 -2.26 -6.64 28.38
C SER A 5 -1.33 -5.42 28.38
N SER A 6 -0.03 -5.67 28.48
CA SER A 6 0.96 -4.60 28.50
C SER A 6 1.84 -4.67 27.26
N GLY A 7 1.94 -3.54 26.56
CA GLY A 7 2.75 -3.48 25.35
C GLY A 7 1.93 -3.55 24.09
N LYS A 8 2.53 -4.07 23.02
CA LYS A 8 1.84 -4.20 21.74
C LYS A 8 1.38 -2.83 21.23
N ARG A 9 2.33 -1.90 21.14
CA ARG A 9 2.02 -0.56 20.66
C ARG A 9 1.53 -0.58 19.22
N THR A 10 1.02 0.54 18.75
CA THR A 10 0.50 0.65 17.39
C THR A 10 1.21 1.76 16.62
N GLN A 11 1.54 1.48 15.35
CA GLN A 11 2.22 2.45 14.51
C GLN A 11 1.29 2.99 13.43
N PRO A 12 0.99 4.29 13.48
CA PRO A 12 0.11 4.95 12.51
C PRO A 12 0.75 5.05 11.12
N CYS A 13 0.39 4.11 10.25
CA CYS A 13 0.92 4.09 8.89
C CYS A 13 0.77 5.45 8.23
N THR A 14 1.76 5.83 7.44
CA THR A 14 1.74 7.12 6.74
C THR A 14 1.05 6.99 5.38
N TYR A 15 0.89 5.76 4.92
CA TYR A 15 0.25 5.51 3.63
C TYR A 15 -1.28 5.49 3.79
N CYS A 16 -1.79 4.46 4.44
CA CYS A 16 -3.22 4.32 4.66
C CYS A 16 -3.68 5.23 5.78
N THR A 17 -2.75 5.93 6.41
CA THR A 17 -3.06 6.84 7.51
C THR A 17 -3.92 6.15 8.56
N LYS A 18 -3.73 4.83 8.71
CA LYS A 18 -4.49 4.05 9.68
C LYS A 18 -3.63 3.73 10.90
N GLU A 19 -4.18 2.93 11.81
CA GLU A 19 -3.47 2.55 13.02
C GLU A 19 -3.50 1.03 13.21
N PHE A 20 -2.32 0.42 13.26
CA PHE A 20 -2.20 -1.01 13.44
C PHE A 20 -1.17 -1.35 14.50
N VAL A 21 -1.02 -2.65 14.80
CA VAL A 21 -0.07 -3.10 15.79
C VAL A 21 1.36 -3.05 15.25
N PHE A 22 2.32 -2.94 16.16
CA PHE A 22 3.73 -2.88 15.77
C PHE A 22 4.21 -4.23 15.25
N ASP A 23 3.63 -5.30 15.78
CA ASP A 23 4.00 -6.66 15.37
C ASP A 23 3.42 -6.99 14.00
N THR A 24 2.31 -6.34 13.66
CA THR A 24 1.65 -6.57 12.38
C THR A 24 2.17 -5.59 11.32
N ILE A 25 2.31 -4.33 11.71
CA ILE A 25 2.79 -3.31 10.79
C ILE A 25 3.80 -3.89 9.80
N GLN A 26 4.65 -4.79 10.28
CA GLN A 26 5.65 -5.42 9.44
C GLN A 26 5.00 -6.11 8.24
N SER A 27 3.99 -6.92 8.51
CA SER A 27 3.28 -7.64 7.46
C SER A 27 2.33 -6.72 6.70
N HIS A 28 1.71 -5.80 7.43
CA HIS A 28 0.77 -4.85 6.83
C HIS A 28 1.41 -4.13 5.66
N GLN A 29 2.62 -3.62 5.87
CA GLN A 29 3.34 -2.91 4.82
C GLN A 29 3.04 -3.50 3.45
N TYR A 30 2.89 -4.82 3.40
CA TYR A 30 2.61 -5.51 2.15
C TYR A 30 1.15 -5.34 1.76
N GLN A 31 0.25 -5.54 2.71
CA GLN A 31 -1.18 -5.41 2.45
C GLN A 31 -1.52 -3.97 2.03
N CYS A 32 -1.01 -3.01 2.80
CA CYS A 32 -1.27 -1.60 2.51
C CYS A 32 -1.35 -1.36 1.01
N PRO A 33 -2.59 -1.22 0.49
CA PRO A 33 -2.82 -0.97 -0.93
C PRO A 33 -2.37 0.41 -1.37
N ARG A 34 -2.75 1.43 -0.59
CA ARG A 34 -2.38 2.80 -0.90
C ARG A 34 -0.91 2.91 -1.29
N LEU A 35 -0.09 2.00 -0.74
CA LEU A 35 1.33 2.00 -1.04
C LEU A 35 1.58 2.14 -2.54
N PRO A 36 2.39 3.13 -2.91
CA PRO A 36 2.72 3.39 -4.32
C PRO A 36 3.62 2.31 -4.91
N VAL A 37 3.21 1.75 -6.05
CA VAL A 37 3.98 0.71 -6.71
C VAL A 37 4.30 1.09 -8.14
N ALA A 38 5.58 1.04 -8.50
CA ALA A 38 6.02 1.38 -9.85
C ALA A 38 5.32 0.52 -10.89
N CYS A 39 4.81 1.16 -11.94
CA CYS A 39 4.12 0.45 -13.00
C CYS A 39 5.03 -0.56 -13.68
N PRO A 40 4.51 -1.77 -13.91
CA PRO A 40 5.26 -2.85 -14.55
C PRO A 40 5.54 -2.57 -16.03
N ASN A 41 4.71 -1.73 -16.63
CA ASN A 41 4.86 -1.38 -18.04
C ASN A 41 5.72 -0.13 -18.20
N GLN A 42 6.16 0.42 -17.08
CA GLN A 42 6.99 1.62 -17.08
C GLN A 42 6.51 2.61 -18.13
N CYS A 43 5.23 2.97 -18.05
CA CYS A 43 4.63 3.92 -18.99
C CYS A 43 5.16 5.32 -18.76
N GLY A 44 5.08 5.77 -17.50
CA GLY A 44 5.56 7.11 -17.16
C GLY A 44 5.04 7.58 -15.82
N VAL A 45 3.83 7.17 -15.48
CA VAL A 45 3.23 7.56 -14.20
C VAL A 45 4.24 7.46 -13.06
N GLY A 46 5.23 6.59 -13.23
CA GLY A 46 6.25 6.43 -12.21
C GLY A 46 5.77 5.56 -11.06
N THR A 47 4.79 6.05 -10.32
CA THR A 47 4.25 5.32 -9.18
C THR A 47 2.76 5.58 -9.01
N VAL A 48 2.03 4.56 -8.55
CA VAL A 48 0.60 4.68 -8.34
C VAL A 48 0.09 3.66 -7.34
N ALA A 49 -0.76 4.09 -6.42
CA ALA A 49 -1.32 3.21 -5.41
C ALA A 49 -1.58 1.82 -5.98
N ARG A 50 -1.34 0.79 -5.17
CA ARG A 50 -1.55 -0.59 -5.60
C ARG A 50 -2.99 -0.79 -6.06
N GLU A 51 -3.94 -0.21 -5.32
CA GLU A 51 -5.34 -0.33 -5.66
C GLU A 51 -5.71 0.57 -6.83
N ASP A 52 -4.79 1.45 -7.20
CA ASP A 52 -5.00 2.37 -8.31
C ASP A 52 -4.38 1.83 -9.59
N LEU A 53 -3.54 0.82 -9.46
CA LEU A 53 -2.89 0.21 -10.61
C LEU A 53 -3.90 -0.43 -11.54
N PRO A 54 -4.86 -1.15 -10.97
CA PRO A 54 -5.92 -1.83 -11.74
C PRO A 54 -6.57 -0.90 -12.76
N GLY A 55 -7.23 0.14 -12.28
CA GLY A 55 -7.89 1.07 -13.18
C GLY A 55 -6.91 1.77 -14.10
N HIS A 56 -5.68 1.94 -13.64
CA HIS A 56 -4.65 2.58 -14.44
C HIS A 56 -4.26 1.72 -15.65
N LEU A 57 -4.08 0.43 -15.40
CA LEU A 57 -3.73 -0.50 -16.46
C LEU A 57 -4.82 -0.60 -17.51
N LYS A 58 -6.02 -0.12 -17.16
CA LYS A 58 -7.15 -0.14 -18.07
C LYS A 58 -6.90 0.77 -19.27
N ASP A 59 -6.83 2.07 -19.02
CA ASP A 59 -6.60 3.04 -20.08
C ASP A 59 -5.38 3.91 -19.76
N SER A 60 -5.32 4.40 -18.52
CA SER A 60 -4.22 5.25 -18.10
C SER A 60 -2.92 4.82 -18.76
N CYS A 61 -2.41 3.66 -18.36
CA CYS A 61 -1.17 3.14 -18.92
C CYS A 61 -1.15 3.26 -20.44
N ASN A 62 0.03 3.15 -21.03
CA ASN A 62 0.18 3.26 -22.47
C ASN A 62 0.81 1.99 -23.04
N THR A 63 0.15 1.40 -24.04
CA THR A 63 0.63 0.18 -24.68
C THR A 63 0.71 0.35 -26.19
N ALA A 64 1.78 -0.18 -26.79
CA ALA A 64 1.98 -0.10 -28.23
C ALA A 64 2.29 -1.46 -28.82
N LEU A 65 3.03 -2.27 -28.06
CA LEU A 65 3.39 -3.60 -28.52
C LEU A 65 2.15 -4.48 -28.71
N VAL A 66 2.24 -5.42 -29.64
CA VAL A 66 1.13 -6.33 -29.92
C VAL A 66 0.49 -6.83 -28.62
ZN ZN B . -0.72 1.30 5.65
ZN ZN C . 1.40 2.16 -16.54
N GLY A 1 -8.63 -13.22 34.56
CA GLY A 1 -8.03 -12.27 33.65
C GLY A 1 -7.54 -11.02 34.33
N SER A 2 -7.16 -10.02 33.55
CA SER A 2 -6.67 -8.76 34.09
C SER A 2 -6.95 -7.61 33.13
N SER A 3 -7.39 -6.48 33.68
CA SER A 3 -7.70 -5.30 32.88
C SER A 3 -6.91 -4.10 33.35
N GLY A 4 -7.05 -2.98 32.65
CA GLY A 4 -6.35 -1.77 33.02
C GLY A 4 -5.42 -1.28 31.93
N SER A 5 -4.13 -1.58 32.07
CA SER A 5 -3.14 -1.15 31.09
C SER A 5 -3.11 -2.12 29.90
N SER A 6 -2.94 -1.57 28.70
CA SER A 6 -2.89 -2.37 27.49
C SER A 6 -1.59 -3.14 27.40
N GLY A 7 -1.52 -4.07 26.45
CA GLY A 7 -0.32 -4.86 26.27
C GLY A 7 0.45 -4.50 25.01
N LYS A 8 -0.17 -4.72 23.86
CA LYS A 8 0.46 -4.41 22.58
C LYS A 8 0.13 -2.99 22.14
N ARG A 9 1.05 -2.37 21.40
CA ARG A 9 0.86 -1.01 20.92
C ARG A 9 0.46 -1.00 19.44
N THR A 10 -0.08 0.12 18.98
CA THR A 10 -0.50 0.25 17.59
C THR A 10 -0.04 1.58 17.01
N GLN A 11 0.43 1.55 15.77
CA GLN A 11 0.90 2.76 15.10
C GLN A 11 0.09 3.02 13.84
N PRO A 12 -0.45 4.25 13.74
CA PRO A 12 -1.26 4.67 12.58
C PRO A 12 -0.42 4.82 11.31
N CYS A 13 -0.52 3.82 10.43
CA CYS A 13 0.22 3.84 9.17
C CYS A 13 0.01 5.16 8.44
N THR A 14 1.07 5.64 7.78
CA THR A 14 0.99 6.88 7.04
C THR A 14 0.49 6.66 5.62
N TYR A 15 0.49 5.40 5.19
CA TYR A 15 0.03 5.05 3.85
C TYR A 15 -1.48 4.87 3.83
N CYS A 16 -1.96 3.80 4.46
CA CYS A 16 -3.38 3.51 4.51
C CYS A 16 -4.07 4.40 5.54
N THR A 17 -3.30 5.24 6.22
CA THR A 17 -3.83 6.13 7.22
C THR A 17 -4.77 5.39 8.18
N LYS A 18 -4.31 4.26 8.69
CA LYS A 18 -5.10 3.45 9.60
C LYS A 18 -4.25 2.94 10.77
N GLU A 19 -4.91 2.52 11.84
CA GLU A 19 -4.21 2.01 13.01
C GLU A 19 -3.84 0.53 12.83
N PHE A 20 -2.56 0.22 12.98
CA PHE A 20 -2.08 -1.15 12.84
C PHE A 20 -1.13 -1.52 13.96
N VAL A 21 -1.11 -2.79 14.33
CA VAL A 21 -0.24 -3.28 15.39
C VAL A 21 1.23 -3.06 15.04
N PHE A 22 2.03 -2.76 16.05
CA PHE A 22 3.46 -2.53 15.86
C PHE A 22 4.16 -3.82 15.44
N ASP A 23 3.69 -4.94 15.98
CA ASP A 23 4.28 -6.24 15.65
C ASP A 23 3.90 -6.68 14.24
N THR A 24 2.80 -6.12 13.73
CA THR A 24 2.33 -6.46 12.39
C THR A 24 2.74 -5.38 11.39
N ILE A 25 2.94 -4.17 11.87
CA ILE A 25 3.34 -3.06 11.01
C ILE A 25 4.55 -3.42 10.18
N GLN A 26 5.25 -4.49 10.57
CA GLN A 26 6.43 -4.94 9.84
C GLN A 26 6.05 -5.62 8.53
N SER A 27 5.07 -6.52 8.60
CA SER A 27 4.62 -7.23 7.41
C SER A 27 3.53 -6.45 6.68
N HIS A 28 2.64 -5.84 7.45
CA HIS A 28 1.56 -5.05 6.87
C HIS A 28 2.07 -4.15 5.76
N GLN A 29 3.16 -3.44 6.02
CA GLN A 29 3.75 -2.55 5.03
C GLN A 29 3.62 -3.12 3.63
N TYR A 30 3.78 -4.43 3.52
CA TYR A 30 3.68 -5.11 2.23
C TYR A 30 2.24 -5.15 1.74
N GLN A 31 1.32 -5.49 2.64
CA GLN A 31 -0.08 -5.57 2.31
C GLN A 31 -0.64 -4.19 1.94
N CYS A 32 -0.21 -3.18 2.70
CA CYS A 32 -0.65 -1.81 2.45
C CYS A 32 -0.86 -1.55 0.96
N PRO A 33 -2.13 -1.36 0.56
CA PRO A 33 -2.48 -1.11 -0.84
C PRO A 33 -2.02 0.27 -1.31
N ARG A 34 -2.08 1.26 -0.42
CA ARG A 34 -1.66 2.61 -0.75
C ARG A 34 -0.23 2.63 -1.27
N LEU A 35 0.60 1.73 -0.73
CA LEU A 35 2.00 1.64 -1.13
C LEU A 35 2.13 1.75 -2.65
N PRO A 36 2.94 2.70 -3.11
CA PRO A 36 3.19 2.93 -4.54
C PRO A 36 4.00 1.80 -5.17
N VAL A 37 3.50 1.28 -6.29
CA VAL A 37 4.19 0.20 -6.99
C VAL A 37 4.40 0.55 -8.46
N ALA A 38 5.63 0.38 -8.92
CA ALA A 38 5.97 0.66 -10.31
C ALA A 38 5.12 -0.16 -11.27
N CYS A 39 4.57 0.50 -12.28
CA CYS A 39 3.73 -0.17 -13.27
C CYS A 39 4.52 -1.22 -14.02
N PRO A 40 3.93 -2.42 -14.15
CA PRO A 40 4.56 -3.54 -14.86
C PRO A 40 4.66 -3.32 -16.36
N ASN A 41 3.98 -2.28 -16.84
CA ASN A 41 3.99 -1.95 -18.26
C ASN A 41 4.98 -0.83 -18.55
N GLN A 42 5.57 -0.28 -17.50
CA GLN A 42 6.54 0.79 -17.65
C GLN A 42 6.05 1.85 -18.63
N CYS A 43 4.85 2.37 -18.38
CA CYS A 43 4.26 3.38 -19.24
C CYS A 43 4.94 4.73 -19.05
N GLY A 44 5.01 5.18 -17.80
CA GLY A 44 5.64 6.46 -17.51
C GLY A 44 5.23 7.00 -16.15
N VAL A 45 3.98 6.79 -15.79
CA VAL A 45 3.47 7.27 -14.50
C VAL A 45 4.50 7.09 -13.40
N GLY A 46 5.37 6.09 -13.56
CA GLY A 46 6.40 5.82 -12.57
C GLY A 46 5.90 4.94 -11.44
N THR A 47 5.07 5.51 -10.57
CA THR A 47 4.53 4.77 -9.44
C THR A 47 3.04 5.02 -9.28
N VAL A 48 2.32 4.02 -8.78
CA VAL A 48 0.89 4.13 -8.58
C VAL A 48 0.40 3.16 -7.50
N ALA A 49 -0.31 3.69 -6.51
CA ALA A 49 -0.83 2.87 -5.42
C ALA A 49 -1.29 1.51 -5.93
N ARG A 50 -1.07 0.48 -5.13
CA ARG A 50 -1.46 -0.87 -5.50
C ARG A 50 -2.94 -0.94 -5.87
N GLU A 51 -3.78 -0.33 -5.04
CA GLU A 51 -5.22 -0.31 -5.27
C GLU A 51 -5.58 0.69 -6.36
N ASP A 52 -4.55 1.27 -6.98
CA ASP A 52 -4.77 2.26 -8.04
C ASP A 52 -4.29 1.72 -9.39
N LEU A 53 -3.58 0.59 -9.36
CA LEU A 53 -3.06 -0.03 -10.57
C LEU A 53 -4.20 -0.56 -11.43
N PRO A 54 -5.16 -1.23 -10.79
CA PRO A 54 -6.33 -1.79 -11.49
C PRO A 54 -6.98 -0.80 -12.44
N GLY A 55 -7.43 0.33 -11.89
CA GLY A 55 -8.07 1.34 -12.71
C GLY A 55 -7.13 1.94 -13.72
N HIS A 56 -5.94 2.31 -13.27
CA HIS A 56 -4.93 2.90 -14.16
C HIS A 56 -4.72 2.04 -15.39
N LEU A 57 -4.50 0.75 -15.18
CA LEU A 57 -4.28 -0.18 -16.28
C LEU A 57 -5.42 -0.10 -17.30
N LYS A 58 -6.56 0.43 -16.86
CA LYS A 58 -7.72 0.58 -17.73
C LYS A 58 -7.40 1.47 -18.93
N ASP A 59 -7.15 2.74 -18.66
CA ASP A 59 -6.83 3.70 -19.71
C ASP A 59 -5.52 4.44 -19.39
N SER A 60 -5.38 4.86 -18.14
CA SER A 60 -4.19 5.59 -17.72
C SER A 60 -2.95 5.05 -18.43
N CYS A 61 -2.62 3.79 -18.16
CA CYS A 61 -1.46 3.15 -18.78
C CYS A 61 -1.40 3.44 -20.27
N ASN A 62 -0.41 4.21 -20.68
CA ASN A 62 -0.25 4.56 -22.09
C ASN A 62 0.24 3.36 -22.90
N THR A 63 -0.68 2.74 -23.64
CA THR A 63 -0.35 1.58 -24.46
C THR A 63 -1.33 1.43 -25.61
N ALA A 64 -0.89 0.75 -26.68
CA ALA A 64 -1.73 0.53 -27.84
C ALA A 64 -2.95 -0.31 -27.49
N LEU A 65 -4.10 0.34 -27.39
CA LEU A 65 -5.35 -0.35 -27.06
C LEU A 65 -5.38 -1.75 -27.67
N VAL A 66 -5.13 -1.82 -28.98
CA VAL A 66 -5.13 -3.09 -29.69
C VAL A 66 -3.91 -3.92 -29.33
ZN ZN B . -0.59 0.85 5.81
ZN ZN C . 0.92 1.90 -16.59
N GLY A 1 -13.74 -8.29 21.86
CA GLY A 1 -13.68 -6.83 21.81
C GLY A 1 -13.60 -6.20 23.19
N SER A 2 -12.63 -6.65 23.98
CA SER A 2 -12.45 -6.12 25.33
C SER A 2 -11.07 -5.47 25.48
N SER A 3 -11.07 -4.17 25.79
CA SER A 3 -9.83 -3.42 25.95
C SER A 3 -9.87 -2.58 27.22
N GLY A 4 -8.73 -2.48 27.88
CA GLY A 4 -8.65 -1.70 29.11
C GLY A 4 -7.58 -0.63 29.04
N SER A 5 -6.36 -0.99 29.44
CA SER A 5 -5.24 -0.05 29.43
C SER A 5 -4.01 -0.67 28.77
N SER A 6 -3.65 -1.87 29.22
CA SER A 6 -2.49 -2.57 28.68
C SER A 6 -2.78 -3.10 27.28
N GLY A 7 -1.92 -2.77 26.33
CA GLY A 7 -2.09 -3.22 24.97
C GLY A 7 -0.92 -2.87 24.07
N LYS A 8 -0.63 -3.74 23.11
CA LYS A 8 0.49 -3.53 22.20
C LYS A 8 0.34 -2.19 21.48
N ARG A 9 1.44 -1.44 21.40
CA ARG A 9 1.43 -0.13 20.75
C ARG A 9 1.07 -0.27 19.28
N THR A 10 0.35 0.71 18.75
CA THR A 10 -0.08 0.70 17.36
C THR A 10 0.49 1.89 16.60
N GLN A 11 0.73 1.71 15.32
CA GLN A 11 1.27 2.78 14.48
C GLN A 11 0.33 3.11 13.32
N PRO A 12 -0.14 4.36 13.28
CA PRO A 12 -1.06 4.83 12.23
C PRO A 12 -0.37 4.92 10.87
N CYS A 13 -0.61 3.93 10.03
CA CYS A 13 -0.02 3.89 8.69
C CYS A 13 -0.28 5.21 7.95
N THR A 14 0.81 5.89 7.59
CA THR A 14 0.69 7.16 6.87
C THR A 14 0.23 6.95 5.44
N TYR A 15 -0.02 5.69 5.08
CA TYR A 15 -0.48 5.36 3.73
C TYR A 15 -1.99 5.17 3.70
N CYS A 16 -2.48 4.24 4.51
CA CYS A 16 -3.90 3.95 4.57
C CYS A 16 -4.55 4.67 5.74
N THR A 17 -3.76 5.47 6.46
CA THR A 17 -4.25 6.22 7.60
C THR A 17 -5.07 5.33 8.53
N LYS A 18 -4.64 4.07 8.66
CA LYS A 18 -5.33 3.11 9.52
C LYS A 18 -4.46 2.73 10.71
N GLU A 19 -5.11 2.45 11.84
CA GLU A 19 -4.38 2.07 13.06
C GLU A 19 -4.12 0.57 13.07
N PHE A 20 -2.85 0.20 13.12
CA PHE A 20 -2.45 -1.21 13.14
C PHE A 20 -1.41 -1.47 14.23
N VAL A 21 -1.19 -2.74 14.53
CA VAL A 21 -0.22 -3.12 15.55
C VAL A 21 1.21 -2.88 15.06
N PHE A 22 2.09 -2.50 15.99
CA PHE A 22 3.48 -2.24 15.66
C PHE A 22 4.16 -3.50 15.11
N ASP A 23 3.71 -4.65 15.58
CA ASP A 23 4.27 -5.93 15.15
C ASP A 23 3.80 -6.26 13.73
N THR A 24 2.59 -5.84 13.40
CA THR A 24 2.02 -6.10 12.07
C THR A 24 2.51 -5.08 11.06
N ILE A 25 2.59 -3.82 11.47
CA ILE A 25 3.06 -2.75 10.60
C ILE A 25 4.27 -3.19 9.78
N GLN A 26 4.97 -4.19 10.29
CA GLN A 26 6.16 -4.70 9.60
C GLN A 26 5.78 -5.41 8.30
N SER A 27 4.81 -6.32 8.39
CA SER A 27 4.35 -7.06 7.22
C SER A 27 3.28 -6.29 6.47
N HIS A 28 2.36 -5.68 7.22
CA HIS A 28 1.28 -4.90 6.62
C HIS A 28 1.79 -4.08 5.44
N GLN A 29 2.85 -3.31 5.68
CA GLN A 29 3.43 -2.48 4.63
C GLN A 29 3.28 -3.14 3.26
N TYR A 30 3.51 -4.45 3.22
CA TYR A 30 3.41 -5.20 1.97
C TYR A 30 1.97 -5.25 1.48
N GLN A 31 1.05 -5.61 2.37
CA GLN A 31 -0.37 -5.70 2.02
C GLN A 31 -0.92 -4.32 1.66
N CYS A 32 -0.63 -3.33 2.50
CA CYS A 32 -1.09 -1.97 2.26
C CYS A 32 -1.14 -1.66 0.77
N PRO A 33 -2.36 -1.40 0.26
CA PRO A 33 -2.57 -1.08 -1.15
C PRO A 33 -2.00 0.29 -1.53
N ARG A 34 -2.30 1.29 -0.72
CA ARG A 34 -1.82 2.64 -0.97
C ARG A 34 -0.35 2.62 -1.41
N LEU A 35 0.43 1.73 -0.81
CA LEU A 35 1.84 1.61 -1.14
C LEU A 35 2.07 1.66 -2.65
N PRO A 36 3.05 2.46 -3.08
CA PRO A 36 3.38 2.62 -4.50
C PRO A 36 4.02 1.36 -5.08
N VAL A 37 3.51 0.92 -6.22
CA VAL A 37 4.02 -0.27 -6.88
C VAL A 37 4.37 0.02 -8.34
N ALA A 38 5.60 -0.29 -8.72
CA ALA A 38 6.07 -0.07 -10.08
C ALA A 38 5.15 -0.76 -11.10
N CYS A 39 4.76 -0.03 -12.13
CA CYS A 39 3.89 -0.55 -13.16
C CYS A 39 4.57 -1.69 -13.93
N PRO A 40 3.87 -2.81 -14.10
CA PRO A 40 4.39 -3.98 -14.81
C PRO A 40 4.53 -3.73 -16.31
N ASN A 41 3.79 -2.74 -16.81
CA ASN A 41 3.84 -2.40 -18.22
C ASN A 41 4.97 -1.43 -18.52
N GLN A 42 5.51 -0.82 -17.46
CA GLN A 42 6.60 0.14 -17.61
C GLN A 42 6.22 1.25 -18.58
N CYS A 43 5.09 1.90 -18.33
CA CYS A 43 4.61 2.98 -19.19
C CYS A 43 5.45 4.24 -18.98
N GLY A 44 5.63 4.62 -17.72
CA GLY A 44 6.42 5.81 -17.41
C GLY A 44 6.09 6.37 -16.04
N VAL A 45 4.82 6.30 -15.65
CA VAL A 45 4.38 6.81 -14.36
C VAL A 45 5.40 6.50 -13.28
N GLY A 46 6.09 5.37 -13.42
CA GLY A 46 7.09 4.97 -12.45
C GLY A 46 6.49 4.17 -11.30
N THR A 47 5.67 4.82 -10.49
CA THR A 47 5.04 4.17 -9.35
C THR A 47 3.63 4.70 -9.13
N VAL A 48 2.73 3.81 -8.72
CA VAL A 48 1.34 4.19 -8.47
C VAL A 48 0.70 3.26 -7.45
N ALA A 49 -0.03 3.84 -6.51
CA ALA A 49 -0.71 3.07 -5.47
C ALA A 49 -1.42 1.85 -6.06
N ARG A 50 -1.26 0.71 -5.42
CA ARG A 50 -1.88 -0.52 -5.88
C ARG A 50 -3.38 -0.33 -6.09
N GLU A 51 -4.01 0.37 -5.16
CA GLU A 51 -5.45 0.63 -5.24
C GLU A 51 -5.77 1.58 -6.39
N ASP A 52 -4.74 2.24 -6.91
CA ASP A 52 -4.90 3.18 -8.02
C ASP A 52 -4.35 2.59 -9.31
N LEU A 53 -4.02 1.30 -9.28
CA LEU A 53 -3.49 0.62 -10.46
C LEU A 53 -4.60 0.33 -11.47
N PRO A 54 -5.74 -0.17 -10.97
CA PRO A 54 -6.89 -0.51 -11.82
C PRO A 54 -7.24 0.62 -12.79
N GLY A 55 -7.66 1.76 -12.24
CA GLY A 55 -8.03 2.88 -13.08
C GLY A 55 -6.89 3.31 -14.00
N HIS A 56 -5.65 3.10 -13.55
CA HIS A 56 -4.47 3.47 -14.33
C HIS A 56 -4.35 2.58 -15.57
N LEU A 57 -4.30 1.27 -15.35
CA LEU A 57 -4.18 0.32 -16.45
C LEU A 57 -5.26 0.54 -17.49
N LYS A 58 -6.41 1.05 -17.05
CA LYS A 58 -7.53 1.32 -17.95
C LYS A 58 -7.11 2.29 -19.05
N ASP A 59 -6.82 3.53 -18.67
CA ASP A 59 -6.41 4.55 -19.62
C ASP A 59 -4.98 5.02 -19.34
N SER A 60 -4.76 5.53 -18.12
CA SER A 60 -3.45 6.01 -17.73
C SER A 60 -2.34 5.26 -18.47
N CYS A 61 -2.17 4.00 -18.11
CA CYS A 61 -1.14 3.16 -18.73
C CYS A 61 -1.26 3.21 -20.26
N ASN A 62 -0.15 3.48 -20.92
CA ASN A 62 -0.12 3.55 -22.37
C ASN A 62 0.40 2.25 -22.98
N THR A 63 -0.52 1.38 -23.37
CA THR A 63 -0.16 0.09 -23.97
C THR A 63 0.28 0.26 -25.42
N ALA A 64 1.25 -0.56 -25.84
CA ALA A 64 1.75 -0.50 -27.21
C ALA A 64 1.21 -1.66 -28.04
N LEU A 65 0.90 -1.39 -29.30
CA LEU A 65 0.38 -2.40 -30.20
C LEU A 65 1.51 -3.19 -30.84
N VAL A 66 1.23 -4.44 -31.21
CA VAL A 66 2.22 -5.31 -31.83
C VAL A 66 1.86 -5.60 -33.28
ZN ZN B . -1.22 0.89 5.47
ZN ZN C . 1.31 1.72 -16.49
N GLY A 1 -0.37 -22.54 28.84
CA GLY A 1 -1.37 -21.49 28.96
C GLY A 1 -1.23 -20.42 27.90
N SER A 2 -2.36 -19.89 27.43
CA SER A 2 -2.35 -18.86 26.41
C SER A 2 -1.35 -17.76 26.75
N SER A 3 -0.73 -17.18 25.72
CA SER A 3 0.26 -16.12 25.91
C SER A 3 -0.38 -14.75 25.72
N GLY A 4 0.39 -13.71 26.00
CA GLY A 4 -0.12 -12.35 25.86
C GLY A 4 -0.74 -11.83 27.14
N SER A 5 0.07 -11.68 28.17
CA SER A 5 -0.42 -11.19 29.46
C SER A 5 -1.19 -9.89 29.29
N SER A 6 -0.64 -8.97 28.50
CA SER A 6 -1.27 -7.69 28.25
C SER A 6 -1.70 -7.56 26.79
N GLY A 7 -2.34 -6.44 26.46
CA GLY A 7 -2.79 -6.22 25.10
C GLY A 7 -1.65 -6.16 24.11
N LYS A 8 -1.82 -5.36 23.06
CA LYS A 8 -0.80 -5.21 22.03
C LYS A 8 -0.83 -3.81 21.44
N ARG A 9 0.28 -3.10 21.56
CA ARG A 9 0.39 -1.74 21.03
C ARG A 9 0.19 -1.73 19.52
N THR A 10 -0.63 -0.80 19.04
CA THR A 10 -0.91 -0.70 17.61
C THR A 10 -0.30 0.58 17.04
N GLN A 11 0.24 0.47 15.83
CA GLN A 11 0.86 1.62 15.17
C GLN A 11 -0.01 2.11 14.01
N PRO A 12 -0.61 3.30 14.19
CA PRO A 12 -1.48 3.91 13.18
C PRO A 12 -0.70 4.38 11.96
N CYS A 13 -0.72 3.57 10.90
CA CYS A 13 -0.02 3.91 9.67
C CYS A 13 -0.40 5.30 9.19
N THR A 14 0.57 6.00 8.60
CA THR A 14 0.33 7.35 8.10
C THR A 14 -0.13 7.33 6.64
N TYR A 15 0.23 6.27 5.94
CA TYR A 15 -0.14 6.11 4.54
C TYR A 15 -1.63 5.81 4.41
N CYS A 16 -2.03 4.62 4.83
CA CYS A 16 -3.42 4.20 4.76
C CYS A 16 -4.24 4.82 5.88
N THR A 17 -3.55 5.53 6.79
CA THR A 17 -4.21 6.18 7.91
C THR A 17 -5.12 5.22 8.65
N LYS A 18 -4.63 3.99 8.86
CA LYS A 18 -5.40 2.97 9.56
C LYS A 18 -4.69 2.53 10.84
N GLU A 19 -5.32 1.63 11.58
CA GLU A 19 -4.75 1.14 12.83
C GLU A 19 -4.35 -0.33 12.69
N PHE A 20 -3.08 -0.62 12.95
CA PHE A 20 -2.58 -1.98 12.86
C PHE A 20 -1.64 -2.31 14.01
N VAL A 21 -1.50 -3.59 14.33
CA VAL A 21 -0.63 -4.02 15.42
C VAL A 21 0.83 -3.97 15.00
N PHE A 22 1.69 -3.55 15.93
CA PHE A 22 3.12 -3.46 15.66
C PHE A 22 3.67 -4.78 15.13
N ASP A 23 3.01 -5.86 15.50
CA ASP A 23 3.42 -7.19 15.06
C ASP A 23 3.26 -7.34 13.55
N THR A 24 2.32 -6.59 12.99
CA THR A 24 2.06 -6.63 11.55
C THR A 24 2.64 -5.41 10.84
N ILE A 25 2.63 -4.28 11.55
CA ILE A 25 3.15 -3.04 10.99
C ILE A 25 4.36 -3.31 10.09
N GLN A 26 5.11 -4.35 10.40
CA GLN A 26 6.29 -4.71 9.62
C GLN A 26 5.89 -5.17 8.22
N SER A 27 5.10 -6.23 8.15
CA SER A 27 4.65 -6.78 6.87
C SER A 27 3.66 -5.83 6.20
N HIS A 28 2.74 -5.30 6.98
CA HIS A 28 1.73 -4.37 6.46
C HIS A 28 2.36 -3.40 5.46
N GLN A 29 3.46 -2.78 5.86
CA GLN A 29 4.16 -1.83 4.99
C GLN A 29 4.02 -2.23 3.53
N TYR A 30 4.07 -3.52 3.27
CA TYR A 30 3.95 -4.04 1.90
C TYR A 30 2.49 -4.06 1.45
N GLN A 31 1.61 -4.56 2.32
CA GLN A 31 0.20 -4.64 2.00
C GLN A 31 -0.38 -3.25 1.73
N CYS A 32 -0.06 -2.31 2.61
CA CYS A 32 -0.54 -0.94 2.47
C CYS A 32 -0.65 -0.55 1.00
N PRO A 33 -1.88 -0.24 0.56
CA PRO A 33 -2.15 0.15 -0.83
C PRO A 33 -1.59 1.52 -1.16
N ARG A 34 -1.89 2.51 -0.32
CA ARG A 34 -1.42 3.87 -0.53
C ARG A 34 0.01 3.87 -1.04
N LEU A 35 0.79 2.87 -0.61
CA LEU A 35 2.19 2.75 -1.02
C LEU A 35 2.31 2.77 -2.54
N PRO A 36 3.25 3.57 -3.05
CA PRO A 36 3.50 3.69 -4.49
C PRO A 36 4.11 2.42 -5.08
N VAL A 37 3.54 1.96 -6.20
CA VAL A 37 4.04 0.76 -6.86
C VAL A 37 4.29 1.02 -8.35
N ALA A 38 5.33 0.39 -8.88
CA ALA A 38 5.67 0.54 -10.28
C ALA A 38 4.79 -0.31 -11.17
N CYS A 39 4.36 0.26 -12.29
CA CYS A 39 3.50 -0.46 -13.23
C CYS A 39 4.17 -1.73 -13.74
N PRO A 40 3.41 -2.83 -13.77
CA PRO A 40 3.91 -4.13 -14.23
C PRO A 40 4.18 -4.15 -15.74
N ASN A 41 3.38 -3.39 -16.48
CA ASN A 41 3.54 -3.31 -17.93
C ASN A 41 4.71 -2.43 -18.31
N GLN A 42 5.13 -1.57 -17.38
CA GLN A 42 6.26 -0.67 -17.62
C GLN A 42 5.97 0.25 -18.81
N CYS A 43 4.84 0.94 -18.75
CA CYS A 43 4.46 1.86 -19.82
C CYS A 43 5.25 3.16 -19.74
N GLY A 44 5.28 3.76 -18.55
CA GLY A 44 6.01 5.00 -18.37
C GLY A 44 5.55 5.77 -17.15
N VAL A 45 4.28 5.64 -16.82
CA VAL A 45 3.71 6.33 -15.65
C VAL A 45 4.69 6.32 -14.48
N GLY A 46 5.58 5.33 -14.46
CA GLY A 46 6.55 5.21 -13.40
C GLY A 46 5.96 4.60 -12.14
N THR A 47 5.49 5.45 -11.23
CA THR A 47 4.90 4.98 -9.99
C THR A 47 3.44 5.40 -9.87
N VAL A 48 2.64 4.56 -9.22
CA VAL A 48 1.22 4.84 -9.04
C VAL A 48 0.65 4.05 -7.87
N ALA A 49 -0.07 4.76 -6.99
CA ALA A 49 -0.67 4.12 -5.82
C ALA A 49 -1.25 2.75 -6.18
N ARG A 50 -1.07 1.79 -5.28
CA ARG A 50 -1.56 0.44 -5.49
C ARG A 50 -3.05 0.45 -5.83
N GLU A 51 -3.81 1.24 -5.09
CA GLU A 51 -5.25 1.34 -5.31
C GLU A 51 -5.55 2.17 -6.56
N ASP A 52 -4.49 2.66 -7.20
CA ASP A 52 -4.65 3.47 -8.41
C ASP A 52 -4.25 2.67 -9.65
N LEU A 53 -3.43 1.66 -9.45
CA LEU A 53 -2.96 0.82 -10.55
C LEU A 53 -4.14 0.25 -11.33
N PRO A 54 -5.17 -0.22 -10.60
CA PRO A 54 -6.37 -0.79 -11.21
C PRO A 54 -6.94 0.09 -12.32
N GLY A 55 -7.34 1.30 -11.96
CA GLY A 55 -7.89 2.23 -12.93
C GLY A 55 -6.91 2.55 -14.04
N HIS A 56 -5.62 2.53 -13.71
CA HIS A 56 -4.59 2.83 -14.69
C HIS A 56 -4.51 1.72 -15.75
N LEU A 57 -4.35 0.49 -15.31
CA LEU A 57 -4.27 -0.65 -16.21
C LEU A 57 -5.48 -0.70 -17.13
N LYS A 58 -6.61 -0.22 -16.64
CA LYS A 58 -7.84 -0.20 -17.43
C LYS A 58 -7.62 0.47 -18.78
N ASP A 59 -7.36 1.77 -18.75
CA ASP A 59 -7.13 2.52 -19.98
C ASP A 59 -5.75 3.18 -19.96
N SER A 60 -5.46 3.90 -18.87
CA SER A 60 -4.17 4.58 -18.73
C SER A 60 -3.07 3.79 -19.42
N CYS A 61 -2.72 2.64 -18.85
CA CYS A 61 -1.67 1.79 -19.41
C CYS A 61 -1.94 1.49 -20.88
N ASN A 62 -0.89 1.09 -21.59
CA ASN A 62 -1.01 0.76 -23.00
C ASN A 62 -1.10 -0.75 -23.22
N THR A 63 -2.17 -1.19 -23.86
CA THR A 63 -2.38 -2.61 -24.13
C THR A 63 -1.61 -3.05 -25.38
N ALA A 64 -1.16 -4.29 -25.37
CA ALA A 64 -0.42 -4.83 -26.50
C ALA A 64 -1.36 -5.29 -27.60
N LEU A 65 -0.79 -5.63 -28.76
CA LEU A 65 -1.59 -6.08 -29.90
C LEU A 65 -2.19 -7.45 -29.62
N VAL A 66 -3.48 -7.46 -29.27
CA VAL A 66 -4.18 -8.71 -28.98
C VAL A 66 -5.25 -8.98 -30.03
ZN ZN B . -0.61 1.49 5.82
ZN ZN C . 1.13 1.01 -17.11
N GLY A 1 8.60 8.35 39.24
CA GLY A 1 8.09 7.30 38.38
C GLY A 1 6.57 7.26 38.34
N SER A 2 6.03 6.60 37.32
CA SER A 2 4.58 6.49 37.18
C SER A 2 4.18 5.09 36.69
N SER A 3 3.50 4.35 37.56
CA SER A 3 3.06 3.00 37.22
C SER A 3 2.23 3.00 35.94
N GLY A 4 1.98 1.81 35.41
CA GLY A 4 1.20 1.70 34.19
C GLY A 4 1.25 0.30 33.60
N SER A 5 0.38 0.03 32.63
CA SER A 5 0.32 -1.28 31.99
C SER A 5 -0.32 -1.17 30.61
N SER A 6 0.50 -1.25 29.58
CA SER A 6 0.01 -1.16 28.20
C SER A 6 -0.09 -2.55 27.57
N GLY A 7 -1.16 -2.77 26.80
CA GLY A 7 -1.34 -4.06 26.16
C GLY A 7 -0.51 -4.21 24.91
N LYS A 8 -1.14 -4.10 23.75
CA LYS A 8 -0.44 -4.23 22.47
C LYS A 8 -0.36 -2.87 21.76
N ARG A 9 0.85 -2.36 21.61
CA ARG A 9 1.07 -1.08 20.95
C ARG A 9 0.75 -1.18 19.46
N THR A 10 0.05 -0.17 18.95
CA THR A 10 -0.32 -0.14 17.54
C THR A 10 0.31 1.05 16.82
N GLN A 11 0.67 0.85 15.56
CA GLN A 11 1.29 1.90 14.77
C GLN A 11 0.34 2.39 13.68
N PRO A 12 -0.09 3.66 13.80
CA PRO A 12 -1.00 4.27 12.83
C PRO A 12 -0.34 4.51 11.47
N CYS A 13 -0.55 3.58 10.55
CA CYS A 13 0.04 3.70 9.21
C CYS A 13 -0.28 5.05 8.58
N THR A 14 0.74 5.68 8.02
CA THR A 14 0.56 6.99 7.38
C THR A 14 0.04 6.85 5.96
N TYR A 15 0.05 5.62 5.46
CA TYR A 15 -0.42 5.34 4.09
C TYR A 15 -1.93 5.12 4.08
N CYS A 16 -2.37 4.05 4.73
CA CYS A 16 -3.80 3.72 4.79
C CYS A 16 -4.48 4.48 5.92
N THR A 17 -3.70 5.30 6.63
CA THR A 17 -4.24 6.08 7.74
C THR A 17 -5.05 5.20 8.68
N LYS A 18 -4.64 3.95 8.83
CA LYS A 18 -5.32 3.01 9.70
C LYS A 18 -4.49 2.71 10.95
N GLU A 19 -4.96 1.78 11.77
CA GLU A 19 -4.25 1.41 12.99
C GLU A 19 -4.06 -0.10 13.07
N PHE A 20 -2.82 -0.52 13.25
CA PHE A 20 -2.50 -1.94 13.34
C PHE A 20 -1.47 -2.19 14.44
N VAL A 21 -1.24 -3.47 14.74
CA VAL A 21 -0.29 -3.86 15.77
C VAL A 21 1.14 -3.53 15.36
N PHE A 22 1.97 -3.18 16.33
CA PHE A 22 3.37 -2.84 16.06
C PHE A 22 4.11 -4.03 15.45
N ASP A 23 3.62 -5.24 15.75
CA ASP A 23 4.24 -6.46 15.23
C ASP A 23 3.84 -6.69 13.78
N THR A 24 2.57 -6.50 13.47
CA THR A 24 2.07 -6.68 12.12
C THR A 24 2.51 -5.56 11.21
N ILE A 25 2.32 -4.32 11.66
CA ILE A 25 2.70 -3.15 10.87
C ILE A 25 3.95 -3.43 10.04
N GLN A 26 4.86 -4.24 10.59
CA GLN A 26 6.09 -4.58 9.90
C GLN A 26 5.79 -5.25 8.56
N SER A 27 5.00 -6.32 8.61
CA SER A 27 4.64 -7.05 7.41
C SER A 27 3.54 -6.33 6.63
N HIS A 28 2.57 -5.80 7.36
CA HIS A 28 1.45 -5.09 6.74
C HIS A 28 1.95 -4.14 5.66
N GLN A 29 3.00 -3.38 5.98
CA GLN A 29 3.58 -2.43 5.03
C GLN A 29 3.53 -2.99 3.61
N TYR A 30 3.79 -4.28 3.48
CA TYR A 30 3.78 -4.94 2.17
C TYR A 30 2.36 -5.01 1.61
N GLN A 31 1.41 -5.37 2.47
CA GLN A 31 0.02 -5.47 2.06
C GLN A 31 -0.57 -4.10 1.74
N CYS A 32 -0.24 -3.12 2.56
CA CYS A 32 -0.73 -1.76 2.38
C CYS A 32 -0.83 -1.42 0.89
N PRO A 33 -2.08 -1.24 0.42
CA PRO A 33 -2.35 -0.92 -0.99
C PRO A 33 -1.89 0.50 -1.35
N ARG A 34 -2.24 1.46 -0.51
CA ARG A 34 -1.86 2.85 -0.74
C ARG A 34 -0.42 2.95 -1.22
N LEU A 35 0.44 2.10 -0.68
CA LEU A 35 1.85 2.09 -1.05
C LEU A 35 2.01 2.09 -2.58
N PRO A 36 2.96 2.90 -3.07
CA PRO A 36 3.23 3.00 -4.51
C PRO A 36 3.88 1.75 -5.07
N VAL A 37 3.48 1.38 -6.29
CA VAL A 37 4.03 0.20 -6.93
C VAL A 37 4.32 0.46 -8.41
N ALA A 38 5.53 0.12 -8.83
CA ALA A 38 5.94 0.32 -10.22
C ALA A 38 5.05 -0.47 -11.18
N CYS A 39 4.61 0.20 -12.24
CA CYS A 39 3.75 -0.44 -13.23
C CYS A 39 4.43 -1.65 -13.86
N PRO A 40 3.69 -2.77 -13.94
CA PRO A 40 4.22 -4.01 -14.51
C PRO A 40 4.42 -3.91 -16.03
N ASN A 41 3.87 -2.86 -16.62
CA ASN A 41 3.99 -2.65 -18.06
C ASN A 41 5.13 -1.69 -18.37
N GLN A 42 5.68 -1.07 -17.33
CA GLN A 42 6.77 -0.12 -17.50
C GLN A 42 6.44 0.92 -18.56
N CYS A 43 5.27 1.53 -18.44
CA CYS A 43 4.83 2.54 -19.39
C CYS A 43 5.64 3.82 -19.23
N GLY A 44 5.73 4.31 -18.00
CA GLY A 44 6.48 5.53 -17.73
C GLY A 44 6.05 6.21 -16.45
N VAL A 45 4.76 6.13 -16.14
CA VAL A 45 4.21 6.74 -14.93
C VAL A 45 5.14 6.53 -13.74
N GLY A 46 5.96 5.48 -13.82
CA GLY A 46 6.88 5.18 -12.75
C GLY A 46 6.24 4.41 -11.62
N THR A 47 5.85 5.12 -10.57
CA THR A 47 5.21 4.48 -9.41
C THR A 47 3.77 4.96 -9.25
N VAL A 48 2.92 4.07 -8.76
CA VAL A 48 1.51 4.40 -8.55
C VAL A 48 0.88 3.48 -7.50
N ALA A 49 0.19 4.07 -6.54
CA ALA A 49 -0.47 3.30 -5.49
C ALA A 49 -1.01 1.98 -6.03
N ARG A 50 -0.92 0.94 -5.22
CA ARG A 50 -1.39 -0.39 -5.62
C ARG A 50 -2.88 -0.34 -5.98
N GLU A 51 -3.66 0.39 -5.19
CA GLU A 51 -5.08 0.51 -5.42
C GLU A 51 -5.37 1.50 -6.53
N ASP A 52 -4.32 2.13 -7.05
CA ASP A 52 -4.46 3.10 -8.12
C ASP A 52 -4.04 2.50 -9.47
N LEU A 53 -3.32 1.39 -9.40
CA LEU A 53 -2.87 0.71 -10.62
C LEU A 53 -4.05 0.33 -11.51
N PRO A 54 -5.11 -0.20 -10.90
CA PRO A 54 -6.32 -0.61 -11.62
C PRO A 54 -6.82 0.47 -12.57
N GLY A 55 -7.24 1.60 -12.01
CA GLY A 55 -7.74 2.69 -12.83
C GLY A 55 -6.70 3.20 -13.81
N HIS A 56 -5.43 2.97 -13.50
CA HIS A 56 -4.33 3.40 -14.35
C HIS A 56 -4.24 2.52 -15.60
N LEU A 57 -4.26 1.21 -15.38
CA LEU A 57 -4.17 0.25 -16.48
C LEU A 57 -5.35 0.40 -17.43
N LYS A 58 -6.37 1.13 -16.99
CA LYS A 58 -7.57 1.35 -17.79
C LYS A 58 -7.24 2.20 -19.03
N ASP A 59 -6.84 3.44 -18.79
CA ASP A 59 -6.51 4.35 -19.87
C ASP A 59 -5.08 4.87 -19.73
N SER A 60 -4.76 5.41 -18.56
CA SER A 60 -3.43 5.94 -18.29
C SER A 60 -2.37 5.12 -19.00
N CYS A 61 -2.17 3.89 -18.54
CA CYS A 61 -1.18 2.99 -19.15
C CYS A 61 -1.34 2.93 -20.66
N ASN A 62 -0.44 2.21 -21.32
CA ASN A 62 -0.48 2.08 -22.76
C ASN A 62 0.06 0.72 -23.20
N THR A 63 -0.23 0.35 -24.44
CA THR A 63 0.23 -0.93 -24.99
C THR A 63 -0.02 -2.06 -23.99
N ALA A 64 -1.19 -2.05 -23.36
CA ALA A 64 -1.55 -3.08 -22.40
C ALA A 64 -2.46 -4.13 -23.03
N LEU A 65 -1.85 -5.15 -23.62
CA LEU A 65 -2.61 -6.22 -24.27
C LEU A 65 -3.27 -7.13 -23.22
N VAL A 66 -2.47 -7.58 -22.27
CA VAL A 66 -2.97 -8.45 -21.21
C VAL A 66 -4.07 -7.77 -20.40
ZN ZN B . -1.02 0.78 5.83
ZN ZN C . 1.30 1.65 -16.77
N GLY A 1 -4.10 1.12 29.12
CA GLY A 1 -2.65 0.96 29.16
C GLY A 1 -1.92 2.22 28.73
N SER A 2 -0.79 2.49 29.37
CA SER A 2 0.00 3.68 29.06
C SER A 2 0.48 3.63 27.61
N SER A 3 1.20 2.57 27.27
CA SER A 3 1.73 2.41 25.91
C SER A 3 0.83 1.49 25.08
N GLY A 4 0.10 2.08 24.14
CA GLY A 4 -0.78 1.30 23.30
C GLY A 4 -1.44 0.16 24.05
N SER A 5 -1.32 -1.05 23.51
CA SER A 5 -1.91 -2.23 24.13
C SER A 5 -0.83 -3.19 24.64
N SER A 6 -0.92 -3.56 25.91
CA SER A 6 0.05 -4.47 26.51
C SER A 6 1.47 -3.99 26.24
N GLY A 7 1.68 -2.68 26.31
CA GLY A 7 3.00 -2.12 26.06
C GLY A 7 3.27 -1.93 24.59
N LYS A 8 2.86 -2.88 23.77
CA LYS A 8 3.06 -2.81 22.34
C LYS A 8 2.35 -1.59 21.74
N ARG A 9 3.13 -0.60 21.33
CA ARG A 9 2.56 0.62 20.75
C ARG A 9 2.17 0.38 19.29
N THR A 10 1.48 1.36 18.71
CA THR A 10 1.03 1.26 17.33
C THR A 10 1.57 2.42 16.50
N GLN A 11 1.81 2.17 15.21
CA GLN A 11 2.32 3.19 14.31
C GLN A 11 1.29 3.54 13.25
N PRO A 12 0.92 4.82 13.18
CA PRO A 12 -0.06 5.32 12.21
C PRO A 12 0.48 5.30 10.78
N CYS A 13 0.11 4.27 10.03
CA CYS A 13 0.56 4.13 8.65
C CYS A 13 0.30 5.42 7.86
N THR A 14 1.22 5.74 6.96
CA THR A 14 1.09 6.94 6.14
C THR A 14 0.27 6.67 4.88
N TYR A 15 0.28 5.42 4.44
CA TYR A 15 -0.46 5.02 3.25
C TYR A 15 -1.96 5.00 3.51
N CYS A 16 -2.40 4.05 4.31
CA CYS A 16 -3.81 3.92 4.65
C CYS A 16 -4.22 4.95 5.69
N THR A 17 -3.25 5.73 6.16
CA THR A 17 -3.51 6.75 7.15
C THR A 17 -4.24 6.18 8.36
N LYS A 18 -3.98 4.91 8.66
CA LYS A 18 -4.63 4.25 9.79
C LYS A 18 -3.61 3.87 10.86
N GLU A 19 -4.08 3.30 11.95
CA GLU A 19 -3.21 2.91 13.05
C GLU A 19 -3.07 1.39 13.10
N PHE A 20 -1.83 0.92 13.11
CA PHE A 20 -1.55 -0.52 13.15
C PHE A 20 -0.40 -0.82 14.10
N VAL A 21 -0.40 -2.02 14.68
CA VAL A 21 0.65 -2.43 15.60
C VAL A 21 1.92 -2.82 14.85
N PHE A 22 3.05 -2.32 15.32
CA PHE A 22 4.33 -2.61 14.70
C PHE A 22 4.51 -4.11 14.50
N ASP A 23 3.76 -4.90 15.26
CA ASP A 23 3.84 -6.35 15.16
C ASP A 23 3.28 -6.83 13.83
N THR A 24 2.27 -6.13 13.33
CA THR A 24 1.64 -6.49 12.06
C THR A 24 2.13 -5.59 10.93
N ILE A 25 2.32 -4.31 11.24
CA ILE A 25 2.78 -3.35 10.25
C ILE A 25 3.74 -4.01 9.25
N GLN A 26 4.57 -4.90 9.75
CA GLN A 26 5.53 -5.60 8.90
C GLN A 26 4.83 -6.31 7.75
N SER A 27 3.79 -7.07 8.08
CA SER A 27 3.03 -7.80 7.07
C SER A 27 1.99 -6.89 6.41
N HIS A 28 1.36 -6.04 7.22
CA HIS A 28 0.35 -5.12 6.71
C HIS A 28 0.89 -4.30 5.54
N GLN A 29 2.10 -3.78 5.69
CA GLN A 29 2.72 -2.98 4.65
C GLN A 29 2.41 -3.54 3.26
N TYR A 30 2.39 -4.87 3.17
CA TYR A 30 2.11 -5.54 1.90
C TYR A 30 0.63 -5.40 1.53
N GLN A 31 -0.24 -5.77 2.46
CA GLN A 31 -1.68 -5.70 2.23
C GLN A 31 -2.10 -4.27 1.88
N CYS A 32 -1.68 -3.32 2.71
CA CYS A 32 -2.01 -1.91 2.50
C CYS A 32 -2.08 -1.60 1.00
N PRO A 33 -3.30 -1.39 0.49
CA PRO A 33 -3.53 -1.07 -0.92
C PRO A 33 -3.03 0.32 -1.30
N ARG A 34 -3.30 1.28 -0.42
CA ARG A 34 -2.88 2.65 -0.65
C ARG A 34 -1.39 2.73 -0.98
N LEU A 35 -0.60 1.90 -0.31
CA LEU A 35 0.84 1.87 -0.53
C LEU A 35 1.16 2.03 -2.01
N PRO A 36 2.07 2.97 -2.33
CA PRO A 36 2.48 3.25 -3.70
C PRO A 36 3.32 2.11 -4.30
N VAL A 37 3.00 1.73 -5.53
CA VAL A 37 3.72 0.65 -6.20
C VAL A 37 4.17 1.09 -7.60
N ALA A 38 5.40 0.75 -7.94
CA ALA A 38 5.96 1.10 -9.25
C ALA A 38 5.23 0.37 -10.36
N CYS A 39 4.98 1.08 -11.46
CA CYS A 39 4.29 0.49 -12.61
C CYS A 39 5.10 -0.65 -13.21
N PRO A 40 4.43 -1.77 -13.52
CA PRO A 40 5.07 -2.94 -14.11
C PRO A 40 5.52 -2.70 -15.55
N ASN A 41 4.75 -1.89 -16.27
CA ASN A 41 5.08 -1.58 -17.66
C ASN A 41 6.17 -0.52 -17.74
N GLN A 42 6.35 0.23 -16.65
CA GLN A 42 7.36 1.27 -16.61
C GLN A 42 7.09 2.35 -17.66
N CYS A 43 5.89 2.91 -17.62
CA CYS A 43 5.50 3.95 -18.57
C CYS A 43 6.15 5.29 -18.21
N GLY A 44 6.03 5.67 -16.94
CA GLY A 44 6.62 6.93 -16.50
C GLY A 44 6.00 7.42 -15.21
N VAL A 45 4.69 7.24 -15.06
CA VAL A 45 3.99 7.68 -13.87
C VAL A 45 4.87 7.52 -12.63
N GLY A 46 5.62 6.43 -12.57
CA GLY A 46 6.48 6.18 -11.44
C GLY A 46 5.84 5.30 -10.40
N THR A 47 5.33 5.91 -9.33
CA THR A 47 4.68 5.17 -8.26
C THR A 47 3.19 5.47 -8.20
N VAL A 48 2.39 4.42 -7.99
CA VAL A 48 0.94 4.58 -7.91
C VAL A 48 0.33 3.53 -6.99
N ALA A 49 -0.57 3.97 -6.13
CA ALA A 49 -1.24 3.07 -5.20
C ALA A 49 -1.48 1.70 -5.83
N ARG A 50 -1.36 0.65 -5.02
CA ARG A 50 -1.57 -0.71 -5.51
C ARG A 50 -2.99 -0.90 -6.02
N GLU A 51 -3.95 -0.31 -5.31
CA GLU A 51 -5.35 -0.43 -5.69
C GLU A 51 -5.70 0.58 -6.78
N ASP A 52 -4.70 1.33 -7.22
CA ASP A 52 -4.90 2.33 -8.27
C ASP A 52 -4.20 1.91 -9.57
N LEU A 53 -3.35 0.90 -9.48
CA LEU A 53 -2.63 0.39 -10.64
C LEU A 53 -3.59 -0.12 -11.70
N PRO A 54 -4.62 -0.87 -11.25
CA PRO A 54 -5.63 -1.44 -12.14
C PRO A 54 -6.18 -0.41 -13.13
N GLY A 55 -6.87 0.59 -12.60
CA GLY A 55 -7.43 1.63 -13.45
C GLY A 55 -6.39 2.31 -14.31
N HIS A 56 -5.15 2.35 -13.81
CA HIS A 56 -4.06 2.98 -14.54
C HIS A 56 -3.68 2.16 -15.77
N LEU A 57 -3.35 0.88 -15.55
CA LEU A 57 -2.97 -0.01 -16.64
C LEU A 57 -4.03 -0.01 -17.73
N LYS A 58 -5.29 0.16 -17.33
CA LYS A 58 -6.39 0.17 -18.27
C LYS A 58 -6.11 1.12 -19.43
N ASP A 59 -6.05 2.41 -19.12
CA ASP A 59 -5.79 3.43 -20.13
C ASP A 59 -4.58 4.28 -19.75
N SER A 60 -4.57 4.77 -18.52
CA SER A 60 -3.47 5.59 -18.03
C SER A 60 -2.15 5.15 -18.64
N CYS A 61 -1.69 3.96 -18.25
CA CYS A 61 -0.43 3.42 -18.76
C CYS A 61 -0.39 3.49 -20.28
N ASN A 62 0.44 4.40 -20.80
CA ASN A 62 0.58 4.57 -22.24
C ASN A 62 2.05 4.61 -22.64
N THR A 63 2.66 3.43 -22.77
CA THR A 63 4.07 3.33 -23.15
C THR A 63 4.24 3.48 -24.65
N ALA A 64 3.15 3.34 -25.38
CA ALA A 64 3.18 3.45 -26.84
C ALA A 64 3.50 4.89 -27.26
N LEU A 65 4.39 5.03 -28.24
CA LEU A 65 4.78 6.34 -28.73
C LEU A 65 3.83 6.82 -29.82
N VAL A 66 2.53 6.69 -29.56
CA VAL A 66 1.51 7.12 -30.52
C VAL A 66 1.12 8.58 -30.29
ZN ZN B . -1.26 1.02 5.84
ZN ZN C . 2.11 2.40 -16.35
N GLY A 1 2.01 -0.35 40.81
CA GLY A 1 1.89 -1.52 41.65
C GLY A 1 1.64 -2.79 40.84
N SER A 2 0.44 -2.91 40.28
CA SER A 2 0.09 -4.07 39.49
C SER A 2 -0.34 -3.67 38.08
N SER A 3 0.38 -4.17 37.08
CA SER A 3 0.09 -3.86 35.69
C SER A 3 -0.60 -5.04 35.01
N GLY A 4 0.00 -6.22 35.12
CA GLY A 4 -0.56 -7.40 34.51
C GLY A 4 -0.13 -7.57 33.06
N SER A 5 -1.10 -7.76 32.17
CA SER A 5 -0.82 -7.95 30.76
C SER A 5 -0.34 -6.64 30.13
N SER A 6 0.94 -6.58 29.78
CA SER A 6 1.52 -5.39 29.18
C SER A 6 0.68 -4.93 27.99
N GLY A 7 0.78 -3.64 27.68
CA GLY A 7 0.02 -3.09 26.57
C GLY A 7 0.73 -3.29 25.24
N LYS A 8 0.03 -2.97 24.15
CA LYS A 8 0.59 -3.12 22.81
C LYS A 8 0.43 -1.84 22.01
N ARG A 9 1.54 -1.13 21.80
CA ARG A 9 1.52 0.12 21.05
C ARG A 9 1.10 -0.13 19.60
N THR A 10 0.40 0.85 19.02
CA THR A 10 -0.05 0.73 17.64
C THR A 10 0.68 1.72 16.73
N GLN A 11 0.82 1.34 15.47
CA GLN A 11 1.51 2.19 14.49
C GLN A 11 0.56 2.61 13.37
N PRO A 12 0.18 3.89 13.35
CA PRO A 12 -0.73 4.44 12.34
C PRO A 12 -0.07 4.52 10.97
N CYS A 13 -0.42 3.58 10.09
CA CYS A 13 0.14 3.55 8.75
C CYS A 13 -0.04 4.89 8.05
N THR A 14 1.07 5.50 7.66
CA THR A 14 1.04 6.79 6.98
C THR A 14 0.53 6.65 5.55
N TYR A 15 0.17 5.43 5.18
CA TYR A 15 -0.34 5.16 3.84
C TYR A 15 -1.86 5.05 3.83
N CYS A 16 -2.37 4.03 4.52
CA CYS A 16 -3.82 3.82 4.60
C CYS A 16 -4.42 4.58 5.78
N THR A 17 -3.59 5.38 6.44
CA THR A 17 -4.04 6.16 7.59
C THR A 17 -4.87 5.31 8.54
N LYS A 18 -4.51 4.05 8.66
CA LYS A 18 -5.22 3.12 9.54
C LYS A 18 -4.50 2.98 10.87
N GLU A 19 -5.00 2.07 11.72
CA GLU A 19 -4.40 1.84 13.02
C GLU A 19 -4.19 0.35 13.27
N PHE A 20 -2.96 -0.10 13.14
CA PHE A 20 -2.63 -1.51 13.34
C PHE A 20 -1.68 -1.68 14.53
N VAL A 21 -1.37 -2.93 14.87
CA VAL A 21 -0.48 -3.23 15.97
C VAL A 21 0.98 -3.15 15.54
N PHE A 22 1.75 -2.31 16.24
CA PHE A 22 3.16 -2.13 15.93
C PHE A 22 3.80 -3.46 15.53
N ASP A 23 3.27 -4.56 16.06
CA ASP A 23 3.79 -5.89 15.76
C ASP A 23 3.31 -6.35 14.39
N THR A 24 2.04 -6.10 14.09
CA THR A 24 1.45 -6.50 12.82
C THR A 24 1.84 -5.52 11.71
N ILE A 25 1.64 -4.23 11.96
CA ILE A 25 1.97 -3.20 10.99
C ILE A 25 3.19 -3.60 10.16
N GLN A 26 4.20 -4.15 10.84
CA GLN A 26 5.42 -4.57 10.17
C GLN A 26 5.10 -5.34 8.88
N SER A 27 4.35 -6.42 9.02
CA SER A 27 3.97 -7.24 7.87
C SER A 27 2.97 -6.52 6.99
N HIS A 28 1.92 -5.99 7.61
CA HIS A 28 0.88 -5.26 6.87
C HIS A 28 1.50 -4.38 5.79
N GLN A 29 2.48 -3.57 6.17
CA GLN A 29 3.16 -2.68 5.23
C GLN A 29 3.22 -3.30 3.85
N TYR A 30 3.46 -4.61 3.80
CA TYR A 30 3.55 -5.33 2.53
C TYR A 30 2.19 -5.41 1.86
N GLN A 31 1.18 -5.82 2.62
CA GLN A 31 -0.18 -5.95 2.08
C GLN A 31 -0.74 -4.58 1.70
N CYS A 32 -0.56 -3.61 2.59
CA CYS A 32 -1.04 -2.26 2.35
C CYS A 32 -1.01 -1.92 0.86
N PRO A 33 -2.18 -1.64 0.29
CA PRO A 33 -2.30 -1.30 -1.14
C PRO A 33 -1.72 0.07 -1.46
N ARG A 34 -2.12 1.07 -0.67
CA ARG A 34 -1.64 2.43 -0.88
C ARG A 34 -0.19 2.44 -1.36
N LEU A 35 0.61 1.51 -0.82
CA LEU A 35 2.02 1.40 -1.20
C LEU A 35 2.18 1.51 -2.71
N PRO A 36 3.10 2.40 -3.14
CA PRO A 36 3.38 2.63 -4.56
C PRO A 36 4.09 1.44 -5.20
N VAL A 37 3.69 1.11 -6.42
CA VAL A 37 4.29 0.00 -7.14
C VAL A 37 4.53 0.35 -8.60
N ALA A 38 5.76 0.16 -9.06
CA ALA A 38 6.12 0.46 -10.44
C ALA A 38 5.20 -0.25 -11.42
N CYS A 39 4.72 0.48 -12.42
CA CYS A 39 3.82 -0.07 -13.42
C CYS A 39 4.48 -1.22 -14.18
N PRO A 40 3.73 -2.31 -14.37
CA PRO A 40 4.23 -3.50 -15.06
C PRO A 40 4.41 -3.25 -16.56
N ASN A 41 3.63 -2.33 -17.11
CA ASN A 41 3.71 -2.00 -18.53
C ASN A 41 4.85 -1.02 -18.79
N GLN A 42 5.44 -0.51 -17.71
CA GLN A 42 6.54 0.44 -17.83
C GLN A 42 6.20 1.56 -18.81
N CYS A 43 5.06 2.21 -18.58
CA CYS A 43 4.61 3.29 -19.44
C CYS A 43 5.45 4.55 -19.21
N GLY A 44 5.58 4.94 -17.95
CA GLY A 44 6.36 6.12 -17.62
C GLY A 44 5.96 6.74 -16.29
N VAL A 45 4.67 6.67 -15.98
CA VAL A 45 4.16 7.23 -14.73
C VAL A 45 5.13 6.99 -13.59
N GLY A 46 5.91 5.92 -13.69
CA GLY A 46 6.88 5.61 -12.66
C GLY A 46 6.29 4.76 -11.55
N THR A 47 5.80 5.41 -10.49
CA THR A 47 5.21 4.70 -9.37
C THR A 47 3.75 5.08 -9.19
N VAL A 48 2.94 4.13 -8.73
CA VAL A 48 1.53 4.36 -8.52
C VAL A 48 0.95 3.36 -7.52
N ALA A 49 0.27 3.87 -6.51
CA ALA A 49 -0.33 3.02 -5.48
C ALA A 49 -0.89 1.74 -6.09
N ARG A 50 -0.96 0.69 -5.29
CA ARG A 50 -1.49 -0.60 -5.75
C ARG A 50 -2.96 -0.50 -6.09
N GLU A 51 -3.72 0.17 -5.22
CA GLU A 51 -5.16 0.34 -5.44
C GLU A 51 -5.44 1.44 -6.46
N ASP A 52 -4.37 1.93 -7.08
CA ASP A 52 -4.49 2.99 -8.09
C ASP A 52 -4.04 2.49 -9.46
N LEU A 53 -3.35 1.36 -9.47
CA LEU A 53 -2.85 0.78 -10.71
C LEU A 53 -4.01 0.39 -11.63
N PRO A 54 -5.04 -0.23 -11.04
CA PRO A 54 -6.23 -0.66 -11.80
C PRO A 54 -6.76 0.43 -12.71
N GLY A 55 -7.25 1.51 -12.11
CA GLY A 55 -7.80 2.61 -12.88
C GLY A 55 -6.78 3.19 -13.85
N HIS A 56 -5.50 3.04 -13.53
CA HIS A 56 -4.43 3.55 -14.38
C HIS A 56 -4.30 2.71 -15.65
N LEU A 57 -4.17 1.40 -15.47
CA LEU A 57 -4.03 0.49 -16.60
C LEU A 57 -5.21 0.64 -17.57
N LYS A 58 -6.30 1.22 -17.08
CA LYS A 58 -7.49 1.42 -17.89
C LYS A 58 -7.23 2.48 -18.96
N ASP A 59 -6.98 3.72 -18.52
CA ASP A 59 -6.73 4.82 -19.44
C ASP A 59 -5.31 5.34 -19.29
N SER A 60 -4.96 5.73 -18.07
CA SER A 60 -3.62 6.25 -17.78
C SER A 60 -2.57 5.56 -18.64
N CYS A 61 -2.33 4.28 -18.35
CA CYS A 61 -1.36 3.50 -19.10
C CYS A 61 -1.68 3.49 -20.59
N ASN A 62 -0.64 3.39 -21.41
CA ASN A 62 -0.82 3.37 -22.86
C ASN A 62 -0.01 2.25 -23.49
N THR A 63 -0.11 2.12 -24.82
CA THR A 63 0.62 1.08 -25.54
C THR A 63 0.62 -0.23 -24.77
N ALA A 64 -0.53 -0.56 -24.17
CA ALA A 64 -0.66 -1.79 -23.40
C ALA A 64 -1.59 -2.77 -24.11
N LEU A 65 -1.23 -4.05 -24.07
CA LEU A 65 -2.03 -5.09 -24.70
C LEU A 65 -3.49 -4.99 -24.27
N VAL A 66 -3.70 -4.78 -22.97
CA VAL A 66 -5.05 -4.66 -22.42
C VAL A 66 -5.06 -3.81 -21.15
ZN ZN B . -1.28 0.61 5.53
ZN ZN C . 1.31 2.07 -16.88
N GLY A 1 8.74 -4.86 39.96
CA GLY A 1 8.37 -5.02 38.57
C GLY A 1 7.95 -6.44 38.23
N SER A 2 8.84 -7.17 37.55
CA SER A 2 8.56 -8.54 37.16
C SER A 2 7.20 -8.65 36.48
N SER A 3 6.91 -7.69 35.61
CA SER A 3 5.63 -7.67 34.90
C SER A 3 5.85 -7.86 33.40
N GLY A 4 5.08 -8.75 32.80
CA GLY A 4 5.20 -9.01 31.38
C GLY A 4 4.52 -7.96 30.53
N SER A 5 4.32 -8.26 29.26
CA SER A 5 3.67 -7.33 28.34
C SER A 5 2.17 -7.57 28.29
N SER A 6 1.78 -8.82 28.12
CA SER A 6 0.36 -9.19 28.05
C SER A 6 -0.42 -8.16 27.24
N GLY A 7 0.16 -7.72 26.13
CA GLY A 7 -0.49 -6.73 25.28
C GLY A 7 0.43 -6.18 24.22
N LYS A 8 -0.14 -5.85 23.06
CA LYS A 8 0.64 -5.32 21.95
C LYS A 8 0.08 -3.97 21.50
N ARG A 9 0.95 -2.99 21.35
CA ARG A 9 0.54 -1.66 20.92
C ARG A 9 0.24 -1.64 19.42
N THR A 10 -0.50 -0.62 18.98
CA THR A 10 -0.86 -0.48 17.58
C THR A 10 -0.21 0.75 16.96
N GLN A 11 0.34 0.58 15.76
CA GLN A 11 0.99 1.68 15.06
C GLN A 11 0.14 2.16 13.88
N PRO A 12 -0.32 3.42 13.96
CA PRO A 12 -1.14 4.02 12.91
C PRO A 12 -0.36 4.27 11.62
N CYS A 13 -0.62 3.46 10.61
CA CYS A 13 0.06 3.59 9.32
C CYS A 13 -0.17 4.97 8.73
N THR A 14 0.89 5.56 8.16
CA THR A 14 0.81 6.88 7.56
C THR A 14 0.34 6.79 6.12
N TYR A 15 0.37 5.58 5.56
CA TYR A 15 -0.05 5.37 4.18
C TYR A 15 -1.57 5.24 4.08
N CYS A 16 -2.10 4.19 4.70
CA CYS A 16 -3.54 3.95 4.69
C CYS A 16 -4.23 4.70 5.81
N THR A 17 -3.44 5.44 6.60
CA THR A 17 -3.99 6.21 7.71
C THR A 17 -4.89 5.36 8.58
N LYS A 18 -4.54 4.09 8.74
CA LYS A 18 -5.32 3.17 9.56
C LYS A 18 -4.55 2.74 10.80
N GLU A 19 -5.23 2.07 11.72
CA GLU A 19 -4.61 1.61 12.95
C GLU A 19 -4.36 0.11 12.89
N PHE A 20 -3.09 -0.29 13.07
CA PHE A 20 -2.72 -1.69 13.04
C PHE A 20 -1.70 -2.00 14.14
N VAL A 21 -1.36 -3.27 14.27
CA VAL A 21 -0.39 -3.72 15.28
C VAL A 21 1.03 -3.32 14.89
N PHE A 22 1.83 -2.98 15.89
CA PHE A 22 3.21 -2.57 15.65
C PHE A 22 4.02 -3.73 15.09
N ASP A 23 3.62 -4.95 15.43
CA ASP A 23 4.31 -6.15 14.95
C ASP A 23 3.96 -6.42 13.49
N THR A 24 2.68 -6.30 13.14
CA THR A 24 2.22 -6.53 11.78
C THR A 24 2.64 -5.39 10.86
N ILE A 25 2.46 -4.16 11.34
CA ILE A 25 2.81 -2.99 10.54
C ILE A 25 4.03 -3.25 9.68
N GLN A 26 4.94 -4.07 10.18
CA GLN A 26 6.16 -4.41 9.44
C GLN A 26 5.82 -5.02 8.09
N SER A 27 5.08 -6.13 8.11
CA SER A 27 4.68 -6.81 6.88
C SER A 27 3.54 -6.08 6.20
N HIS A 28 2.57 -5.63 6.98
CA HIS A 28 1.43 -4.90 6.46
C HIS A 28 1.85 -3.93 5.37
N GLN A 29 2.90 -3.16 5.65
CA GLN A 29 3.41 -2.18 4.69
C GLN A 29 3.34 -2.72 3.27
N TYR A 30 3.64 -4.01 3.11
CA TYR A 30 3.61 -4.65 1.80
C TYR A 30 2.18 -4.74 1.26
N GLN A 31 1.24 -5.05 2.16
CA GLN A 31 -0.15 -5.17 1.78
C GLN A 31 -0.77 -3.79 1.54
N CYS A 32 -0.36 -2.82 2.33
CA CYS A 32 -0.87 -1.46 2.19
C CYS A 32 -1.16 -1.13 0.73
N PRO A 33 -2.44 -0.84 0.43
CA PRO A 33 -2.87 -0.51 -0.93
C PRO A 33 -2.35 0.86 -1.39
N ARG A 34 -2.06 1.73 -0.42
CA ARG A 34 -1.56 3.06 -0.72
C ARG A 34 -0.04 3.04 -0.93
N LEU A 35 0.47 1.88 -1.34
CA LEU A 35 1.90 1.74 -1.58
C LEU A 35 2.21 1.83 -3.07
N PRO A 36 3.22 2.65 -3.42
CA PRO A 36 3.64 2.84 -4.81
C PRO A 36 4.33 1.61 -5.38
N VAL A 37 3.77 1.06 -6.44
CA VAL A 37 4.33 -0.13 -7.07
C VAL A 37 4.63 0.14 -8.54
N ALA A 38 5.75 -0.41 -9.01
CA ALA A 38 6.16 -0.23 -10.41
C ALA A 38 5.19 -0.92 -11.35
N CYS A 39 4.70 -0.17 -12.34
CA CYS A 39 3.76 -0.71 -13.32
C CYS A 39 4.36 -1.92 -14.04
N PRO A 40 3.57 -3.00 -14.14
CA PRO A 40 4.00 -4.24 -14.80
C PRO A 40 4.13 -4.07 -16.31
N ASN A 41 3.61 -2.96 -16.83
CA ASN A 41 3.66 -2.68 -18.25
C ASN A 41 4.83 -1.76 -18.58
N GLN A 42 5.48 -1.24 -17.55
CA GLN A 42 6.61 -0.35 -17.73
C GLN A 42 6.30 0.73 -18.76
N CYS A 43 5.20 1.43 -18.55
CA CYS A 43 4.78 2.50 -19.47
C CYS A 43 5.68 3.72 -19.30
N GLY A 44 5.79 4.21 -18.08
CA GLY A 44 6.62 5.38 -17.81
C GLY A 44 6.29 6.03 -16.49
N VAL A 45 5.03 5.95 -16.08
CA VAL A 45 4.58 6.54 -14.83
C VAL A 45 5.57 6.23 -13.70
N GLY A 46 6.31 5.14 -13.86
CA GLY A 46 7.28 4.75 -12.85
C GLY A 46 6.64 3.95 -11.72
N THR A 47 6.02 4.65 -10.78
CA THR A 47 5.38 4.00 -9.65
C THR A 47 3.98 4.56 -9.42
N VAL A 48 3.09 3.71 -8.92
CA VAL A 48 1.71 4.10 -8.66
C VAL A 48 1.07 3.21 -7.60
N ALA A 49 0.35 3.82 -6.67
CA ALA A 49 -0.32 3.09 -5.60
C ALA A 49 -0.85 1.75 -6.12
N ARG A 50 -0.87 0.76 -5.23
CA ARG A 50 -1.36 -0.57 -5.60
C ARG A 50 -2.84 -0.53 -5.92
N GLU A 51 -3.56 0.38 -5.27
CA GLU A 51 -5.00 0.52 -5.49
C GLU A 51 -5.28 1.44 -6.67
N ASP A 52 -4.22 1.98 -7.26
CA ASP A 52 -4.36 2.88 -8.39
C ASP A 52 -3.96 2.19 -9.69
N LEU A 53 -3.16 1.13 -9.56
CA LEU A 53 -2.70 0.38 -10.73
C LEU A 53 -3.88 -0.12 -11.55
N PRO A 54 -4.89 -0.66 -10.87
CA PRO A 54 -6.10 -1.19 -11.52
C PRO A 54 -6.68 -0.22 -12.54
N GLY A 55 -7.15 0.93 -12.07
CA GLY A 55 -7.71 1.92 -12.97
C GLY A 55 -6.71 2.43 -13.99
N HIS A 56 -5.48 2.64 -13.55
CA HIS A 56 -4.42 3.12 -14.42
C HIS A 56 -4.25 2.20 -15.63
N LEU A 57 -4.15 0.90 -15.37
CA LEU A 57 -3.98 -0.08 -16.43
C LEU A 57 -5.13 0.01 -17.44
N LYS A 58 -6.29 0.47 -16.97
CA LYS A 58 -7.46 0.60 -17.82
C LYS A 58 -7.14 1.47 -19.04
N ASP A 59 -6.89 2.75 -18.80
CA ASP A 59 -6.58 3.69 -19.87
C ASP A 59 -5.22 4.33 -19.65
N SER A 60 -5.01 4.88 -18.45
CA SER A 60 -3.74 5.52 -18.13
C SER A 60 -2.58 4.86 -18.85
N CYS A 61 -2.28 3.63 -18.45
CA CYS A 61 -1.19 2.87 -19.07
C CYS A 61 -1.32 2.86 -20.59
N ASN A 62 -0.19 2.93 -21.28
CA ASN A 62 -0.18 2.93 -22.73
C ASN A 62 0.55 1.71 -23.27
N THR A 63 -0.14 0.57 -23.29
CA THR A 63 0.43 -0.67 -23.79
C THR A 63 -0.23 -1.10 -25.09
N ALA A 64 0.59 -1.51 -26.06
CA ALA A 64 0.10 -1.95 -27.35
C ALA A 64 -1.11 -2.86 -27.19
N LEU A 65 -1.85 -3.04 -28.27
CA LEU A 65 -3.03 -3.91 -28.25
C LEU A 65 -2.70 -5.28 -27.69
N VAL A 66 -3.70 -5.96 -27.16
CA VAL A 66 -3.51 -7.29 -26.59
C VAL A 66 -2.91 -8.25 -27.61
ZN ZN B . -0.91 0.95 5.67
ZN ZN C . 1.35 1.59 -16.76
N GLY A 1 7.79 3.12 40.79
CA GLY A 1 6.65 3.01 39.90
C GLY A 1 7.02 2.41 38.56
N SER A 2 6.51 1.21 38.28
CA SER A 2 6.80 0.54 37.02
C SER A 2 5.67 -0.43 36.66
N SER A 3 5.64 -0.83 35.39
CA SER A 3 4.61 -1.74 34.91
C SER A 3 5.21 -2.80 33.99
N GLY A 4 4.62 -4.00 34.01
CA GLY A 4 5.11 -5.09 33.19
C GLY A 4 4.00 -5.97 32.67
N SER A 5 2.96 -5.35 32.09
CA SER A 5 1.83 -6.09 31.57
C SER A 5 2.15 -6.66 30.19
N SER A 6 1.35 -7.63 29.75
CA SER A 6 1.54 -8.27 28.46
C SER A 6 0.44 -7.87 27.49
N GLY A 7 0.68 -6.78 26.76
CA GLY A 7 -0.30 -6.31 25.80
C GLY A 7 0.25 -6.26 24.38
N LYS A 8 -0.37 -5.45 23.54
CA LYS A 8 0.05 -5.30 22.16
C LYS A 8 -0.11 -3.86 21.68
N ARG A 9 1.00 -3.24 21.29
CA ARG A 9 0.98 -1.86 20.81
C ARG A 9 0.58 -1.81 19.34
N THR A 10 -0.20 -0.80 18.98
CA THR A 10 -0.65 -0.64 17.61
C THR A 10 -0.11 0.66 17.00
N GLN A 11 0.45 0.57 15.80
CA GLN A 11 1.00 1.74 15.11
C GLN A 11 0.11 2.15 13.95
N PRO A 12 -0.50 3.34 14.07
CA PRO A 12 -1.39 3.88 13.04
C PRO A 12 -0.63 4.29 11.78
N CYS A 13 -0.73 3.47 10.74
CA CYS A 13 -0.06 3.75 9.48
C CYS A 13 -0.41 5.13 8.96
N THR A 14 0.55 5.78 8.30
CA THR A 14 0.34 7.11 7.76
C THR A 14 -0.21 7.05 6.34
N TYR A 15 0.09 5.96 5.64
CA TYR A 15 -0.37 5.78 4.28
C TYR A 15 -1.88 5.49 4.23
N CYS A 16 -2.26 4.32 4.71
CA CYS A 16 -3.66 3.93 4.73
C CYS A 16 -4.40 4.61 5.87
N THR A 17 -3.66 5.36 6.68
CA THR A 17 -4.24 6.08 7.82
C THR A 17 -5.12 5.16 8.65
N LYS A 18 -4.68 3.92 8.83
CA LYS A 18 -5.41 2.93 9.62
C LYS A 18 -4.57 2.42 10.78
N GLU A 19 -5.22 1.78 11.73
CA GLU A 19 -4.54 1.24 12.90
C GLU A 19 -4.17 -0.22 12.68
N PHE A 20 -2.89 -0.55 12.91
CA PHE A 20 -2.40 -1.91 12.73
C PHE A 20 -1.46 -2.29 13.87
N VAL A 21 -1.27 -3.59 14.06
CA VAL A 21 -0.39 -4.09 15.10
C VAL A 21 1.07 -3.78 14.80
N PHE A 22 1.81 -3.37 15.82
CA PHE A 22 3.22 -3.03 15.66
C PHE A 22 4.01 -4.23 15.16
N ASP A 23 3.63 -5.42 15.62
CA ASP A 23 4.30 -6.65 15.22
C ASP A 23 4.00 -6.98 13.75
N THR A 24 2.96 -6.35 13.21
CA THR A 24 2.57 -6.58 11.83
C THR A 24 2.93 -5.39 10.94
N ILE A 25 3.09 -4.23 11.57
CA ILE A 25 3.44 -3.01 10.85
C ILE A 25 4.62 -3.24 9.92
N GLN A 26 5.36 -4.33 10.16
CA GLN A 26 6.52 -4.65 9.34
C GLN A 26 6.09 -5.29 8.02
N SER A 27 5.11 -6.19 8.09
CA SER A 27 4.61 -6.86 6.90
C SER A 27 3.56 -6.02 6.19
N HIS A 28 2.64 -5.46 6.98
CA HIS A 28 1.57 -4.63 6.43
C HIS A 28 2.12 -3.66 5.38
N GLN A 29 3.21 -2.99 5.72
CA GLN A 29 3.83 -2.03 4.81
C GLN A 29 3.71 -2.49 3.36
N TYR A 30 3.82 -3.80 3.16
CA TYR A 30 3.71 -4.38 1.82
C TYR A 30 2.27 -4.41 1.35
N GLN A 31 1.37 -4.83 2.22
CA GLN A 31 -0.05 -4.91 1.90
C GLN A 31 -0.62 -3.52 1.64
N CYS A 32 -0.32 -2.59 2.54
CA CYS A 32 -0.81 -1.22 2.41
C CYS A 32 -0.88 -0.80 0.94
N PRO A 33 -2.12 -0.60 0.44
CA PRO A 33 -2.35 -0.19 -0.94
C PRO A 33 -1.90 1.24 -1.21
N ARG A 34 -2.34 2.17 -0.37
CA ARG A 34 -1.97 3.57 -0.52
C ARG A 34 -0.52 3.70 -0.98
N LEU A 35 0.31 2.75 -0.59
CA LEU A 35 1.72 2.78 -0.96
C LEU A 35 1.89 2.70 -2.47
N PRO A 36 2.73 3.58 -3.03
CA PRO A 36 3.00 3.64 -4.46
C PRO A 36 3.79 2.43 -4.95
N VAL A 37 3.43 1.93 -6.13
CA VAL A 37 4.11 0.78 -6.70
C VAL A 37 4.32 0.96 -8.20
N ALA A 38 5.57 0.83 -8.64
CA ALA A 38 5.90 0.97 -10.05
C ALA A 38 5.08 0.02 -10.91
N CYS A 39 4.62 0.51 -12.06
CA CYS A 39 3.83 -0.29 -12.97
C CYS A 39 4.59 -1.53 -13.42
N PRO A 40 3.93 -2.68 -13.40
CA PRO A 40 4.52 -3.96 -13.80
C PRO A 40 4.78 -4.04 -15.30
N ASN A 41 4.44 -2.95 -16.00
CA ASN A 41 4.64 -2.90 -17.45
C ASN A 41 5.56 -1.74 -17.82
N GLN A 42 6.16 -1.12 -16.82
CA GLN A 42 7.06 0.01 -17.05
C GLN A 42 6.57 0.89 -18.19
N CYS A 43 5.26 1.12 -18.23
CA CYS A 43 4.66 1.93 -19.28
C CYS A 43 5.25 3.33 -19.28
N GLY A 44 5.34 3.94 -18.10
CA GLY A 44 5.90 5.27 -18.00
C GLY A 44 5.32 6.05 -16.82
N VAL A 45 4.05 5.81 -16.53
CA VAL A 45 3.39 6.49 -15.42
C VAL A 45 4.34 6.68 -14.23
N GLY A 46 5.19 5.68 -14.01
CA GLY A 46 6.13 5.75 -12.91
C GLY A 46 5.61 5.07 -11.66
N THR A 47 5.16 5.88 -10.70
CA THR A 47 4.63 5.36 -9.45
C THR A 47 3.16 5.73 -9.27
N VAL A 48 2.32 4.71 -9.08
CA VAL A 48 0.89 4.94 -8.89
C VAL A 48 0.37 4.14 -7.70
N ALA A 49 -0.58 4.73 -6.98
CA ALA A 49 -1.17 4.06 -5.82
C ALA A 49 -1.68 2.68 -6.18
N ARG A 50 -1.43 1.71 -5.30
CA ARG A 50 -1.87 0.34 -5.53
C ARG A 50 -3.34 0.29 -5.92
N GLU A 51 -4.18 0.88 -5.08
CA GLU A 51 -5.63 0.90 -5.34
C GLU A 51 -5.94 1.74 -6.56
N ASP A 52 -4.92 2.37 -7.13
CA ASP A 52 -5.08 3.20 -8.33
C ASP A 52 -4.56 2.47 -9.56
N LEU A 53 -3.81 1.40 -9.34
CA LEU A 53 -3.24 0.63 -10.45
C LEU A 53 -4.35 0.05 -11.33
N PRO A 54 -5.40 -0.47 -10.68
CA PRO A 54 -6.55 -1.07 -11.39
C PRO A 54 -7.06 -0.17 -12.51
N GLY A 55 -7.57 1.00 -12.15
CA GLY A 55 -8.08 1.93 -13.14
C GLY A 55 -7.06 2.29 -14.20
N HIS A 56 -5.82 2.55 -13.76
CA HIS A 56 -4.74 2.90 -14.68
C HIS A 56 -4.57 1.82 -15.74
N LEU A 57 -4.34 0.58 -15.30
CA LEU A 57 -4.16 -0.54 -16.23
C LEU A 57 -5.35 -0.68 -17.17
N LYS A 58 -6.44 0.00 -16.82
CA LYS A 58 -7.66 -0.04 -17.64
C LYS A 58 -7.41 0.59 -19.01
N ASP A 59 -7.15 1.88 -19.02
CA ASP A 59 -6.89 2.61 -20.26
C ASP A 59 -5.51 3.26 -20.24
N SER A 60 -5.25 4.03 -19.19
CA SER A 60 -3.97 4.71 -19.05
C SER A 60 -2.83 3.87 -19.62
N CYS A 61 -2.58 2.72 -18.98
CA CYS A 61 -1.52 1.83 -19.43
C CYS A 61 -1.79 1.32 -20.84
N ASN A 62 -0.85 0.55 -21.37
CA ASN A 62 -0.98 0.01 -22.72
C ASN A 62 -0.03 -1.16 -22.93
N THR A 63 -0.37 -2.04 -23.87
CA THR A 63 0.47 -3.20 -24.17
C THR A 63 1.43 -2.90 -25.32
N ALA A 64 2.58 -3.57 -25.30
CA ALA A 64 3.58 -3.38 -26.35
C ALA A 64 3.81 -1.89 -26.63
N LEU A 65 3.88 -1.10 -25.58
CA LEU A 65 4.10 0.34 -25.72
C LEU A 65 5.57 0.69 -25.58
N VAL A 66 6.07 1.50 -26.51
CA VAL A 66 7.47 1.91 -26.50
C VAL A 66 7.80 2.67 -25.22
ZN ZN B . -0.85 1.27 5.69
ZN ZN C . 1.16 1.21 -16.64
N GLY A 1 -6.88 -4.95 25.36
CA GLY A 1 -6.80 -4.62 26.77
C GLY A 1 -7.23 -5.77 27.66
N SER A 2 -6.30 -6.69 27.93
CA SER A 2 -6.58 -7.84 28.76
C SER A 2 -6.07 -7.62 30.19
N SER A 3 -5.08 -6.75 30.33
CA SER A 3 -4.50 -6.45 31.63
C SER A 3 -4.11 -4.98 31.72
N GLY A 4 -4.77 -4.25 32.60
CA GLY A 4 -4.48 -2.84 32.77
C GLY A 4 -4.36 -2.10 31.45
N SER A 5 -3.18 -1.58 31.17
CA SER A 5 -2.93 -0.84 29.94
C SER A 5 -3.06 -1.76 28.72
N SER A 6 -3.03 -1.18 27.54
CA SER A 6 -3.13 -1.94 26.30
C SER A 6 -2.07 -3.04 26.25
N GLY A 7 -2.53 -4.29 26.26
CA GLY A 7 -1.61 -5.41 26.21
C GLY A 7 -0.67 -5.34 25.02
N LYS A 8 -1.24 -5.17 23.84
CA LYS A 8 -0.44 -5.09 22.61
C LYS A 8 -0.35 -3.65 22.12
N ARG A 9 0.69 -3.37 21.35
CA ARG A 9 0.91 -2.03 20.81
C ARG A 9 0.29 -1.89 19.42
N THR A 10 0.16 -0.66 18.94
CA THR A 10 -0.40 -0.40 17.63
C THR A 10 0.38 0.69 16.91
N GLN A 11 0.65 0.47 15.62
CA GLN A 11 1.39 1.44 14.81
C GLN A 11 0.49 2.02 13.71
N PRO A 12 0.09 3.28 13.90
CA PRO A 12 -0.76 3.99 12.94
C PRO A 12 -0.03 4.31 11.64
N CYS A 13 -0.29 3.51 10.62
CA CYS A 13 0.34 3.71 9.31
C CYS A 13 0.10 5.12 8.81
N THR A 14 1.12 5.69 8.16
CA THR A 14 1.02 7.04 7.63
C THR A 14 0.50 7.04 6.19
N TYR A 15 0.47 5.86 5.59
CA TYR A 15 -0.01 5.71 4.22
C TYR A 15 -1.52 5.55 4.19
N CYS A 16 -2.00 4.43 4.74
CA CYS A 16 -3.43 4.15 4.78
C CYS A 16 -4.10 4.86 5.95
N THR A 17 -3.29 5.56 6.75
CA THR A 17 -3.79 6.28 7.91
C THR A 17 -4.71 5.41 8.75
N LYS A 18 -4.36 4.14 8.86
CA LYS A 18 -5.15 3.19 9.64
C LYS A 18 -4.46 2.88 10.97
N GLU A 19 -5.03 1.95 11.73
CA GLU A 19 -4.48 1.56 13.03
C GLU A 19 -4.35 0.05 13.13
N PHE A 20 -3.13 -0.46 12.96
CA PHE A 20 -2.87 -1.89 13.04
C PHE A 20 -1.89 -2.21 14.16
N VAL A 21 -1.68 -3.49 14.40
CA VAL A 21 -0.76 -3.93 15.45
C VAL A 21 0.69 -3.71 15.03
N PHE A 22 1.53 -3.35 16.00
CA PHE A 22 2.95 -3.11 15.73
C PHE A 22 3.61 -4.36 15.15
N ASP A 23 3.16 -5.53 15.60
CA ASP A 23 3.72 -6.79 15.12
C ASP A 23 3.33 -7.04 13.67
N THR A 24 2.13 -6.61 13.30
CA THR A 24 1.65 -6.79 11.94
C THR A 24 2.17 -5.69 11.02
N ILE A 25 2.35 -4.50 11.58
CA ILE A 25 2.86 -3.36 10.81
C ILE A 25 4.09 -3.75 10.00
N GLN A 26 4.73 -4.85 10.40
CA GLN A 26 5.93 -5.32 9.71
C GLN A 26 5.59 -5.85 8.32
N SER A 27 4.55 -6.68 8.25
CA SER A 27 4.13 -7.27 6.97
C SER A 27 3.12 -6.35 6.28
N HIS A 28 2.24 -5.76 7.07
CA HIS A 28 1.21 -4.85 6.53
C HIS A 28 1.82 -3.91 5.49
N GLN A 29 2.90 -3.25 5.86
CA GLN A 29 3.57 -2.32 4.95
C GLN A 29 3.47 -2.80 3.51
N TYR A 30 3.57 -4.12 3.32
CA TYR A 30 3.49 -4.71 1.99
C TYR A 30 2.06 -4.70 1.47
N GLN A 31 1.13 -5.12 2.32
CA GLN A 31 -0.28 -5.17 1.94
C GLN A 31 -0.81 -3.77 1.64
N CYS A 32 -0.42 -2.81 2.46
CA CYS A 32 -0.87 -1.43 2.28
C CYS A 32 -1.00 -1.10 0.79
N PRO A 33 -2.24 -0.76 0.38
CA PRO A 33 -2.54 -0.41 -1.01
C PRO A 33 -1.92 0.93 -1.42
N ARG A 34 -2.14 1.95 -0.60
CA ARG A 34 -1.60 3.28 -0.87
C ARG A 34 -0.19 3.20 -1.43
N LEU A 35 0.59 2.25 -0.89
CA LEU A 35 1.98 2.07 -1.33
C LEU A 35 2.08 2.11 -2.85
N PRO A 36 2.94 3.00 -3.36
CA PRO A 36 3.15 3.16 -4.80
C PRO A 36 3.87 1.96 -5.42
N VAL A 37 3.50 1.63 -6.65
CA VAL A 37 4.11 0.51 -7.35
C VAL A 37 4.34 0.84 -8.82
N ALA A 38 5.58 0.66 -9.27
CA ALA A 38 5.94 0.94 -10.65
C ALA A 38 5.07 0.15 -11.62
N CYS A 39 4.70 0.78 -12.73
CA CYS A 39 3.86 0.14 -13.73
C CYS A 39 4.60 -1.01 -14.41
N PRO A 40 3.90 -2.14 -14.56
CA PRO A 40 4.47 -3.35 -15.19
C PRO A 40 4.69 -3.17 -16.68
N ASN A 41 4.05 -2.15 -17.25
CA ASN A 41 4.19 -1.86 -18.68
C ASN A 41 5.25 -0.80 -18.93
N GLN A 42 5.76 -0.23 -17.85
CA GLN A 42 6.79 0.81 -17.96
C GLN A 42 6.40 1.87 -18.98
N CYS A 43 5.21 2.44 -18.82
CA CYS A 43 4.71 3.46 -19.74
C CYS A 43 5.46 4.77 -19.53
N GLY A 44 5.47 5.25 -18.29
CA GLY A 44 6.16 6.49 -17.99
C GLY A 44 5.68 7.13 -16.70
N VAL A 45 4.45 6.80 -16.31
CA VAL A 45 3.86 7.33 -15.08
C VAL A 45 4.83 7.19 -13.91
N GLY A 46 5.76 6.26 -14.03
CA GLY A 46 6.73 6.04 -12.97
C GLY A 46 6.18 5.19 -11.83
N THR A 47 5.57 5.85 -10.85
CA THR A 47 5.00 5.16 -9.71
C THR A 47 3.53 5.51 -9.53
N VAL A 48 2.75 4.55 -9.07
CA VAL A 48 1.32 4.75 -8.85
C VAL A 48 0.78 3.82 -7.78
N ALA A 49 -0.02 4.35 -6.87
CA ALA A 49 -0.60 3.56 -5.79
C ALA A 49 -1.02 2.19 -6.29
N ARG A 50 -1.02 1.21 -5.39
CA ARG A 50 -1.41 -0.15 -5.74
C ARG A 50 -2.91 -0.24 -6.02
N GLU A 51 -3.68 0.59 -5.33
CA GLU A 51 -5.13 0.61 -5.50
C GLU A 51 -5.54 1.57 -6.61
N ASP A 52 -4.55 2.24 -7.19
CA ASP A 52 -4.80 3.19 -8.27
C ASP A 52 -4.20 2.71 -9.58
N LEU A 53 -3.28 1.74 -9.47
CA LEU A 53 -2.63 1.19 -10.66
C LEU A 53 -3.64 0.53 -11.59
N PRO A 54 -4.57 -0.24 -11.00
CA PRO A 54 -5.60 -0.94 -11.77
C PRO A 54 -6.31 -0.02 -12.77
N GLY A 55 -7.01 0.98 -12.24
CA GLY A 55 -7.72 1.92 -13.10
C GLY A 55 -6.82 2.52 -14.16
N HIS A 56 -5.55 2.68 -13.83
CA HIS A 56 -4.58 3.26 -14.76
C HIS A 56 -4.33 2.32 -15.94
N LEU A 57 -4.04 1.06 -15.64
CA LEU A 57 -3.79 0.06 -16.67
C LEU A 57 -4.99 -0.06 -17.61
N LYS A 58 -6.16 0.33 -17.12
CA LYS A 58 -7.38 0.26 -17.92
C LYS A 58 -7.25 1.11 -19.18
N ASP A 59 -7.11 2.42 -18.99
CA ASP A 59 -6.98 3.33 -20.12
C ASP A 59 -5.71 4.17 -20.00
N SER A 60 -5.49 4.73 -18.81
CA SER A 60 -4.33 5.56 -18.55
C SER A 60 -3.11 5.03 -19.31
N CYS A 61 -2.64 3.85 -18.92
CA CYS A 61 -1.49 3.22 -19.56
C CYS A 61 -1.67 3.17 -21.07
N ASN A 62 -2.84 2.73 -21.50
CA ASN A 62 -3.14 2.62 -22.93
C ASN A 62 -3.88 3.86 -23.42
N THR A 63 -3.11 4.88 -23.81
CA THR A 63 -3.70 6.12 -24.31
C THR A 63 -4.93 5.84 -25.16
N ALA A 64 -4.77 5.00 -26.17
CA ALA A 64 -5.87 4.65 -27.07
C ALA A 64 -6.42 3.27 -26.74
N LEU A 65 -7.40 3.22 -25.85
CA LEU A 65 -8.02 1.96 -25.46
C LEU A 65 -9.53 1.99 -25.69
N VAL A 66 -10.19 3.01 -25.15
CA VAL A 66 -11.62 3.16 -25.30
C VAL A 66 -11.96 4.32 -26.23
ZN ZN B . -0.73 1.12 5.69
ZN ZN C . 1.26 2.20 -17.19
N GLY A 1 -15.07 3.51 26.29
CA GLY A 1 -14.88 2.34 25.45
C GLY A 1 -15.25 1.05 26.15
N SER A 2 -15.01 -0.07 25.49
CA SER A 2 -15.33 -1.38 26.05
C SER A 2 -14.14 -2.34 25.92
N SER A 3 -13.58 -2.40 24.72
CA SER A 3 -12.44 -3.27 24.45
C SER A 3 -11.24 -2.89 25.33
N GLY A 4 -10.58 -3.89 25.90
CA GLY A 4 -9.43 -3.63 26.74
C GLY A 4 -8.48 -4.81 26.80
N SER A 5 -7.81 -4.97 27.94
CA SER A 5 -6.86 -6.06 28.12
C SER A 5 -5.98 -6.21 26.88
N SER A 6 -5.51 -5.08 26.36
CA SER A 6 -4.64 -5.10 25.18
C SER A 6 -3.22 -4.70 25.54
N GLY A 7 -2.26 -5.54 25.16
CA GLY A 7 -0.87 -5.27 25.45
C GLY A 7 -0.11 -4.76 24.24
N LYS A 8 -0.18 -5.51 23.15
CA LYS A 8 0.50 -5.14 21.91
C LYS A 8 0.13 -3.73 21.49
N ARG A 9 1.13 -2.91 21.20
CA ARG A 9 0.91 -1.54 20.78
C ARG A 9 0.45 -1.48 19.33
N THR A 10 0.00 -0.30 18.90
CA THR A 10 -0.48 -0.11 17.53
C THR A 10 0.22 1.06 16.86
N GLN A 11 0.50 0.93 15.57
CA GLN A 11 1.16 1.99 14.82
C GLN A 11 0.27 2.48 13.68
N PRO A 12 -0.11 3.76 13.74
CA PRO A 12 -0.96 4.38 12.72
C PRO A 12 -0.23 4.57 11.40
N CYS A 13 -0.44 3.63 10.48
CA CYS A 13 0.21 3.68 9.17
C CYS A 13 -0.03 5.05 8.52
N THR A 14 1.03 5.61 7.94
CA THR A 14 0.95 6.90 7.28
C THR A 14 0.46 6.75 5.85
N TYR A 15 0.41 5.52 5.36
CA TYR A 15 -0.04 5.25 4.01
C TYR A 15 -1.56 5.10 3.96
N CYS A 16 -2.07 4.01 4.54
CA CYS A 16 -3.49 3.76 4.56
C CYS A 16 -4.18 4.58 5.66
N THR A 17 -3.39 5.36 6.38
CA THR A 17 -3.92 6.19 7.45
C THR A 17 -4.86 5.40 8.36
N LYS A 18 -4.46 4.18 8.68
CA LYS A 18 -5.27 3.33 9.55
C LYS A 18 -4.45 2.83 10.74
N GLU A 19 -5.15 2.41 11.78
CA GLU A 19 -4.49 1.91 12.99
C GLU A 19 -4.26 0.40 12.90
N PHE A 20 -3.03 -0.02 13.17
CA PHE A 20 -2.67 -1.43 13.12
C PHE A 20 -1.77 -1.80 14.28
N VAL A 21 -1.52 -3.11 14.45
CA VAL A 21 -0.66 -3.59 15.52
C VAL A 21 0.81 -3.36 15.19
N PHE A 22 1.65 -3.36 16.23
CA PHE A 22 3.08 -3.15 16.06
C PHE A 22 3.76 -4.41 15.53
N ASP A 23 3.20 -5.56 15.90
CA ASP A 23 3.75 -6.84 15.46
C ASP A 23 3.44 -7.10 13.99
N THR A 24 2.43 -6.40 13.48
CA THR A 24 2.02 -6.55 12.08
C THR A 24 2.48 -5.37 11.24
N ILE A 25 2.22 -4.16 11.73
CA ILE A 25 2.60 -2.95 11.02
C ILE A 25 3.91 -3.15 10.27
N GLN A 26 4.81 -3.94 10.85
CA GLN A 26 6.11 -4.21 10.23
C GLN A 26 5.93 -4.81 8.84
N SER A 27 5.21 -5.92 8.78
CA SER A 27 4.97 -6.60 7.50
C SER A 27 3.89 -5.87 6.70
N HIS A 28 2.83 -5.46 7.38
CA HIS A 28 1.72 -4.76 6.73
C HIS A 28 2.26 -3.71 5.76
N GLN A 29 3.22 -2.92 6.21
CA GLN A 29 3.81 -1.88 5.38
C GLN A 29 3.88 -2.32 3.93
N TYR A 30 4.13 -3.61 3.72
CA TYR A 30 4.23 -4.16 2.36
C TYR A 30 2.85 -4.42 1.78
N GLN A 31 1.96 -4.97 2.60
CA GLN A 31 0.61 -5.28 2.17
C GLN A 31 -0.14 -4.01 1.79
N CYS A 32 0.01 -2.98 2.61
CA CYS A 32 -0.65 -1.70 2.37
C CYS A 32 -0.77 -1.43 0.87
N PRO A 33 -2.01 -1.20 0.41
CA PRO A 33 -2.30 -0.93 -1.00
C PRO A 33 -1.79 0.44 -1.44
N ARG A 34 -2.02 1.44 -0.60
CA ARG A 34 -1.59 2.80 -0.91
C ARG A 34 -0.15 2.82 -1.42
N LEU A 35 0.69 1.99 -0.81
CA LEU A 35 2.10 1.91 -1.20
C LEU A 35 2.24 1.99 -2.72
N PRO A 36 3.12 2.89 -3.18
CA PRO A 36 3.37 3.09 -4.61
C PRO A 36 4.11 1.91 -5.23
N VAL A 37 3.51 1.33 -6.27
CA VAL A 37 4.11 0.19 -6.96
C VAL A 37 4.43 0.53 -8.41
N ALA A 38 5.57 0.05 -8.89
CA ALA A 38 5.98 0.30 -10.27
C ALA A 38 5.09 -0.44 -11.25
N CYS A 39 4.68 0.26 -12.32
CA CYS A 39 3.82 -0.34 -13.33
C CYS A 39 4.52 -1.51 -14.01
N PRO A 40 3.78 -2.62 -14.18
CA PRO A 40 4.30 -3.84 -14.82
C PRO A 40 4.54 -3.65 -16.31
N ASN A 41 3.74 -2.79 -16.93
CA ASN A 41 3.85 -2.52 -18.36
C ASN A 41 4.96 -1.52 -18.63
N GLN A 42 5.48 -0.91 -17.56
CA GLN A 42 6.55 0.08 -17.69
C GLN A 42 6.20 1.12 -18.75
N CYS A 43 5.03 1.72 -18.63
CA CYS A 43 4.58 2.74 -19.57
C CYS A 43 5.38 4.03 -19.40
N GLY A 44 5.48 4.49 -18.16
CA GLY A 44 6.22 5.72 -17.89
C GLY A 44 5.82 6.34 -16.57
N VAL A 45 4.54 6.31 -16.26
CA VAL A 45 4.04 6.88 -15.00
C VAL A 45 5.06 6.72 -13.88
N GLY A 46 5.74 5.58 -13.86
CA GLY A 46 6.74 5.32 -12.83
C GLY A 46 6.19 4.51 -11.68
N THR A 47 5.61 5.20 -10.69
CA THR A 47 5.05 4.54 -9.52
C THR A 47 3.61 5.00 -9.28
N VAL A 48 2.79 4.08 -8.78
CA VAL A 48 1.39 4.38 -8.50
C VAL A 48 0.81 3.41 -7.47
N ALA A 49 0.13 3.96 -6.47
CA ALA A 49 -0.47 3.15 -5.43
C ALA A 49 -1.03 1.84 -5.99
N ARG A 50 -0.87 0.76 -5.25
CA ARG A 50 -1.36 -0.54 -5.67
C ARG A 50 -2.85 -0.49 -6.00
N GLU A 51 -3.60 0.27 -5.21
CA GLU A 51 -5.03 0.40 -5.42
C GLU A 51 -5.33 1.42 -6.52
N ASP A 52 -4.28 2.04 -7.04
CA ASP A 52 -4.43 3.03 -8.10
C ASP A 52 -4.00 2.45 -9.45
N LEU A 53 -3.27 1.34 -9.41
CA LEU A 53 -2.79 0.68 -10.62
C LEU A 53 -3.96 0.23 -11.48
N PRO A 54 -5.00 -0.33 -10.84
CA PRO A 54 -6.19 -0.82 -11.54
C PRO A 54 -6.75 0.21 -12.52
N GLY A 55 -7.22 1.33 -11.98
CA GLY A 55 -7.77 2.38 -12.84
C GLY A 55 -6.76 2.91 -13.83
N HIS A 56 -5.48 2.76 -13.50
CA HIS A 56 -4.41 3.23 -14.38
C HIS A 56 -4.26 2.33 -15.60
N LEU A 57 -4.25 1.02 -15.37
CA LEU A 57 -4.12 0.04 -16.44
C LEU A 57 -5.30 0.13 -17.40
N LYS A 58 -6.33 0.87 -17.00
CA LYS A 58 -7.52 1.03 -17.82
C LYS A 58 -7.26 2.04 -18.95
N ASP A 59 -7.02 3.28 -18.58
CA ASP A 59 -6.76 4.33 -19.56
C ASP A 59 -5.31 4.76 -19.52
N SER A 60 -4.87 5.30 -18.39
CA SER A 60 -3.49 5.74 -18.23
C SER A 60 -2.54 4.86 -19.03
N CYS A 61 -2.34 3.64 -18.56
CA CYS A 61 -1.45 2.70 -19.22
C CYS A 61 -1.94 2.40 -20.64
N ASN A 62 -1.13 2.77 -21.63
CA ASN A 62 -1.48 2.54 -23.03
C ASN A 62 -0.83 1.26 -23.54
N THR A 63 -1.52 0.14 -23.36
CA THR A 63 -1.02 -1.15 -23.80
C THR A 63 -1.76 -1.63 -25.05
N ALA A 64 -1.00 -2.23 -25.97
CA ALA A 64 -1.59 -2.74 -27.22
C ALA A 64 -2.49 -1.69 -27.86
N LEU A 65 -2.21 -0.43 -27.59
CA LEU A 65 -3.00 0.68 -28.14
C LEU A 65 -2.11 1.86 -28.50
N VAL A 66 -2.60 2.71 -29.39
CA VAL A 66 -1.85 3.89 -29.81
C VAL A 66 -2.26 5.12 -29.01
ZN ZN B . -0.92 0.85 5.76
ZN ZN C . 1.29 1.67 -16.84
N GLY A 1 -10.70 -9.18 38.67
CA GLY A 1 -11.22 -9.10 37.31
C GLY A 1 -10.77 -7.85 36.59
N SER A 2 -9.57 -7.89 36.02
CA SER A 2 -9.03 -6.74 35.31
C SER A 2 -8.44 -7.18 33.96
N SER A 3 -8.46 -6.26 32.99
CA SER A 3 -7.93 -6.55 31.67
C SER A 3 -6.48 -7.04 31.75
N GLY A 4 -6.08 -7.85 30.78
CA GLY A 4 -4.74 -8.38 30.76
C GLY A 4 -3.69 -7.28 30.64
N SER A 5 -3.19 -7.06 29.43
CA SER A 5 -2.18 -6.05 29.19
C SER A 5 -2.21 -5.57 27.74
N SER A 6 -2.54 -4.30 27.55
CA SER A 6 -2.61 -3.72 26.22
C SER A 6 -1.51 -2.69 26.00
N GLY A 7 -0.31 -3.02 26.49
CA GLY A 7 0.81 -2.10 26.34
C GLY A 7 1.25 -1.96 24.90
N LYS A 8 1.25 -3.06 24.16
CA LYS A 8 1.66 -3.05 22.76
C LYS A 8 1.15 -1.80 22.07
N ARG A 9 2.06 -0.90 21.71
CA ARG A 9 1.70 0.34 21.03
C ARG A 9 1.24 0.05 19.61
N THR A 10 0.58 1.04 19.00
CA THR A 10 0.08 0.90 17.64
C THR A 10 0.77 1.88 16.70
N GLN A 11 0.96 1.46 15.45
CA GLN A 11 1.61 2.31 14.45
C GLN A 11 0.63 2.70 13.34
N PRO A 12 0.19 3.96 13.37
CA PRO A 12 -0.76 4.49 12.37
C PRO A 12 -0.12 4.63 11.00
N CYS A 13 -0.48 3.73 10.09
CA CYS A 13 0.05 3.75 8.73
C CYS A 13 -0.20 5.10 8.08
N THR A 14 0.88 5.74 7.61
CA THR A 14 0.76 7.04 6.97
C THR A 14 0.25 6.90 5.54
N TYR A 15 -0.08 5.68 5.15
CA TYR A 15 -0.59 5.41 3.81
C TYR A 15 -2.09 5.18 3.83
N CYS A 16 -2.51 4.11 4.51
CA CYS A 16 -3.92 3.77 4.60
C CYS A 16 -4.57 4.48 5.79
N THR A 17 -3.83 5.40 6.40
CA THR A 17 -4.33 6.15 7.55
C THR A 17 -5.13 5.26 8.48
N LYS A 18 -4.63 4.06 8.72
CA LYS A 18 -5.29 3.11 9.60
C LYS A 18 -4.54 2.95 10.91
N GLU A 19 -5.00 2.03 11.75
CA GLU A 19 -4.36 1.78 13.03
C GLU A 19 -4.17 0.28 13.27
N PHE A 20 -2.93 -0.17 13.18
CA PHE A 20 -2.61 -1.57 13.37
C PHE A 20 -1.54 -1.75 14.45
N VAL A 21 -1.49 -2.95 15.04
CA VAL A 21 -0.52 -3.24 16.09
C VAL A 21 0.90 -3.10 15.57
N PHE A 22 1.72 -2.33 16.29
CA PHE A 22 3.11 -2.12 15.92
C PHE A 22 3.74 -3.41 15.40
N ASP A 23 3.30 -4.54 15.95
CA ASP A 23 3.82 -5.84 15.56
C ASP A 23 3.32 -6.22 14.17
N THR A 24 2.04 -5.99 13.92
CA THR A 24 1.44 -6.30 12.63
C THR A 24 1.91 -5.34 11.54
N ILE A 25 1.96 -4.05 11.89
CA ILE A 25 2.39 -3.03 10.94
C ILE A 25 3.55 -3.53 10.09
N GLN A 26 4.35 -4.43 10.65
CA GLN A 26 5.49 -4.98 9.94
C GLN A 26 5.05 -5.77 8.71
N SER A 27 4.22 -6.78 8.93
CA SER A 27 3.71 -7.60 7.83
C SER A 27 2.69 -6.84 7.00
N HIS A 28 1.86 -6.04 7.68
CA HIS A 28 0.83 -5.26 7.00
C HIS A 28 1.43 -4.48 5.83
N GLN A 29 2.52 -3.77 6.08
CA GLN A 29 3.18 -2.98 5.05
C GLN A 29 3.08 -3.68 3.69
N TYR A 30 3.34 -4.98 3.68
CA TYR A 30 3.27 -5.77 2.44
C TYR A 30 1.86 -5.76 1.87
N GLN A 31 0.87 -5.98 2.73
CA GLN A 31 -0.52 -5.99 2.30
C GLN A 31 -0.97 -4.60 1.87
N CYS A 32 -0.73 -3.61 2.72
CA CYS A 32 -1.12 -2.24 2.42
C CYS A 32 -0.99 -1.95 0.93
N PRO A 33 -2.14 -1.76 0.26
CA PRO A 33 -2.18 -1.48 -1.17
C PRO A 33 -1.66 -0.08 -1.50
N ARG A 34 -2.07 0.90 -0.70
CA ARG A 34 -1.64 2.28 -0.91
C ARG A 34 -0.21 2.34 -1.43
N LEU A 35 0.64 1.48 -0.87
CA LEU A 35 2.04 1.43 -1.29
C LEU A 35 2.18 1.58 -2.80
N PRO A 36 3.02 2.54 -3.24
CA PRO A 36 3.25 2.80 -4.65
C PRO A 36 4.02 1.68 -5.34
N VAL A 37 3.58 1.30 -6.53
CA VAL A 37 4.24 0.23 -7.28
C VAL A 37 4.44 0.64 -8.74
N ALA A 38 5.63 0.36 -9.26
CA ALA A 38 5.96 0.69 -10.64
C ALA A 38 5.05 -0.05 -11.61
N CYS A 39 4.56 0.66 -12.62
CA CYS A 39 3.66 0.08 -13.62
C CYS A 39 4.35 -1.09 -14.34
N PRO A 40 3.64 -2.22 -14.43
CA PRO A 40 4.17 -3.42 -15.09
C PRO A 40 4.29 -3.24 -16.61
N ASN A 41 3.85 -2.09 -17.10
CA ASN A 41 3.91 -1.80 -18.53
C ASN A 41 5.03 -0.82 -18.84
N GLN A 42 5.58 -0.21 -17.79
CA GLN A 42 6.67 0.75 -17.95
C GLN A 42 6.27 1.85 -18.92
N CYS A 43 5.13 2.49 -18.67
CA CYS A 43 4.64 3.56 -19.52
C CYS A 43 5.41 4.85 -19.27
N GLY A 44 5.57 5.21 -18.00
CA GLY A 44 6.28 6.42 -17.65
C GLY A 44 5.82 7.00 -16.33
N VAL A 45 4.56 6.79 -16.00
CA VAL A 45 3.99 7.30 -14.76
C VAL A 45 4.96 7.09 -13.59
N GLY A 46 5.84 6.10 -13.73
CA GLY A 46 6.80 5.82 -12.67
C GLY A 46 6.23 4.92 -11.60
N THR A 47 5.67 5.53 -10.55
CA THR A 47 5.09 4.78 -9.45
C THR A 47 3.61 5.10 -9.29
N VAL A 48 2.84 4.13 -8.80
CA VAL A 48 1.41 4.30 -8.59
C VAL A 48 0.88 3.31 -7.56
N ALA A 49 0.07 3.81 -6.64
CA ALA A 49 -0.51 2.96 -5.60
C ALA A 49 -1.04 1.65 -6.19
N ARG A 50 -0.86 0.57 -5.44
CA ARG A 50 -1.32 -0.74 -5.89
C ARG A 50 -2.81 -0.70 -6.26
N GLU A 51 -3.61 -0.15 -5.35
CA GLU A 51 -5.06 -0.06 -5.57
C GLU A 51 -5.38 1.06 -6.57
N ASP A 52 -4.34 1.65 -7.15
CA ASP A 52 -4.51 2.73 -8.11
C ASP A 52 -4.08 2.28 -9.50
N LEU A 53 -3.37 1.17 -9.57
CA LEU A 53 -2.89 0.64 -10.85
C LEU A 53 -4.07 0.28 -11.76
N PRO A 54 -5.10 -0.36 -11.18
CA PRO A 54 -6.29 -0.77 -11.92
C PRO A 54 -6.86 0.36 -12.77
N GLY A 55 -7.31 1.43 -12.11
CA GLY A 55 -7.88 2.55 -12.83
C GLY A 55 -6.91 3.13 -13.85
N HIS A 56 -5.62 3.10 -13.52
CA HIS A 56 -4.59 3.63 -14.42
C HIS A 56 -4.51 2.80 -15.69
N LEU A 57 -4.19 1.52 -15.54
CA LEU A 57 -4.07 0.62 -16.68
C LEU A 57 -5.30 0.72 -17.59
N LYS A 58 -6.46 0.91 -16.98
CA LYS A 58 -7.71 1.04 -17.74
C LYS A 58 -7.56 2.07 -18.85
N ASP A 59 -7.40 3.34 -18.47
CA ASP A 59 -7.25 4.41 -19.43
C ASP A 59 -5.85 5.01 -19.37
N SER A 60 -5.46 5.48 -18.19
CA SER A 60 -4.14 6.08 -18.00
C SER A 60 -3.10 5.39 -18.88
N CYS A 61 -2.81 4.13 -18.57
CA CYS A 61 -1.84 3.36 -19.33
C CYS A 61 -2.33 3.10 -20.75
N ASN A 62 -1.43 2.66 -21.62
CA ASN A 62 -1.78 2.37 -23.01
C ASN A 62 -1.79 0.87 -23.27
N THR A 63 -2.98 0.29 -23.36
CA THR A 63 -3.12 -1.13 -23.60
C THR A 63 -3.91 -1.39 -24.88
N ALA A 64 -3.23 -1.94 -25.89
CA ALA A 64 -3.86 -2.23 -27.16
C ALA A 64 -4.33 -3.69 -27.22
N LEU A 65 -4.88 -4.17 -26.11
CA LEU A 65 -5.37 -5.55 -26.04
C LEU A 65 -6.86 -5.61 -26.30
N VAL A 66 -7.64 -4.97 -25.42
CA VAL A 66 -9.09 -4.95 -25.55
C VAL A 66 -9.54 -3.81 -26.45
ZN ZN B . -1.20 0.68 5.57
ZN ZN C . 1.10 2.34 -16.99
N GLY A 1 -17.43 -14.85 24.72
CA GLY A 1 -16.19 -15.40 25.25
C GLY A 1 -14.96 -14.80 24.59
N SER A 2 -14.10 -14.20 25.40
CA SER A 2 -12.88 -13.57 24.90
C SER A 2 -11.66 -14.08 25.66
N SER A 3 -10.86 -14.92 25.00
CA SER A 3 -9.67 -15.48 25.61
C SER A 3 -8.41 -15.00 24.88
N GLY A 4 -7.32 -14.82 25.62
CA GLY A 4 -6.09 -14.37 25.03
C GLY A 4 -5.81 -12.90 25.30
N SER A 5 -5.85 -12.52 26.57
CA SER A 5 -5.60 -11.13 26.96
C SER A 5 -4.30 -10.61 26.36
N SER A 6 -4.39 -9.48 25.68
CA SER A 6 -3.22 -8.87 25.05
C SER A 6 -3.50 -7.44 24.63
N GLY A 7 -2.64 -6.52 25.06
CA GLY A 7 -2.81 -5.12 24.72
C GLY A 7 -1.50 -4.42 24.46
N LYS A 8 -1.18 -4.20 23.18
CA LYS A 8 0.05 -3.53 22.80
C LYS A 8 -0.23 -2.25 22.03
N ARG A 9 0.72 -1.33 22.04
CA ARG A 9 0.57 -0.06 21.34
C ARG A 9 0.37 -0.28 19.85
N THR A 10 -0.40 0.60 19.22
CA THR A 10 -0.66 0.50 17.79
C THR A 10 0.03 1.61 17.02
N GLN A 11 0.54 1.29 15.83
CA GLN A 11 1.23 2.26 15.00
C GLN A 11 0.39 2.63 13.78
N PRO A 12 -0.13 3.87 13.77
CA PRO A 12 -0.95 4.37 12.68
C PRO A 12 -0.15 4.59 11.40
N CYS A 13 -0.43 3.77 10.38
CA CYS A 13 0.26 3.87 9.11
C CYS A 13 -0.02 5.21 8.43
N THR A 14 0.96 5.71 7.68
CA THR A 14 0.82 6.99 6.99
C THR A 14 0.24 6.79 5.59
N TYR A 15 0.51 5.63 5.00
CA TYR A 15 0.03 5.33 3.67
C TYR A 15 -1.49 5.11 3.68
N CYS A 16 -1.91 4.00 4.28
CA CYS A 16 -3.33 3.67 4.36
C CYS A 16 -4.03 4.52 5.43
N THR A 17 -3.24 5.33 6.13
CA THR A 17 -3.79 6.19 7.17
C THR A 17 -4.75 5.42 8.08
N LYS A 18 -4.33 4.23 8.49
CA LYS A 18 -5.15 3.40 9.36
C LYS A 18 -4.43 3.12 10.68
N GLU A 19 -5.04 2.28 11.52
CA GLU A 19 -4.46 1.94 12.82
C GLU A 19 -4.21 0.44 12.91
N PHE A 20 -2.96 0.07 13.19
CA PHE A 20 -2.58 -1.32 13.31
C PHE A 20 -1.62 -1.54 14.47
N VAL A 21 -1.52 -2.78 14.94
CA VAL A 21 -0.64 -3.11 16.05
C VAL A 21 0.81 -3.25 15.58
N PHE A 22 1.75 -2.81 16.42
CA PHE A 22 3.16 -2.89 16.09
C PHE A 22 3.54 -4.31 15.67
N ASP A 23 2.74 -5.28 16.09
CA ASP A 23 2.99 -6.68 15.77
C ASP A 23 2.72 -6.95 14.30
N THR A 24 1.78 -6.21 13.73
CA THR A 24 1.41 -6.36 12.32
C THR A 24 2.09 -5.31 11.46
N ILE A 25 2.02 -4.06 11.90
CA ILE A 25 2.62 -2.96 11.17
C ILE A 25 3.89 -3.40 10.45
N GLN A 26 4.67 -4.26 11.11
CA GLN A 26 5.91 -4.76 10.53
C GLN A 26 5.65 -5.39 9.16
N SER A 27 4.75 -6.35 9.11
CA SER A 27 4.42 -7.03 7.87
C SER A 27 3.46 -6.20 7.03
N HIS A 28 2.44 -5.65 7.68
CA HIS A 28 1.44 -4.82 7.01
C HIS A 28 2.10 -3.93 5.96
N GLN A 29 3.15 -3.22 6.37
CA GLN A 29 3.86 -2.32 5.47
C GLN A 29 3.86 -2.87 4.04
N TYR A 30 4.03 -4.18 3.92
CA TYR A 30 4.04 -4.83 2.61
C TYR A 30 2.64 -4.94 2.04
N GLN A 31 1.71 -5.39 2.87
CA GLN A 31 0.32 -5.55 2.44
C GLN A 31 -0.26 -4.21 1.98
N CYS A 32 0.01 -3.16 2.74
CA CYS A 32 -0.48 -1.83 2.41
C CYS A 32 -0.55 -1.63 0.91
N PRO A 33 -1.77 -1.48 0.37
CA PRO A 33 -1.99 -1.27 -1.07
C PRO A 33 -1.51 0.09 -1.54
N ARG A 34 -1.89 1.13 -0.79
CA ARG A 34 -1.51 2.49 -1.14
C ARG A 34 -0.08 2.54 -1.67
N LEU A 35 0.79 1.72 -1.09
CA LEU A 35 2.19 1.66 -1.49
C LEU A 35 2.32 1.81 -3.00
N PRO A 36 3.21 2.70 -3.43
CA PRO A 36 3.45 2.96 -4.86
C PRO A 36 4.15 1.80 -5.55
N VAL A 37 3.56 1.31 -6.64
CA VAL A 37 4.13 0.19 -7.39
C VAL A 37 4.37 0.59 -8.84
N ALA A 38 5.53 0.20 -9.35
CA ALA A 38 5.89 0.50 -10.73
C ALA A 38 5.00 -0.25 -11.72
N CYS A 39 4.60 0.42 -12.79
CA CYS A 39 3.74 -0.18 -13.80
C CYS A 39 4.47 -1.31 -14.53
N PRO A 40 3.81 -2.47 -14.64
CA PRO A 40 4.38 -3.64 -15.31
C PRO A 40 4.48 -3.45 -16.82
N ASN A 41 3.82 -2.41 -17.32
CA ASN A 41 3.85 -2.12 -18.75
C ASN A 41 4.91 -1.07 -19.08
N GLN A 42 5.32 -0.33 -18.06
CA GLN A 42 6.34 0.71 -18.25
C GLN A 42 5.85 1.77 -19.22
N CYS A 43 4.63 2.26 -19.01
CA CYS A 43 4.04 3.29 -19.87
C CYS A 43 4.77 4.62 -19.68
N GLY A 44 4.88 5.05 -18.44
CA GLY A 44 5.55 6.31 -18.14
C GLY A 44 5.23 6.83 -16.76
N VAL A 45 3.96 6.69 -16.36
CA VAL A 45 3.53 7.16 -15.04
C VAL A 45 4.62 6.95 -13.99
N GLY A 46 5.30 5.81 -14.08
CA GLY A 46 6.35 5.50 -13.12
C GLY A 46 5.87 4.66 -11.96
N THR A 47 5.40 5.33 -10.91
CA THR A 47 4.91 4.62 -9.72
C THR A 47 3.47 5.00 -9.43
N VAL A 48 2.68 4.02 -8.98
CA VAL A 48 1.28 4.26 -8.65
C VAL A 48 0.79 3.26 -7.61
N ALA A 49 -0.01 3.75 -6.66
CA ALA A 49 -0.56 2.90 -5.60
C ALA A 49 -1.01 1.55 -6.16
N ARG A 50 -0.72 0.49 -5.43
CA ARG A 50 -1.09 -0.86 -5.85
C ARG A 50 -2.57 -0.93 -6.18
N GLU A 51 -3.39 -0.28 -5.36
CA GLU A 51 -4.84 -0.27 -5.55
C GLU A 51 -5.23 0.72 -6.64
N ASP A 52 -4.28 1.56 -7.04
CA ASP A 52 -4.53 2.56 -8.08
C ASP A 52 -4.15 2.02 -9.45
N LEU A 53 -3.24 1.05 -9.47
CA LEU A 53 -2.80 0.44 -10.73
C LEU A 53 -3.98 -0.07 -11.54
N PRO A 54 -4.93 -0.73 -10.85
CA PRO A 54 -6.13 -1.29 -11.47
C PRO A 54 -6.82 -0.29 -12.38
N GLY A 55 -7.25 0.83 -11.80
CA GLY A 55 -7.93 1.86 -12.57
C GLY A 55 -7.03 2.48 -13.63
N HIS A 56 -5.74 2.56 -13.33
CA HIS A 56 -4.77 3.12 -14.26
C HIS A 56 -4.66 2.28 -15.53
N LEU A 57 -4.44 0.98 -15.34
CA LEU A 57 -4.31 0.06 -16.47
C LEU A 57 -5.53 0.16 -17.39
N LYS A 58 -6.69 0.42 -16.80
CA LYS A 58 -7.93 0.54 -17.55
C LYS A 58 -7.74 1.46 -18.76
N ASP A 59 -7.52 2.74 -18.48
CA ASP A 59 -7.31 3.73 -19.55
C ASP A 59 -5.96 4.40 -19.41
N SER A 60 -5.68 4.93 -18.22
CA SER A 60 -4.41 5.61 -17.96
C SER A 60 -3.28 4.99 -18.78
N CYS A 61 -2.93 3.75 -18.45
CA CYS A 61 -1.86 3.04 -19.15
C CYS A 61 -2.14 3.02 -20.65
N ASN A 62 -1.07 2.89 -21.44
CA ASN A 62 -1.18 2.85 -22.89
C ASN A 62 -0.46 1.63 -23.46
N THR A 63 -1.17 0.51 -23.54
CA THR A 63 -0.59 -0.72 -24.07
C THR A 63 -0.92 -0.90 -25.54
N ALA A 64 0.09 -0.70 -26.40
CA ALA A 64 -0.10 -0.84 -27.83
C ALA A 64 1.24 -0.83 -28.56
N LEU A 65 1.45 -1.81 -29.43
CA LEU A 65 2.69 -1.92 -30.19
C LEU A 65 3.90 -1.91 -29.26
N VAL A 66 3.78 -2.63 -28.15
CA VAL A 66 4.87 -2.70 -27.18
C VAL A 66 5.71 -3.96 -27.40
ZN ZN B . -0.66 1.03 5.64
ZN ZN C . 0.91 1.88 -17.03
N GLY A 1 -3.70 -13.43 19.26
CA GLY A 1 -3.10 -14.62 19.82
C GLY A 1 -2.66 -14.42 21.26
N SER A 2 -2.97 -15.40 22.11
CA SER A 2 -2.62 -15.32 23.53
C SER A 2 -1.43 -16.21 23.84
N SER A 3 -0.24 -15.61 23.87
CA SER A 3 0.98 -16.36 24.16
C SER A 3 1.47 -16.09 25.57
N GLY A 4 1.69 -14.82 25.88
CA GLY A 4 2.15 -14.44 27.22
C GLY A 4 1.22 -13.47 27.90
N SER A 5 1.33 -12.19 27.55
CA SER A 5 0.50 -11.16 28.14
C SER A 5 -0.06 -10.23 27.07
N SER A 6 -1.39 -10.10 27.05
CA SER A 6 -2.05 -9.24 26.07
C SER A 6 -1.72 -7.77 26.31
N GLY A 7 -1.72 -6.98 25.25
CA GLY A 7 -1.42 -5.57 25.36
C GLY A 7 -0.16 -5.19 24.60
N LYS A 8 -0.25 -5.14 23.28
CA LYS A 8 0.89 -4.79 22.44
C LYS A 8 0.72 -3.40 21.86
N ARG A 9 1.83 -2.76 21.51
CA ARG A 9 1.82 -1.43 20.93
C ARG A 9 1.18 -1.44 19.54
N THR A 10 0.95 -0.25 18.99
CA THR A 10 0.34 -0.12 17.68
C THR A 10 1.01 0.98 16.87
N GLN A 11 1.24 0.72 15.58
CA GLN A 11 1.88 1.68 14.70
C GLN A 11 0.89 2.22 13.68
N PRO A 12 0.46 3.47 13.88
CA PRO A 12 -0.50 4.13 12.98
C PRO A 12 0.11 4.45 11.62
N CYS A 13 -0.16 3.60 10.64
CA CYS A 13 0.36 3.79 9.29
C CYS A 13 0.01 5.19 8.76
N THR A 14 0.95 5.78 8.02
CA THR A 14 0.75 7.11 7.47
C THR A 14 0.10 7.03 6.09
N TYR A 15 0.21 5.88 5.45
CA TYR A 15 -0.36 5.67 4.12
C TYR A 15 -1.87 5.48 4.21
N CYS A 16 -2.29 4.39 4.84
CA CYS A 16 -3.71 4.09 4.99
C CYS A 16 -4.30 4.83 6.19
N THR A 17 -3.45 5.55 6.91
CA THR A 17 -3.88 6.30 8.08
C THR A 17 -4.69 5.42 9.02
N LYS A 18 -4.30 4.16 9.14
CA LYS A 18 -4.99 3.22 10.00
C LYS A 18 -4.15 2.90 11.25
N GLU A 19 -4.63 1.97 12.06
CA GLU A 19 -3.93 1.58 13.27
C GLU A 19 -3.78 0.07 13.36
N PHE A 20 -2.54 -0.41 13.27
CA PHE A 20 -2.26 -1.84 13.33
C PHE A 20 -1.31 -2.16 14.47
N VAL A 21 -1.03 -3.44 14.66
CA VAL A 21 -0.12 -3.88 15.73
C VAL A 21 1.33 -3.71 15.32
N PHE A 22 2.08 -2.95 16.11
CA PHE A 22 3.49 -2.71 15.83
C PHE A 22 4.17 -3.97 15.30
N ASP A 23 3.62 -5.13 15.68
CA ASP A 23 4.17 -6.40 15.24
C ASP A 23 3.71 -6.74 13.83
N THR A 24 2.44 -6.46 13.55
CA THR A 24 1.88 -6.73 12.23
C THR A 24 2.28 -5.65 11.23
N ILE A 25 2.14 -4.39 11.61
CA ILE A 25 2.49 -3.28 10.75
C ILE A 25 3.69 -3.62 9.88
N GLN A 26 4.59 -4.44 10.41
CA GLN A 26 5.78 -4.84 9.67
C GLN A 26 5.42 -5.40 8.30
N SER A 27 4.53 -6.40 8.30
CA SER A 27 4.10 -7.02 7.05
C SER A 27 3.10 -6.14 6.31
N HIS A 28 2.11 -5.63 7.05
CA HIS A 28 1.09 -4.77 6.46
C HIS A 28 1.71 -3.79 5.47
N GLN A 29 2.79 -3.14 5.90
CA GLN A 29 3.48 -2.16 5.05
C GLN A 29 3.41 -2.58 3.59
N TYR A 30 3.53 -3.88 3.33
CA TYR A 30 3.48 -4.40 1.98
C TYR A 30 2.05 -4.45 1.46
N GLN A 31 1.14 -4.95 2.30
CA GLN A 31 -0.26 -5.06 1.92
C GLN A 31 -0.85 -3.68 1.63
N CYS A 32 -0.59 -2.72 2.52
CA CYS A 32 -1.10 -1.37 2.35
C CYS A 32 -1.19 -1.00 0.88
N PRO A 33 -2.42 -0.74 0.39
CA PRO A 33 -2.66 -0.38 -1.00
C PRO A 33 -2.15 1.02 -1.33
N ARG A 34 -2.45 1.97 -0.46
CA ARG A 34 -2.01 3.36 -0.66
C ARG A 34 -0.57 3.40 -1.18
N LEU A 35 0.24 2.46 -0.72
CA LEU A 35 1.64 2.39 -1.13
C LEU A 35 1.75 2.32 -2.65
N PRO A 36 2.70 3.09 -3.21
CA PRO A 36 2.94 3.13 -4.66
C PRO A 36 3.55 1.84 -5.18
N VAL A 37 3.31 1.55 -6.46
CA VAL A 37 3.84 0.34 -7.08
C VAL A 37 4.20 0.60 -8.54
N ALA A 38 5.40 0.18 -8.93
CA ALA A 38 5.86 0.35 -10.30
C ALA A 38 4.98 -0.41 -11.28
N CYS A 39 4.63 0.25 -12.39
CA CYS A 39 3.79 -0.37 -13.40
C CYS A 39 4.43 -1.64 -13.95
N PRO A 40 3.62 -2.70 -14.07
CA PRO A 40 4.08 -3.99 -14.59
C PRO A 40 4.41 -3.95 -16.07
N ASN A 41 3.89 -2.93 -16.75
CA ASN A 41 4.13 -2.77 -18.18
C ASN A 41 5.32 -1.85 -18.44
N GLN A 42 5.84 -1.25 -17.38
CA GLN A 42 6.98 -0.35 -17.49
C GLN A 42 6.75 0.68 -18.59
N CYS A 43 5.61 1.34 -18.54
CA CYS A 43 5.26 2.37 -19.53
C CYS A 43 6.06 3.64 -19.30
N GLY A 44 6.10 4.10 -18.04
CA GLY A 44 6.83 5.30 -17.72
C GLY A 44 6.29 6.00 -16.48
N VAL A 45 4.99 5.85 -16.25
CA VAL A 45 4.35 6.47 -15.10
C VAL A 45 5.25 6.40 -13.86
N GLY A 46 6.12 5.40 -13.84
CA GLY A 46 7.03 5.24 -12.71
C GLY A 46 6.38 4.53 -11.55
N THR A 47 5.67 5.29 -10.71
CA THR A 47 5.00 4.73 -9.55
C THR A 47 3.55 5.22 -9.45
N VAL A 48 2.68 4.35 -8.97
CA VAL A 48 1.27 4.70 -8.83
C VAL A 48 0.58 3.81 -7.79
N ALA A 49 -0.12 4.43 -6.86
CA ALA A 49 -0.82 3.70 -5.80
C ALA A 49 -1.38 2.38 -6.34
N ARG A 50 -1.35 1.36 -5.51
CA ARG A 50 -1.86 0.04 -5.89
C ARG A 50 -3.35 0.10 -6.22
N GLU A 51 -4.11 0.79 -5.36
CA GLU A 51 -5.55 0.93 -5.57
C GLU A 51 -5.85 1.82 -6.76
N ASP A 52 -4.80 2.36 -7.37
CA ASP A 52 -4.95 3.24 -8.53
C ASP A 52 -4.33 2.61 -9.77
N LEU A 53 -3.56 1.54 -9.57
CA LEU A 53 -2.91 0.84 -10.68
C LEU A 53 -3.94 0.34 -11.68
N PRO A 54 -5.05 -0.22 -11.18
CA PRO A 54 -6.12 -0.74 -12.02
C PRO A 54 -6.54 0.24 -13.10
N GLY A 55 -7.10 1.38 -12.69
CA GLY A 55 -7.53 2.38 -13.65
C GLY A 55 -6.42 2.82 -14.58
N HIS A 56 -5.19 2.85 -14.05
CA HIS A 56 -4.04 3.25 -14.84
C HIS A 56 -3.77 2.25 -15.96
N LEU A 57 -3.72 0.96 -15.61
CA LEU A 57 -3.46 -0.09 -16.58
C LEU A 57 -4.63 -0.22 -17.56
N LYS A 58 -5.82 0.18 -17.10
CA LYS A 58 -7.01 0.11 -17.94
C LYS A 58 -6.81 0.87 -19.24
N ASP A 59 -6.69 2.19 -19.14
CA ASP A 59 -6.50 3.03 -20.32
C ASP A 59 -5.40 4.06 -20.08
N SER A 60 -5.28 4.50 -18.82
CA SER A 60 -4.27 5.49 -18.45
C SER A 60 -2.90 4.84 -18.33
N CYS A 61 -2.55 4.00 -19.30
CA CYS A 61 -1.27 3.33 -19.30
C CYS A 61 -0.83 2.98 -20.72
N ASN A 62 0.17 3.70 -21.22
CA ASN A 62 0.69 3.47 -22.57
C ASN A 62 0.69 1.99 -22.91
N THR A 63 -0.39 1.53 -23.53
CA THR A 63 -0.52 0.13 -23.92
C THR A 63 -1.28 -0.02 -25.23
N ALA A 64 -0.75 -0.83 -26.13
CA ALA A 64 -1.39 -1.06 -27.42
C ALA A 64 -1.79 -2.52 -27.58
N LEU A 65 -3.03 -2.84 -27.20
CA LEU A 65 -3.54 -4.20 -27.30
C LEU A 65 -4.24 -4.42 -28.63
N VAL A 66 -4.16 -5.64 -29.15
CA VAL A 66 -4.80 -5.99 -30.41
C VAL A 66 -5.75 -7.17 -30.25
ZN ZN B . -1.02 1.23 5.75
ZN ZN C . 1.55 1.87 -17.01
N GLY A 1 8.94 10.30 38.07
CA GLY A 1 7.78 9.85 37.30
C GLY A 1 6.75 9.15 38.17
N SER A 2 5.53 9.03 37.66
CA SER A 2 4.46 8.36 38.40
C SER A 2 3.92 7.18 37.61
N SER A 3 3.63 6.08 38.31
CA SER A 3 3.10 4.89 37.68
C SER A 3 2.17 5.24 36.53
N GLY A 4 2.23 4.46 35.45
CA GLY A 4 1.38 4.71 34.30
C GLY A 4 0.85 3.43 33.69
N SER A 5 0.57 3.48 32.38
CA SER A 5 0.05 2.31 31.67
C SER A 5 1.13 1.68 30.81
N SER A 6 0.85 0.48 30.31
CA SER A 6 1.81 -0.25 29.48
C SER A 6 1.09 -1.20 28.54
N GLY A 7 1.56 -1.28 27.30
CA GLY A 7 0.95 -2.17 26.33
C GLY A 7 1.74 -2.23 25.03
N LYS A 8 1.07 -2.60 23.94
CA LYS A 8 1.71 -2.70 22.64
C LYS A 8 1.51 -1.42 21.84
N ARG A 9 2.62 -0.78 21.46
CA ARG A 9 2.57 0.45 20.68
C ARG A 9 1.88 0.22 19.34
N THR A 10 1.26 1.27 18.81
CA THR A 10 0.56 1.19 17.54
C THR A 10 1.10 2.21 16.55
N GLN A 11 1.37 1.74 15.33
CA GLN A 11 1.90 2.62 14.28
C GLN A 11 0.84 2.90 13.22
N PRO A 12 0.26 4.11 13.27
CA PRO A 12 -0.77 4.52 12.32
C PRO A 12 -0.22 4.74 10.92
N CYS A 13 -0.43 3.75 10.05
CA CYS A 13 0.04 3.83 8.67
C CYS A 13 -0.42 5.12 8.01
N THR A 14 0.39 5.61 7.08
CA THR A 14 0.07 6.85 6.36
C THR A 14 -0.73 6.57 5.10
N TYR A 15 -0.34 5.51 4.39
CA TYR A 15 -1.02 5.13 3.15
C TYR A 15 -2.50 4.87 3.41
N CYS A 16 -2.78 3.77 4.11
CA CYS A 16 -4.16 3.39 4.42
C CYS A 16 -4.72 4.28 5.53
N THR A 17 -3.86 5.11 6.11
CA THR A 17 -4.28 6.00 7.19
C THR A 17 -5.04 5.24 8.26
N LYS A 18 -4.58 4.03 8.57
CA LYS A 18 -5.22 3.20 9.59
C LYS A 18 -4.31 3.03 10.80
N GLU A 19 -4.84 2.38 11.83
CA GLU A 19 -4.06 2.14 13.05
C GLU A 19 -3.72 0.66 13.18
N PHE A 20 -2.42 0.37 13.27
CA PHE A 20 -1.96 -1.01 13.40
C PHE A 20 -0.83 -1.11 14.42
N VAL A 21 -0.40 -2.33 14.70
CA VAL A 21 0.67 -2.56 15.66
C VAL A 21 2.01 -2.77 14.94
N PHE A 22 3.08 -2.27 15.55
CA PHE A 22 4.42 -2.40 14.97
C PHE A 22 4.73 -3.86 14.65
N ASP A 23 4.03 -4.77 15.31
CA ASP A 23 4.24 -6.20 15.10
C ASP A 23 3.68 -6.62 13.74
N THR A 24 2.67 -5.89 13.26
CA THR A 24 2.04 -6.21 11.99
C THR A 24 2.53 -5.26 10.89
N ILE A 25 2.61 -3.98 11.22
CA ILE A 25 3.07 -2.96 10.27
C ILE A 25 4.16 -3.52 9.36
N GLN A 26 4.93 -4.47 9.89
CA GLN A 26 6.02 -5.07 9.12
C GLN A 26 5.47 -5.81 7.91
N SER A 27 4.50 -6.70 8.14
CA SER A 27 3.90 -7.48 7.06
C SER A 27 2.82 -6.66 6.35
N HIS A 28 2.05 -5.90 7.13
CA HIS A 28 0.99 -5.08 6.57
C HIS A 28 1.49 -4.25 5.39
N GLN A 29 2.61 -3.55 5.59
CA GLN A 29 3.19 -2.72 4.55
C GLN A 29 2.97 -3.36 3.17
N TYR A 30 3.09 -4.67 3.10
CA TYR A 30 2.91 -5.40 1.86
C TYR A 30 1.44 -5.44 1.46
N GLN A 31 0.59 -5.80 2.41
CA GLN A 31 -0.85 -5.88 2.16
C GLN A 31 -1.42 -4.51 1.79
N CYS A 32 -1.10 -3.51 2.60
CA CYS A 32 -1.58 -2.15 2.37
C CYS A 32 -1.67 -1.86 0.87
N PRO A 33 -2.90 -1.67 0.38
CA PRO A 33 -3.16 -1.38 -1.03
C PRO A 33 -2.66 0.02 -1.43
N ARG A 34 -3.06 1.02 -0.66
CA ARG A 34 -2.68 2.40 -0.93
C ARG A 34 -1.20 2.48 -1.31
N LEU A 35 -0.37 1.71 -0.60
CA LEU A 35 1.07 1.70 -0.85
C LEU A 35 1.36 1.78 -2.34
N PRO A 36 2.28 2.68 -2.72
CA PRO A 36 2.66 2.88 -4.12
C PRO A 36 3.46 1.70 -4.67
N VAL A 37 3.16 1.33 -5.91
CA VAL A 37 3.85 0.21 -6.55
C VAL A 37 4.28 0.58 -7.98
N ALA A 38 5.52 0.24 -8.32
CA ALA A 38 6.04 0.53 -9.65
C ALA A 38 5.28 -0.25 -10.73
N CYS A 39 4.81 0.46 -11.74
CA CYS A 39 4.06 -0.15 -12.83
C CYS A 39 4.90 -1.22 -13.51
N PRO A 40 4.30 -2.41 -13.71
CA PRO A 40 4.96 -3.55 -14.35
C PRO A 40 5.19 -3.31 -15.84
N ASN A 41 4.55 -2.27 -16.38
CA ASN A 41 4.69 -1.94 -17.79
C ASN A 41 5.77 -0.88 -18.00
N GLN A 42 6.12 -0.18 -16.92
CA GLN A 42 7.13 0.87 -16.99
C GLN A 42 6.71 1.98 -17.93
N CYS A 43 5.48 2.46 -17.76
CA CYS A 43 4.95 3.54 -18.60
C CYS A 43 5.68 4.84 -18.33
N GLY A 44 5.74 5.24 -17.06
CA GLY A 44 6.41 6.47 -16.69
C GLY A 44 5.91 7.03 -15.37
N VAL A 45 4.61 6.86 -15.12
CA VAL A 45 4.00 7.36 -13.89
C VAL A 45 4.95 7.17 -12.70
N GLY A 46 5.82 6.18 -12.79
CA GLY A 46 6.76 5.91 -11.72
C GLY A 46 6.18 4.98 -10.67
N THR A 47 5.25 5.49 -9.87
CA THR A 47 4.62 4.70 -8.82
C THR A 47 3.16 5.08 -8.63
N VAL A 48 2.34 4.11 -8.27
CA VAL A 48 0.91 4.35 -8.06
C VAL A 48 0.32 3.34 -7.08
N ALA A 49 -0.62 3.79 -6.26
CA ALA A 49 -1.25 2.93 -5.28
C ALA A 49 -1.70 1.62 -5.92
N ARG A 50 -1.43 0.51 -5.23
CA ARG A 50 -1.80 -0.81 -5.74
C ARG A 50 -3.28 -0.85 -6.12
N GLU A 51 -4.11 -0.15 -5.35
CA GLU A 51 -5.53 -0.11 -5.61
C GLU A 51 -5.85 0.84 -6.76
N ASP A 52 -4.90 1.70 -7.10
CA ASP A 52 -5.07 2.66 -8.18
C ASP A 52 -4.56 2.09 -9.50
N LEU A 53 -3.63 1.14 -9.41
CA LEU A 53 -3.07 0.51 -10.60
C LEU A 53 -4.16 0.07 -11.56
N PRO A 54 -5.20 -0.58 -11.01
CA PRO A 54 -6.34 -1.07 -11.80
C PRO A 54 -6.88 0.00 -12.75
N GLY A 55 -7.35 1.10 -12.18
CA GLY A 55 -7.89 2.19 -12.99
C GLY A 55 -6.83 2.83 -13.87
N HIS A 56 -5.57 2.66 -13.50
CA HIS A 56 -4.46 3.24 -14.26
C HIS A 56 -4.18 2.43 -15.52
N LEU A 57 -4.06 1.12 -15.35
CA LEU A 57 -3.79 0.23 -16.48
C LEU A 57 -4.83 0.42 -17.58
N LYS A 58 -5.99 0.95 -17.20
CA LYS A 58 -7.06 1.17 -18.15
C LYS A 58 -6.59 2.06 -19.30
N ASP A 59 -6.30 3.32 -18.99
CA ASP A 59 -5.84 4.27 -19.99
C ASP A 59 -4.53 4.93 -19.55
N SER A 60 -4.51 5.44 -18.33
CA SER A 60 -3.34 6.11 -17.79
C SER A 60 -2.06 5.49 -18.36
N CYS A 61 -1.83 4.22 -18.04
CA CYS A 61 -0.64 3.52 -18.53
C CYS A 61 -0.41 3.80 -20.00
N ASN A 62 0.76 3.39 -20.50
CA ASN A 62 1.10 3.59 -21.91
C ASN A 62 0.55 2.46 -22.78
N THR A 63 -0.72 2.59 -23.17
CA THR A 63 -1.36 1.58 -24.00
C THR A 63 -0.69 1.47 -25.37
N ALA A 64 -0.11 0.31 -25.66
CA ALA A 64 0.56 0.09 -26.93
C ALA A 64 0.99 -1.36 -27.07
N LEU A 65 0.88 -1.90 -28.28
CA LEU A 65 1.26 -3.27 -28.55
C LEU A 65 0.64 -4.22 -27.52
N VAL A 66 -0.62 -4.00 -27.21
CA VAL A 66 -1.32 -4.83 -26.23
C VAL A 66 -2.41 -5.67 -26.90
ZN ZN B . -1.32 0.85 5.49
ZN ZN C . 1.54 2.04 -16.24
#